data_7RI3
#
_entry.id   7RI3
#
_cell.length_a   106.950
_cell.length_b   137.080
_cell.length_c   203.510
_cell.angle_alpha   90.000
_cell.angle_beta   90.000
_cell.angle_gamma   90.000
#
_symmetry.space_group_name_H-M   'P 21 21 2'
#
loop_
_entity.id
_entity.type
_entity.pdbx_description
1 polymer 'Diphtheria_T domain-containing protein'
2 non-polymer 'TETRAETHYLENE GLYCOL'
3 non-polymer 'ACETATE ION'
4 non-polymer 'CALCIUM ION'
5 water water
#
_entity_poly.entity_id   1
_entity_poly.type   'polypeptide(L)'
_entity_poly.pdbx_seq_one_letter_code
;(MSE)TTAVENIQVAEITPSTRIVYRGVSPAEFIYLEGNKFSRAQSPTQGNDDPQWKALYTGSDANVSSRNITDNPGGVV
KIEYPSDWKVLEITSTTPSQKWHND(MSE)GEAWPVWRAVKKWAASNQVDLPDVTASNIDDYLLLDELGKKKIILKKPIG
EDDVSSHEFIIPWK(MSE)AETVAQNKIDSTSDPAAKFFTPDDLDSTTKQPKDQAAVRRILKKWDAYSCKGGASATFGVA
SLCGINVAAYKADIEKLIKDVYEDPNFSDLKNRTGGPQKDKDTLKGYYERLKPKVETLRPLKAGVSSAVGAAGAISWAIG
VADAFTSENVSSFDKAAAVTAIVPGLGECVGIANAIDKRDPEGLIINTIS(MSE)AAL(MSE)ASAAVPVLAPIGVALDA
GLAAAQGVATVLEYLEIGQPARTPLPVSSPKTHKGVTAAWVGSERIIAHRPRPG(MSE)RQHIFSVSIDSSKPEYTAPLI
EVAGVRADGKLDPSPEWIRIRQNHYPIPFRFEKLSGDSPYAFRCVLLRPTTITRTEPVYVTFAY(MSE)TSD(MSE)TCR
TGESDPNKACSPNNPAIAVRFGSLVKNEDERSVLAVTWPGPSIRPETNWIKLPYSIHPY
;
_entity_poly.pdbx_strand_id   A,B,C,D
#
# COMPACT_ATOMS: atom_id res chain seq x y z
N GLU A 6 -22.27 28.35 -4.87
CA GLU A 6 -23.59 27.75 -4.70
C GLU A 6 -23.67 26.34 -5.32
N ASN A 7 -24.34 25.42 -4.63
CA ASN A 7 -24.38 24.03 -5.07
C ASN A 7 -25.57 23.71 -5.97
N ILE A 8 -26.68 24.40 -5.82
CA ILE A 8 -27.88 24.13 -6.60
C ILE A 8 -28.28 25.38 -7.36
N GLN A 9 -29.10 25.18 -8.39
CA GLN A 9 -29.61 26.27 -9.18
C GLN A 9 -31.03 25.92 -9.61
N VAL A 10 -31.71 26.91 -10.16
CA VAL A 10 -33.08 26.76 -10.61
C VAL A 10 -33.22 27.39 -11.99
N ALA A 11 -33.96 26.72 -12.86
CA ALA A 11 -34.25 27.21 -14.20
C ALA A 11 -35.65 26.75 -14.58
N GLU A 12 -36.33 27.56 -15.39
CA GLU A 12 -37.66 27.18 -15.85
C GLU A 12 -37.53 26.19 -16.99
N ILE A 13 -38.37 25.16 -16.97
CA ILE A 13 -38.42 24.20 -18.06
C ILE A 13 -39.82 24.20 -18.64
N THR A 14 -39.93 23.72 -19.87
CA THR A 14 -41.22 23.58 -20.55
C THR A 14 -41.46 22.10 -20.82
N PRO A 15 -42.17 21.39 -19.93
CA PRO A 15 -42.38 19.95 -20.10
C PRO A 15 -43.28 19.66 -21.28
N SER A 16 -43.02 18.54 -21.96
CA SER A 16 -43.85 18.13 -23.09
C SER A 16 -45.23 17.69 -22.63
N THR A 17 -45.36 17.25 -21.37
CA THR A 17 -46.63 16.80 -20.81
C THR A 17 -46.78 17.36 -19.41
N ARG A 18 -47.77 18.21 -19.21
CA ARG A 18 -48.06 18.73 -17.87
C ARG A 18 -49.05 17.81 -17.16
N ILE A 19 -48.58 16.58 -16.91
CA ILE A 19 -49.36 15.56 -16.22
C ILE A 19 -48.47 14.95 -15.14
N VAL A 20 -48.89 15.08 -13.88
CA VAL A 20 -48.22 14.47 -12.74
C VAL A 20 -49.14 13.41 -12.13
N TYR A 21 -48.65 12.70 -11.12
CA TYR A 21 -49.38 11.62 -10.48
C TYR A 21 -49.29 11.82 -8.97
N ARG A 22 -50.07 11.05 -8.22
CA ARG A 22 -49.99 11.17 -6.76
C ARG A 22 -50.52 9.90 -6.10
N GLY A 23 -49.70 9.29 -5.25
CA GLY A 23 -50.11 8.11 -4.51
C GLY A 23 -50.80 8.54 -3.23
N VAL A 24 -51.93 7.91 -2.93
CA VAL A 24 -52.82 8.35 -1.87
C VAL A 24 -53.32 7.13 -1.11
N SER A 25 -53.76 7.39 0.11
CA SER A 25 -54.40 6.38 0.92
C SER A 25 -55.83 6.19 0.46
N PRO A 26 -56.51 5.13 0.91
CA PRO A 26 -57.92 4.95 0.51
C PRO A 26 -58.78 6.15 0.84
N ALA A 27 -58.66 6.72 2.05
CA ALA A 27 -59.49 7.88 2.37
C ALA A 27 -59.28 9.00 1.36
N GLU A 28 -58.02 9.30 1.01
CA GLU A 28 -57.75 10.40 0.09
C GLU A 28 -58.24 10.08 -1.33
N PHE A 29 -58.04 8.83 -1.77
CA PHE A 29 -58.57 8.44 -3.07
C PHE A 29 -60.08 8.63 -3.14
N ILE A 30 -60.79 8.26 -2.07
CA ILE A 30 -62.24 8.46 -2.04
C ILE A 30 -62.55 9.94 -2.12
N TYR A 31 -61.89 10.75 -1.28
CA TYR A 31 -62.11 12.18 -1.30
C TYR A 31 -61.91 12.75 -2.70
N LEU A 32 -60.80 12.39 -3.34
CA LEU A 32 -60.43 13.06 -4.59
C LEU A 32 -61.36 12.70 -5.74
N GLU A 33 -62.07 11.58 -5.63
CA GLU A 33 -63.03 11.22 -6.67
C GLU A 33 -64.12 12.27 -6.83
N GLY A 34 -64.39 13.08 -5.80
CA GLY A 34 -65.47 14.05 -5.87
C GLY A 34 -65.21 15.42 -5.26
N ASN A 35 -63.98 15.69 -4.81
CA ASN A 35 -63.58 17.00 -4.34
C ASN A 35 -62.21 17.38 -4.89
N LYS A 36 -61.91 18.68 -4.84
CA LYS A 36 -60.62 19.21 -5.24
C LYS A 36 -59.60 19.09 -4.11
N PHE A 37 -58.34 19.33 -4.43
CA PHE A 37 -57.31 19.33 -3.41
C PHE A 37 -57.55 20.49 -2.46
N SER A 38 -57.36 20.25 -1.18
CA SER A 38 -57.66 21.22 -0.13
C SER A 38 -56.60 21.10 0.95
N ARG A 39 -55.92 22.20 1.25
CA ARG A 39 -54.91 22.17 2.30
C ARG A 39 -55.51 21.75 3.63
N ALA A 40 -56.73 22.21 3.92
CA ALA A 40 -57.34 21.90 5.20
C ALA A 40 -57.61 20.41 5.37
N GLN A 41 -57.89 19.69 4.27
CA GLN A 41 -58.15 18.27 4.38
C GLN A 41 -56.88 17.46 4.63
N SER A 42 -55.72 18.02 4.33
CA SER A 42 -54.48 17.29 4.54
C SER A 42 -54.02 17.46 5.98
N PRO A 43 -53.87 16.37 6.74
CA PRO A 43 -53.52 16.53 8.17
C PRO A 43 -52.13 17.08 8.40
N THR A 44 -51.17 16.80 7.52
CA THR A 44 -49.81 17.33 7.64
C THR A 44 -49.55 18.50 6.70
N GLN A 45 -50.52 18.85 5.86
CA GLN A 45 -50.30 19.84 4.80
C GLN A 45 -49.10 19.46 3.95
N GLY A 46 -48.84 18.14 3.85
CA GLY A 46 -47.82 17.61 3.00
C GLY A 46 -46.43 17.53 3.60
N ASN A 47 -46.20 18.19 4.73
CA ASN A 47 -44.86 18.24 5.31
C ASN A 47 -44.86 18.88 6.70
N ASP A 48 -44.17 18.26 7.67
CA ASP A 48 -44.12 18.86 9.00
C ASP A 48 -43.48 20.23 8.98
N ASP A 49 -42.69 20.51 7.97
CA ASP A 49 -41.92 21.74 7.91
C ASP A 49 -42.71 22.80 7.16
N PRO A 50 -43.05 23.93 7.80
CA PRO A 50 -43.84 24.95 7.08
C PRO A 50 -43.19 25.40 5.79
N GLN A 51 -41.85 25.53 5.75
CA GLN A 51 -41.20 25.91 4.50
C GLN A 51 -41.60 24.99 3.36
N TRP A 52 -41.89 23.73 3.66
CA TRP A 52 -42.14 22.74 2.64
C TRP A 52 -43.59 22.30 2.55
N LYS A 53 -44.49 22.88 3.35
CA LYS A 53 -45.87 22.44 3.28
C LYS A 53 -46.42 22.74 1.89
N ALA A 54 -46.96 21.72 1.24
CA ALA A 54 -47.36 21.83 -0.16
C ALA A 54 -48.02 20.52 -0.60
N LEU A 55 -48.50 20.45 -1.84
CA LEU A 55 -48.99 19.19 -2.39
C LEU A 55 -47.87 18.53 -3.19
N TYR A 56 -47.53 17.29 -2.83
CA TYR A 56 -46.44 16.57 -3.49
C TYR A 56 -46.98 15.56 -4.50
N THR A 57 -46.30 15.47 -5.64
CA THR A 57 -46.73 14.64 -6.75
C THR A 57 -45.50 14.04 -7.42
N GLY A 58 -45.72 13.05 -8.28
CA GLY A 58 -44.62 12.36 -8.93
C GLY A 58 -44.55 12.54 -10.43
N SER A 59 -43.37 12.32 -11.02
CA SER A 59 -43.17 12.57 -12.44
C SER A 59 -43.82 11.51 -13.33
N ASP A 60 -44.06 10.31 -12.82
CA ASP A 60 -44.82 9.32 -13.55
C ASP A 60 -45.60 8.45 -12.57
N ALA A 61 -46.46 7.60 -13.11
CA ALA A 61 -47.32 6.80 -12.24
C ALA A 61 -46.50 5.90 -11.33
N ASN A 62 -45.38 5.37 -11.84
CA ASN A 62 -44.61 4.41 -11.06
C ASN A 62 -43.93 5.07 -9.86
N VAL A 63 -43.34 6.24 -10.05
CA VAL A 63 -42.68 6.92 -8.93
C VAL A 63 -43.70 7.20 -7.82
N SER A 64 -44.87 7.72 -8.18
CA SER A 64 -45.88 7.94 -7.15
C SER A 64 -46.32 6.64 -6.50
N SER A 65 -46.52 5.59 -7.31
CA SER A 65 -46.98 4.33 -6.76
C SER A 65 -46.03 3.81 -5.68
N ARG A 66 -44.73 3.76 -5.99
CA ARG A 66 -43.77 3.16 -5.08
C ARG A 66 -43.33 4.11 -3.96
N ASN A 67 -43.94 5.29 -3.85
CA ASN A 67 -43.67 6.18 -2.73
C ASN A 67 -44.87 6.29 -1.79
N ILE A 68 -45.90 5.49 -2.00
CA ILE A 68 -46.77 5.09 -0.90
C ILE A 68 -45.97 4.15 0.00
N THR A 69 -45.99 4.41 1.30
CA THR A 69 -45.25 3.55 2.22
C THR A 69 -46.12 2.64 3.05
N ASP A 70 -47.40 2.98 3.22
CA ASP A 70 -48.29 2.12 3.97
C ASP A 70 -49.72 2.51 3.62
N ASN A 71 -50.64 1.58 3.89
CA ASN A 71 -52.06 1.77 3.67
C ASN A 71 -52.28 2.38 2.27
N PRO A 72 -51.88 1.67 1.23
CA PRO A 72 -52.05 2.20 -0.12
C PRO A 72 -53.51 2.22 -0.52
N GLY A 73 -53.90 3.29 -1.20
CA GLY A 73 -55.22 3.38 -1.79
C GLY A 73 -55.15 3.26 -3.30
N GLY A 74 -54.36 4.12 -3.92
CA GLY A 74 -54.25 4.13 -5.37
C GLY A 74 -53.44 5.33 -5.82
N VAL A 75 -53.48 5.57 -7.13
CA VAL A 75 -52.73 6.67 -7.75
C VAL A 75 -53.67 7.47 -8.65
N VAL A 76 -53.69 8.79 -8.46
CA VAL A 76 -54.51 9.70 -9.26
C VAL A 76 -53.61 10.45 -10.25
N LYS A 77 -54.21 10.90 -11.35
CA LYS A 77 -53.51 11.54 -12.45
C LYS A 77 -53.98 13.00 -12.53
N ILE A 78 -53.05 13.94 -12.37
CA ILE A 78 -53.36 15.37 -12.30
C ILE A 78 -52.80 16.06 -13.53
N GLU A 79 -53.63 16.88 -14.17
CA GLU A 79 -53.20 17.67 -15.32
C GLU A 79 -53.09 19.13 -14.87
N TYR A 80 -51.84 19.68 -14.80
CA TYR A 80 -51.77 21.04 -14.29
C TYR A 80 -51.79 22.07 -15.41
N PRO A 81 -52.12 23.33 -15.11
CA PRO A 81 -52.32 24.32 -16.16
C PRO A 81 -51.03 24.63 -16.91
N SER A 82 -51.17 25.06 -18.16
CA SER A 82 -49.99 25.44 -18.95
C SER A 82 -49.35 26.74 -18.46
N ASP A 83 -50.13 27.65 -17.87
CA ASP A 83 -49.57 28.93 -17.47
C ASP A 83 -48.70 28.84 -16.21
N TRP A 84 -48.62 27.68 -15.57
CA TRP A 84 -47.76 27.54 -14.40
C TRP A 84 -46.29 27.49 -14.81
N LYS A 85 -45.45 28.21 -14.08
CA LYS A 85 -44.01 28.19 -14.32
C LYS A 85 -43.41 27.02 -13.54
N VAL A 86 -42.71 26.15 -14.24
CA VAL A 86 -42.11 24.96 -13.63
C VAL A 86 -40.62 25.23 -13.46
N LEU A 87 -40.18 25.31 -12.20
CA LEU A 87 -38.79 25.61 -11.87
C LEU A 87 -38.10 24.31 -11.43
N GLU A 88 -37.09 23.89 -12.17
CA GLU A 88 -36.38 22.64 -11.89
C GLU A 88 -35.13 22.93 -11.08
N ILE A 89 -34.97 22.23 -9.96
CA ILE A 89 -33.77 22.35 -9.14
C ILE A 89 -32.71 21.42 -9.70
N THR A 90 -31.52 21.97 -9.91
CA THR A 90 -30.43 21.28 -10.57
C THR A 90 -29.15 21.50 -9.76
N SER A 91 -28.19 20.61 -9.95
CA SER A 91 -26.89 20.77 -9.34
C SER A 91 -26.01 21.63 -10.24
N THR A 92 -25.19 22.47 -9.63
CA THR A 92 -24.22 23.26 -10.38
C THR A 92 -23.04 22.43 -10.88
N THR A 93 -22.81 21.26 -10.29
CA THR A 93 -21.79 20.35 -10.79
C THR A 93 -22.41 19.39 -11.79
N PRO A 94 -21.96 19.36 -13.05
CA PRO A 94 -22.56 18.44 -14.04
C PRO A 94 -22.41 16.96 -13.70
N SER A 95 -21.33 16.59 -13.01
CA SER A 95 -21.17 15.21 -12.57
C SER A 95 -22.24 14.79 -11.54
N GLN A 96 -22.55 15.65 -10.57
CA GLN A 96 -23.45 15.31 -9.49
C GLN A 96 -24.89 15.67 -9.85
N LYS A 97 -25.77 14.66 -9.91
CA LYS A 97 -27.18 14.92 -10.15
C LYS A 97 -27.97 15.19 -8.86
N TRP A 98 -27.42 14.82 -7.71
CA TRP A 98 -28.04 15.08 -6.43
C TRP A 98 -27.15 15.93 -5.54
N HIS A 99 -27.77 16.81 -4.77
CA HIS A 99 -27.07 17.51 -3.70
C HIS A 99 -28.04 17.75 -2.56
N ASN A 100 -27.54 17.59 -1.33
CA ASN A 100 -28.42 17.72 -0.17
C ASN A 100 -28.99 19.13 -0.04
N ASP A 101 -28.40 20.13 -0.70
CA ASP A 101 -29.01 21.47 -0.67
C ASP A 101 -30.39 21.47 -1.31
N GLY A 103 -32.73 19.88 -0.58
CA GLY A 103 -33.72 19.62 0.43
C GLY A 103 -33.79 20.67 1.53
N GLU A 104 -32.89 21.63 1.50
CA GLU A 104 -32.80 22.62 2.57
C GLU A 104 -33.45 23.92 2.10
N ALA A 105 -34.36 24.46 2.91
CA ALA A 105 -35.13 25.63 2.50
C ALA A 105 -34.24 26.82 2.17
N TRP A 106 -33.16 27.02 2.95
CA TRP A 106 -32.35 28.22 2.75
C TRP A 106 -31.62 28.17 1.41
N PRO A 107 -30.81 27.15 1.11
CA PRO A 107 -30.16 27.11 -0.21
C PRO A 107 -31.15 27.19 -1.35
N VAL A 108 -32.28 26.51 -1.27
CA VAL A 108 -33.26 26.58 -2.34
C VAL A 108 -33.79 28.01 -2.47
N TRP A 109 -34.09 28.65 -1.33
CA TRP A 109 -34.49 30.06 -1.35
C TRP A 109 -33.50 30.90 -2.15
N ARG A 110 -32.21 30.79 -1.84
CA ARG A 110 -31.21 31.52 -2.60
C ARG A 110 -31.29 31.19 -4.09
N ALA A 111 -31.55 29.92 -4.42
CA ALA A 111 -31.54 29.53 -5.82
C ALA A 111 -32.71 30.11 -6.59
N VAL A 112 -33.91 30.14 -5.99
CA VAL A 112 -35.03 30.73 -6.72
C VAL A 112 -34.90 32.25 -6.76
N LYS A 113 -34.38 32.85 -5.69
CA LYS A 113 -34.15 34.29 -5.71
C LYS A 113 -33.22 34.67 -6.86
N LYS A 114 -32.16 33.88 -7.07
CA LYS A 114 -31.23 34.17 -8.16
C LYS A 114 -31.93 34.09 -9.51
N TRP A 115 -32.77 33.08 -9.70
CA TRP A 115 -33.50 32.98 -10.95
C TRP A 115 -34.50 34.12 -11.09
N ALA A 116 -35.27 34.39 -10.03
CA ALA A 116 -36.28 35.45 -10.09
C ALA A 116 -35.70 36.80 -10.48
N ALA A 117 -34.48 37.10 -10.03
CA ALA A 117 -33.91 38.43 -10.24
C ALA A 117 -33.77 38.75 -11.73
N SER A 118 -33.44 37.76 -12.55
CA SER A 118 -33.29 37.97 -13.99
C SER A 118 -34.53 37.51 -14.77
N ASN A 119 -35.61 37.17 -14.07
CA ASN A 119 -36.82 36.67 -14.72
C ASN A 119 -38.08 37.38 -14.23
N GLN A 120 -37.98 38.67 -13.90
CA GLN A 120 -39.13 39.55 -13.71
C GLN A 120 -40.14 39.01 -12.69
N VAL A 121 -39.66 38.27 -11.68
CA VAL A 121 -40.50 37.80 -10.58
C VAL A 121 -39.99 38.45 -9.29
N ASP A 122 -40.90 39.07 -8.54
CA ASP A 122 -40.55 39.72 -7.29
C ASP A 122 -40.77 38.74 -6.13
N LEU A 123 -39.69 38.44 -5.41
CA LEU A 123 -39.73 37.58 -4.23
C LEU A 123 -39.21 38.35 -3.02
N PRO A 124 -39.68 38.02 -1.81
CA PRO A 124 -39.19 38.68 -0.61
C PRO A 124 -37.68 38.56 -0.46
N ASP A 125 -37.09 39.50 0.29
CA ASP A 125 -35.66 39.45 0.55
C ASP A 125 -35.39 38.51 1.74
N VAL A 126 -35.50 37.21 1.45
CA VAL A 126 -35.28 36.18 2.47
C VAL A 126 -33.81 36.18 2.88
N THR A 127 -33.58 36.04 4.19
CA THR A 127 -32.25 35.98 4.76
C THR A 127 -32.19 34.81 5.75
N ALA A 128 -30.96 34.41 6.08
CA ALA A 128 -30.78 33.41 7.12
C ALA A 128 -31.43 33.82 8.42
N SER A 129 -31.61 35.12 8.64
CA SER A 129 -32.20 35.60 9.87
C SER A 129 -33.73 35.58 9.84
N ASN A 130 -34.35 36.07 8.76
CA ASN A 130 -35.81 36.17 8.70
C ASN A 130 -36.46 35.03 7.92
N ILE A 131 -35.79 33.89 7.76
CA ILE A 131 -36.35 32.84 6.92
C ILE A 131 -37.68 32.33 7.49
N ASP A 132 -37.84 32.37 8.82
CA ASP A 132 -39.07 31.85 9.41
C ASP A 132 -40.31 32.61 8.96
N ASP A 133 -40.14 33.81 8.41
CA ASP A 133 -41.27 34.65 8.02
C ASP A 133 -41.68 34.47 6.56
N TYR A 134 -40.94 33.69 5.78
CA TYR A 134 -41.21 33.56 4.34
C TYR A 134 -41.14 32.09 3.98
N LEU A 135 -42.28 31.42 4.09
CA LEU A 135 -42.33 29.98 3.85
C LEU A 135 -42.22 29.71 2.34
N LEU A 136 -41.25 28.86 1.97
CA LEU A 136 -40.84 28.74 0.57
C LEU A 136 -42.02 28.43 -0.36
N LEU A 137 -42.70 27.32 -0.14
CA LEU A 137 -43.73 26.94 -1.11
C LEU A 137 -44.92 27.89 -1.06
N ASP A 138 -45.30 28.35 0.13
CA ASP A 138 -46.38 29.35 0.18
C ASP A 138 -46.01 30.58 -0.62
N GLU A 139 -44.76 31.03 -0.51
CA GLU A 139 -44.30 32.22 -1.23
C GLU A 139 -44.28 32.00 -2.73
N LEU A 140 -43.85 30.81 -3.17
CA LEU A 140 -43.90 30.52 -4.59
C LEU A 140 -45.34 30.39 -5.10
N GLY A 141 -46.28 30.05 -4.21
CA GLY A 141 -47.67 29.97 -4.59
C GLY A 141 -48.31 31.31 -4.92
N LYS A 142 -47.73 32.41 -4.42
CA LYS A 142 -48.16 33.75 -4.82
C LYS A 142 -47.62 34.16 -6.19
N LYS A 143 -46.81 33.31 -6.83
CA LYS A 143 -46.12 33.67 -8.08
C LYS A 143 -46.32 32.67 -9.22
N LYS A 144 -47.26 31.72 -9.12
CA LYS A 144 -47.55 30.76 -10.19
C LYS A 144 -46.39 29.82 -10.46
N ILE A 145 -45.65 29.46 -9.41
CA ILE A 145 -44.45 28.66 -9.52
C ILE A 145 -44.72 27.32 -8.83
N ILE A 146 -44.28 26.23 -9.47
CA ILE A 146 -44.12 24.93 -8.82
C ILE A 146 -42.67 24.53 -8.98
N LEU A 147 -42.25 23.57 -8.16
CA LEU A 147 -40.86 23.11 -8.13
C LEU A 147 -40.74 21.69 -8.69
N LYS A 148 -39.73 21.47 -9.53
CA LYS A 148 -39.35 20.14 -9.98
C LYS A 148 -38.01 19.77 -9.36
N LYS A 149 -37.92 18.56 -8.81
CA LYS A 149 -36.84 18.20 -7.91
C LYS A 149 -36.62 16.70 -7.98
N PRO A 150 -35.38 16.22 -7.94
CA PRO A 150 -35.17 14.78 -7.85
C PRO A 150 -35.74 14.23 -6.54
N ILE A 151 -36.26 12.99 -6.61
CA ILE A 151 -36.90 12.36 -5.45
C ILE A 151 -35.94 12.26 -4.26
N GLY A 152 -34.71 11.82 -4.51
CA GLY A 152 -33.75 11.71 -3.43
C GLY A 152 -32.42 11.22 -3.96
N GLU A 153 -31.46 11.16 -3.04
CA GLU A 153 -30.11 10.74 -3.43
C GLU A 153 -30.09 9.31 -3.95
N ASP A 154 -31.08 8.49 -3.56
CA ASP A 154 -31.20 7.11 -3.97
C ASP A 154 -32.28 6.92 -5.05
N ASP A 155 -32.64 7.99 -5.75
CA ASP A 155 -33.61 7.91 -6.84
C ASP A 155 -33.52 9.19 -7.68
N VAL A 156 -32.32 9.51 -8.17
CA VAL A 156 -32.06 10.81 -8.76
C VAL A 156 -32.70 10.96 -10.12
N SER A 157 -33.05 9.86 -10.77
CA SER A 157 -33.64 9.93 -12.09
C SER A 157 -35.15 10.11 -12.06
N SER A 158 -35.77 10.00 -10.89
CA SER A 158 -37.18 10.28 -10.72
C SER A 158 -37.35 11.62 -10.02
N HIS A 159 -38.51 12.25 -10.20
CA HIS A 159 -38.68 13.62 -9.72
C HIS A 159 -40.04 13.79 -9.07
N GLU A 160 -40.08 14.67 -8.07
CA GLU A 160 -41.33 15.11 -7.48
C GLU A 160 -41.63 16.52 -7.95
N PHE A 161 -42.89 16.79 -8.23
CA PHE A 161 -43.38 18.13 -8.47
C PHE A 161 -44.04 18.64 -7.19
N ILE A 162 -43.50 19.73 -6.64
CA ILE A 162 -43.99 20.33 -5.42
C ILE A 162 -44.89 21.50 -5.77
N ILE A 163 -46.17 21.40 -5.44
CA ILE A 163 -47.18 22.35 -5.88
C ILE A 163 -47.68 23.14 -4.67
N PRO A 164 -47.48 24.45 -4.60
CA PRO A 164 -48.05 25.23 -3.50
C PRO A 164 -49.54 24.97 -3.35
N TRP A 165 -50.00 24.85 -2.10
CA TRP A 165 -51.39 24.53 -1.82
C TRP A 165 -52.36 25.52 -2.47
N LYS A 166 -52.08 26.83 -2.41
CA LYS A 166 -53.00 27.80 -3.01
C LYS A 166 -53.21 27.55 -4.50
N ALA A 168 -52.50 24.31 -6.01
CA ALA A 168 -53.11 22.98 -6.03
C ALA A 168 -54.62 23.07 -5.93
N GLU A 169 -55.10 24.00 -5.09
CA GLU A 169 -56.54 24.20 -4.87
C GLU A 169 -57.26 24.81 -6.05
N THR A 170 -56.54 25.34 -7.04
CA THR A 170 -57.19 25.90 -8.22
C THR A 170 -57.36 24.91 -9.35
N VAL A 171 -56.84 23.68 -9.21
CA VAL A 171 -56.95 22.66 -10.25
C VAL A 171 -58.38 22.15 -10.32
N ALA A 172 -58.97 22.19 -11.52
CA ALA A 172 -60.36 21.77 -11.68
C ALA A 172 -60.54 20.30 -11.33
N GLN A 173 -61.79 19.91 -11.07
CA GLN A 173 -62.08 18.52 -10.73
C GLN A 173 -61.86 17.61 -11.93
N ASN A 174 -62.35 17.99 -13.11
CA ASN A 174 -62.17 17.13 -14.28
C ASN A 174 -60.69 16.96 -14.65
N LYS A 175 -59.80 17.74 -14.05
CA LYS A 175 -58.37 17.56 -14.25
C LYS A 175 -57.74 16.62 -13.23
N ILE A 176 -58.53 16.08 -12.31
CA ILE A 176 -58.06 15.07 -11.36
C ILE A 176 -58.66 13.74 -11.77
N ASP A 177 -57.85 12.86 -12.36
CA ASP A 177 -58.32 11.57 -12.87
C ASP A 177 -58.18 10.48 -11.80
N SER A 178 -59.30 9.82 -11.48
CA SER A 178 -59.36 8.72 -10.53
C SER A 178 -60.16 7.54 -11.08
N THR A 179 -60.35 7.48 -12.39
CA THR A 179 -61.30 6.52 -12.96
C THR A 179 -60.86 5.90 -14.28
N SER A 180 -60.08 6.61 -15.12
CA SER A 180 -59.84 6.11 -16.47
C SER A 180 -59.06 4.80 -16.47
N ASP A 181 -58.13 4.63 -15.52
CA ASP A 181 -57.45 3.37 -15.36
C ASP A 181 -57.94 2.68 -14.09
N PRO A 182 -58.75 1.63 -14.19
CA PRO A 182 -59.24 0.97 -12.97
C PRO A 182 -58.13 0.31 -12.17
N ALA A 183 -57.01 -0.03 -12.80
CA ALA A 183 -55.88 -0.59 -12.05
C ALA A 183 -55.22 0.43 -11.12
N ALA A 184 -55.47 1.73 -11.30
CA ALA A 184 -54.89 2.73 -10.41
C ALA A 184 -55.60 2.82 -9.07
N LYS A 185 -56.70 2.10 -8.90
CA LYS A 185 -57.43 2.04 -7.64
C LYS A 185 -57.22 0.64 -7.08
N PHE A 186 -56.51 0.57 -5.95
CA PHE A 186 -56.07 -0.73 -5.43
C PHE A 186 -57.07 -1.39 -4.49
N PHE A 187 -58.03 -0.63 -3.97
CA PHE A 187 -58.96 -1.13 -2.97
C PHE A 187 -60.39 -1.04 -3.48
N THR A 188 -61.24 -1.92 -2.95
CA THR A 188 -62.68 -1.76 -3.06
C THR A 188 -63.25 -1.38 -1.70
N PRO A 189 -64.41 -0.74 -1.65
CA PRO A 189 -64.94 -0.27 -0.36
C PRO A 189 -65.09 -1.38 0.68
N ASP A 190 -65.54 -2.58 0.29
CA ASP A 190 -65.73 -3.65 1.25
C ASP A 190 -64.40 -4.16 1.83
N ASP A 191 -63.27 -3.75 1.27
CA ASP A 191 -61.97 -4.12 1.81
C ASP A 191 -61.60 -3.36 3.07
N LEU A 192 -62.31 -2.26 3.35
CA LEU A 192 -61.94 -1.35 4.43
C LEU A 192 -62.99 -1.38 5.54
N ASP A 193 -62.57 -0.94 6.72
CA ASP A 193 -63.48 -0.62 7.80
C ASP A 193 -63.92 0.84 7.67
N SER A 194 -65.24 1.06 7.74
CA SER A 194 -65.75 2.42 7.58
C SER A 194 -65.22 3.38 8.63
N THR A 195 -64.97 2.89 9.85
CA THR A 195 -64.50 3.79 10.91
C THR A 195 -63.03 4.16 10.70
N THR A 196 -62.17 3.17 10.45
CA THR A 196 -60.75 3.43 10.18
C THR A 196 -60.47 3.70 8.71
N LYS A 197 -61.33 3.23 7.79
CA LYS A 197 -61.10 3.34 6.36
C LYS A 197 -59.68 2.89 6.01
N GLN A 198 -59.25 1.81 6.68
CA GLN A 198 -58.06 1.04 6.39
C GLN A 198 -58.49 -0.43 6.25
N PRO A 199 -57.63 -1.27 5.70
CA PRO A 199 -58.02 -2.66 5.43
C PRO A 199 -58.58 -3.37 6.65
N LYS A 200 -59.64 -4.15 6.44
CA LYS A 200 -60.30 -4.82 7.57
C LYS A 200 -59.43 -5.93 8.15
N ASP A 201 -58.76 -6.70 7.29
CA ASP A 201 -58.02 -7.88 7.73
C ASP A 201 -56.89 -8.14 6.73
N GLN A 202 -56.08 -9.16 7.03
CA GLN A 202 -54.92 -9.44 6.20
C GLN A 202 -55.32 -9.90 4.81
N ALA A 203 -56.44 -10.62 4.69
CA ALA A 203 -56.94 -10.96 3.36
C ALA A 203 -57.08 -9.73 2.49
N ALA A 204 -57.69 -8.67 3.03
CA ALA A 204 -57.79 -7.41 2.31
C ALA A 204 -56.41 -6.85 1.98
N VAL A 205 -55.49 -6.87 2.95
CA VAL A 205 -54.15 -6.29 2.76
C VAL A 205 -53.43 -7.01 1.63
N ARG A 206 -53.52 -8.35 1.59
CA ARG A 206 -52.90 -9.11 0.51
C ARG A 206 -53.51 -8.74 -0.84
N ARG A 207 -54.84 -8.58 -0.88
CA ARG A 207 -55.50 -8.23 -2.12
C ARG A 207 -55.04 -6.86 -2.62
N ILE A 208 -54.99 -5.88 -1.72
CA ILE A 208 -54.56 -4.54 -2.13
C ILE A 208 -53.11 -4.58 -2.57
N LEU A 209 -52.28 -5.35 -1.87
CA LEU A 209 -50.87 -5.42 -2.22
C LEU A 209 -50.69 -5.91 -3.65
N LYS A 210 -51.46 -6.91 -4.05
CA LYS A 210 -51.35 -7.41 -5.42
C LYS A 210 -51.60 -6.30 -6.43
N LYS A 211 -52.66 -5.50 -6.22
CA LYS A 211 -52.96 -4.42 -7.15
C LYS A 211 -51.91 -3.34 -7.09
N TRP A 212 -51.43 -3.02 -5.88
CA TRP A 212 -50.34 -2.07 -5.69
C TRP A 212 -49.08 -2.50 -6.43
N ASP A 213 -48.62 -3.73 -6.17
CA ASP A 213 -47.43 -4.23 -6.86
C ASP A 213 -47.61 -4.13 -8.36
N ALA A 214 -48.72 -4.67 -8.88
CA ALA A 214 -48.97 -4.67 -10.32
C ALA A 214 -48.86 -3.28 -10.91
N TYR A 215 -49.55 -2.31 -10.30
CA TYR A 215 -49.52 -0.94 -10.81
C TYR A 215 -48.11 -0.37 -10.80
N SER A 216 -47.31 -0.69 -9.78
CA SER A 216 -45.99 -0.10 -9.68
C SER A 216 -45.10 -0.53 -10.85
N CYS A 217 -45.38 -1.70 -11.43
CA CYS A 217 -44.56 -2.27 -12.49
C CYS A 217 -45.16 -2.05 -13.87
N LYS A 218 -46.32 -1.42 -13.94
CA LYS A 218 -47.02 -1.15 -15.19
C LYS A 218 -46.36 -0.01 -15.95
N SER A 229 -42.61 -4.88 -18.65
CA SER A 229 -42.74 -4.58 -17.23
C SER A 229 -41.49 -3.89 -16.67
N LEU A 230 -41.68 -2.95 -15.75
CA LEU A 230 -40.53 -2.25 -15.17
C LEU A 230 -39.82 -3.10 -14.12
N CYS A 231 -40.51 -4.04 -13.50
CA CYS A 231 -39.96 -4.76 -12.37
C CYS A 231 -39.17 -5.99 -12.78
N GLY A 232 -39.34 -6.45 -14.01
CA GLY A 232 -38.62 -7.60 -14.49
C GLY A 232 -39.46 -8.86 -14.47
N ILE A 233 -38.77 -9.99 -14.42
CA ILE A 233 -39.43 -11.29 -14.46
C ILE A 233 -40.60 -11.31 -13.49
N ASN A 234 -41.73 -11.84 -13.94
CA ASN A 234 -42.91 -12.01 -13.10
C ASN A 234 -42.89 -13.42 -12.54
N VAL A 235 -42.33 -13.59 -11.34
CA VAL A 235 -42.19 -14.91 -10.75
C VAL A 235 -43.54 -15.58 -10.61
N ALA A 236 -44.58 -14.79 -10.33
CA ALA A 236 -45.90 -15.37 -10.15
C ALA A 236 -46.34 -16.13 -11.39
N ALA A 237 -45.82 -15.76 -12.57
CA ALA A 237 -46.24 -16.40 -13.81
C ALA A 237 -45.95 -17.89 -13.84
N TYR A 238 -45.15 -18.40 -12.89
CA TYR A 238 -44.70 -19.77 -12.97
C TYR A 238 -45.14 -20.62 -11.78
N LYS A 239 -46.05 -20.10 -10.94
CA LYS A 239 -46.50 -20.87 -9.78
C LYS A 239 -47.13 -22.18 -10.20
N ALA A 240 -48.01 -22.15 -11.21
CA ALA A 240 -48.65 -23.38 -11.67
C ALA A 240 -47.61 -24.42 -12.05
N ASP A 241 -46.59 -24.01 -12.81
CA ASP A 241 -45.57 -24.97 -13.23
C ASP A 241 -44.83 -25.54 -12.04
N ILE A 242 -44.45 -24.67 -11.11
CA ILE A 242 -43.67 -25.09 -9.95
C ILE A 242 -44.48 -26.02 -9.08
N GLU A 243 -45.77 -25.75 -8.91
CA GLU A 243 -46.59 -26.62 -8.08
C GLU A 243 -46.73 -27.99 -8.69
N LYS A 244 -47.13 -28.06 -9.97
CA LYS A 244 -47.21 -29.36 -10.63
C LYS A 244 -45.88 -30.09 -10.52
N LEU A 245 -44.77 -29.41 -10.80
CA LEU A 245 -43.47 -30.07 -10.80
C LEU A 245 -43.18 -30.71 -9.44
N ILE A 246 -43.33 -29.95 -8.36
CA ILE A 246 -43.10 -30.50 -7.02
C ILE A 246 -44.02 -31.68 -6.75
N LYS A 247 -45.29 -31.56 -7.16
CA LYS A 247 -46.22 -32.67 -6.96
C LYS A 247 -45.83 -33.89 -7.78
N ASP A 248 -45.29 -33.67 -8.98
CA ASP A 248 -44.83 -34.80 -9.78
C ASP A 248 -43.71 -35.55 -9.06
N VAL A 249 -42.80 -34.80 -8.43
CA VAL A 249 -41.69 -35.45 -7.73
C VAL A 249 -42.21 -36.35 -6.62
N TYR A 250 -43.20 -35.86 -5.87
CA TYR A 250 -43.72 -36.55 -4.70
C TYR A 250 -44.63 -37.72 -5.05
N GLU A 251 -45.03 -37.88 -6.32
CA GLU A 251 -45.73 -39.07 -6.76
C GLU A 251 -44.81 -40.13 -7.36
N ASP A 252 -43.59 -39.76 -7.71
CA ASP A 252 -42.61 -40.73 -8.20
C ASP A 252 -42.33 -41.78 -7.13
N PRO A 253 -42.52 -43.07 -7.41
CA PRO A 253 -42.25 -44.10 -6.39
C PRO A 253 -40.85 -44.03 -5.80
N ASN A 254 -39.84 -43.63 -6.59
CA ASN A 254 -38.49 -43.54 -6.05
C ASN A 254 -38.34 -42.48 -4.96
N PHE A 255 -39.30 -41.56 -4.82
CA PHE A 255 -39.21 -40.58 -3.74
C PHE A 255 -40.21 -40.85 -2.63
N SER A 256 -40.76 -42.07 -2.58
CA SER A 256 -41.76 -42.39 -1.57
C SER A 256 -41.25 -42.11 -0.16
N ASP A 257 -39.93 -42.17 0.05
CA ASP A 257 -39.41 -41.95 1.40
C ASP A 257 -39.63 -40.51 1.83
N LEU A 258 -39.47 -39.56 0.91
CA LEU A 258 -39.89 -38.20 1.17
C LEU A 258 -41.41 -38.12 1.34
N LYS A 259 -42.16 -38.73 0.42
CA LYS A 259 -43.60 -38.55 0.42
C LYS A 259 -44.21 -38.96 1.76
N ASN A 260 -43.81 -40.12 2.28
CA ASN A 260 -44.35 -40.67 3.51
C ASN A 260 -43.57 -40.29 4.76
N ARG A 261 -42.62 -39.36 4.67
CA ARG A 261 -41.82 -39.02 5.84
C ARG A 261 -42.70 -38.40 6.93
N THR A 262 -42.43 -38.79 8.17
CA THR A 262 -43.06 -38.19 9.34
C THR A 262 -41.96 -37.82 10.34
N GLY A 263 -42.39 -37.29 11.49
CA GLY A 263 -41.46 -36.99 12.56
C GLY A 263 -40.73 -35.67 12.43
N GLY A 264 -39.56 -35.58 13.07
CA GLY A 264 -38.83 -34.34 13.22
C GLY A 264 -38.01 -33.95 12.00
N PRO A 265 -37.19 -32.92 12.15
CA PRO A 265 -36.43 -32.41 11.01
C PRO A 265 -35.25 -33.32 10.66
N GLN A 266 -34.76 -33.16 9.44
CA GLN A 266 -33.53 -33.81 9.00
C GLN A 266 -32.51 -32.73 8.67
N LYS A 267 -31.46 -32.66 9.49
CA LYS A 267 -30.42 -31.65 9.35
C LYS A 267 -29.04 -32.24 9.16
N ASP A 268 -28.91 -33.56 9.10
CA ASP A 268 -27.65 -34.22 8.80
C ASP A 268 -27.22 -33.89 7.36
N LYS A 269 -26.03 -33.30 7.21
CA LYS A 269 -25.64 -32.79 5.90
C LYS A 269 -25.42 -33.90 4.88
N ASP A 270 -24.86 -35.03 5.31
CA ASP A 270 -24.73 -36.16 4.40
C ASP A 270 -26.10 -36.60 3.89
N THR A 271 -27.07 -36.74 4.79
CA THR A 271 -28.40 -37.19 4.40
C THR A 271 -29.01 -36.25 3.36
N LEU A 272 -28.94 -34.94 3.61
CA LEU A 272 -29.57 -34.01 2.69
C LEU A 272 -28.84 -33.97 1.35
N LYS A 273 -27.51 -34.13 1.38
CA LYS A 273 -26.79 -34.20 0.12
C LYS A 273 -27.29 -35.36 -0.73
N GLY A 274 -27.61 -36.49 -0.09
CA GLY A 274 -28.16 -37.62 -0.84
C GLY A 274 -29.45 -37.27 -1.55
N TYR A 275 -30.36 -36.58 -0.87
CA TYR A 275 -31.58 -36.09 -1.52
C TYR A 275 -31.24 -35.13 -2.65
N TYR A 276 -30.26 -34.25 -2.42
CA TYR A 276 -29.92 -33.26 -3.43
C TYR A 276 -29.60 -33.93 -4.76
N GLU A 277 -28.73 -34.94 -4.73
CA GLU A 277 -28.32 -35.58 -5.96
C GLU A 277 -29.38 -36.49 -6.54
N ARG A 278 -30.39 -36.87 -5.76
CA ARG A 278 -31.55 -37.55 -6.33
C ARG A 278 -32.53 -36.54 -6.93
N LEU A 279 -32.62 -35.35 -6.33
CA LEU A 279 -33.62 -34.36 -6.72
C LEU A 279 -33.17 -33.51 -7.91
N LYS A 280 -31.92 -33.02 -7.88
CA LYS A 280 -31.45 -32.16 -8.97
C LYS A 280 -31.65 -32.80 -10.35
N PRO A 281 -31.26 -34.05 -10.60
CA PRO A 281 -31.53 -34.63 -11.93
C PRO A 281 -33.02 -34.80 -12.20
N LYS A 282 -33.78 -35.24 -11.21
CA LYS A 282 -35.23 -35.37 -11.36
C LYS A 282 -35.88 -34.07 -11.80
N VAL A 283 -35.53 -32.96 -11.13
CA VAL A 283 -36.16 -31.69 -11.48
C VAL A 283 -35.84 -31.31 -12.92
N GLU A 284 -34.58 -31.48 -13.33
CA GLU A 284 -34.20 -31.17 -14.69
C GLU A 284 -34.90 -32.07 -15.71
N THR A 285 -35.33 -33.26 -15.30
CA THR A 285 -36.11 -34.11 -16.19
C THR A 285 -37.53 -33.56 -16.38
N LEU A 286 -38.17 -33.10 -15.29
CA LEU A 286 -39.55 -32.64 -15.40
C LEU A 286 -39.67 -31.36 -16.22
N ARG A 287 -38.63 -30.51 -16.20
CA ARG A 287 -38.63 -29.26 -16.95
C ARG A 287 -37.22 -28.97 -17.44
N PRO A 288 -36.81 -29.62 -18.54
CA PRO A 288 -35.43 -29.44 -19.01
C PRO A 288 -35.12 -27.98 -19.33
N LEU A 289 -33.93 -27.56 -18.96
CA LEU A 289 -33.46 -26.22 -19.29
C LEU A 289 -33.00 -26.16 -20.74
N LYS A 290 -33.12 -24.99 -21.35
CA LYS A 290 -32.80 -24.88 -22.77
C LYS A 290 -31.29 -25.06 -22.99
N ALA A 291 -30.96 -25.39 -24.24
CA ALA A 291 -29.60 -25.75 -24.64
C ALA A 291 -28.55 -24.80 -24.06
N GLY A 292 -27.52 -25.39 -23.46
CA GLY A 292 -26.40 -24.65 -22.91
C GLY A 292 -26.57 -24.19 -21.48
N VAL A 293 -27.81 -23.98 -21.05
CA VAL A 293 -28.10 -23.43 -19.73
C VAL A 293 -27.90 -24.53 -18.68
N SER A 294 -27.43 -24.12 -17.51
CA SER A 294 -27.17 -25.06 -16.43
C SER A 294 -27.85 -24.58 -15.16
N SER A 295 -28.11 -25.53 -14.25
CA SER A 295 -28.77 -25.21 -12.99
C SER A 295 -27.87 -24.33 -12.12
N ALA A 296 -28.49 -23.37 -11.43
CA ALA A 296 -27.80 -22.45 -10.54
C ALA A 296 -27.84 -22.89 -9.08
N VAL A 297 -28.57 -23.96 -8.76
CA VAL A 297 -28.63 -24.45 -7.39
C VAL A 297 -27.30 -25.13 -7.05
N GLY A 298 -26.78 -24.83 -5.86
CA GLY A 298 -25.55 -25.44 -5.36
C GLY A 298 -25.86 -26.35 -4.18
N ALA A 299 -25.13 -27.46 -4.11
CA ALA A 299 -25.32 -28.42 -3.03
C ALA A 299 -25.13 -27.77 -1.66
N ALA A 300 -24.00 -27.07 -1.46
CA ALA A 300 -23.67 -26.56 -0.14
C ALA A 300 -24.67 -25.53 0.32
N GLY A 301 -25.12 -24.66 -0.59
CA GLY A 301 -26.08 -23.64 -0.22
C GLY A 301 -27.48 -24.21 -0.01
N ALA A 302 -27.89 -25.16 -0.85
CA ALA A 302 -29.20 -25.79 -0.65
C ALA A 302 -29.23 -26.54 0.67
N ILE A 303 -28.19 -27.32 0.94
CA ILE A 303 -28.15 -28.04 2.21
C ILE A 303 -28.17 -27.04 3.36
N SER A 304 -27.36 -26.01 3.27
CA SER A 304 -27.30 -25.03 4.34
C SER A 304 -28.65 -24.35 4.51
N TRP A 305 -29.25 -23.93 3.39
CA TRP A 305 -30.52 -23.21 3.45
C TRP A 305 -31.64 -24.10 3.99
N ALA A 306 -31.74 -25.34 3.48
CA ALA A 306 -32.76 -26.27 3.95
C ALA A 306 -32.70 -26.46 5.46
N ILE A 307 -31.49 -26.62 6.00
CA ILE A 307 -31.34 -26.69 7.44
C ILE A 307 -31.91 -25.44 8.10
N GLY A 308 -31.67 -24.27 7.48
CA GLY A 308 -32.23 -23.04 8.02
C GLY A 308 -33.75 -23.06 8.07
N VAL A 309 -34.38 -23.58 7.02
CA VAL A 309 -35.84 -23.65 7.02
C VAL A 309 -36.33 -24.59 8.11
N ALA A 310 -35.67 -25.73 8.27
CA ALA A 310 -36.07 -26.67 9.32
C ALA A 310 -35.96 -26.04 10.69
N ASP A 311 -34.85 -25.33 10.95
CA ASP A 311 -34.72 -24.64 12.22
C ASP A 311 -35.81 -23.58 12.38
N ALA A 312 -36.17 -22.92 11.27
CA ALA A 312 -37.22 -21.91 11.32
C ALA A 312 -38.58 -22.53 11.61
N PHE A 313 -38.87 -23.67 10.98
CA PHE A 313 -40.14 -24.34 11.23
C PHE A 313 -40.30 -24.69 12.70
N THR A 314 -39.24 -25.22 13.34
CA THR A 314 -39.36 -25.60 14.75
C THR A 314 -39.54 -24.38 15.64
N SER A 315 -38.69 -23.38 15.48
CA SER A 315 -38.69 -22.25 16.41
C SER A 315 -39.99 -21.46 16.34
N GLU A 316 -40.60 -21.36 15.17
CA GLU A 316 -41.76 -20.50 14.99
C GLU A 316 -43.08 -21.24 15.09
N ASN A 317 -43.05 -22.55 15.36
CA ASN A 317 -44.27 -23.35 15.45
C ASN A 317 -45.26 -22.89 14.40
N VAL A 318 -45.06 -23.28 13.15
CA VAL A 318 -45.92 -22.85 12.05
C VAL A 318 -47.25 -23.59 12.11
N SER A 319 -48.34 -22.82 12.20
CA SER A 319 -49.69 -23.35 12.39
C SER A 319 -50.56 -23.26 11.14
N SER A 320 -49.96 -22.97 9.98
CA SER A 320 -50.74 -22.79 8.76
C SER A 320 -49.79 -22.79 7.59
N PHE A 321 -50.37 -23.03 6.40
CA PHE A 321 -49.61 -22.98 5.15
C PHE A 321 -48.95 -21.62 4.98
N ASP A 322 -49.74 -20.54 5.12
CA ASP A 322 -49.20 -19.20 4.89
C ASP A 322 -48.17 -18.81 5.94
N LYS A 323 -48.37 -19.22 7.20
CA LYS A 323 -47.33 -19.00 8.22
C LYS A 323 -46.05 -19.72 7.85
N ALA A 324 -46.18 -20.96 7.35
CA ALA A 324 -45.00 -21.70 6.90
C ALA A 324 -44.37 -21.04 5.70
N ALA A 325 -45.19 -20.48 4.80
CA ALA A 325 -44.63 -19.78 3.65
C ALA A 325 -43.94 -18.49 4.07
N ALA A 326 -44.55 -17.75 5.00
CA ALA A 326 -43.93 -16.53 5.51
C ALA A 326 -42.58 -16.83 6.14
N VAL A 327 -42.52 -17.85 7.00
CA VAL A 327 -41.27 -18.17 7.70
C VAL A 327 -40.18 -18.51 6.70
N THR A 328 -40.53 -19.23 5.64
CA THR A 328 -39.55 -19.56 4.61
C THR A 328 -38.99 -18.30 3.94
N ALA A 329 -39.81 -17.25 3.80
CA ALA A 329 -39.39 -16.08 3.04
C ALA A 329 -38.35 -15.25 3.78
N ILE A 330 -38.20 -15.43 5.08
CA ILE A 330 -37.27 -14.62 5.86
C ILE A 330 -36.12 -15.47 6.40
N VAL A 331 -35.91 -16.65 5.84
CA VAL A 331 -34.75 -17.45 6.19
C VAL A 331 -33.53 -16.90 5.44
N PRO A 332 -32.40 -16.73 6.11
CA PRO A 332 -31.22 -16.17 5.44
C PRO A 332 -30.52 -17.20 4.58
N GLY A 333 -29.83 -16.72 3.55
CA GLY A 333 -29.04 -17.57 2.70
C GLY A 333 -29.76 -18.16 1.51
N LEU A 334 -30.92 -17.64 1.15
CA LEU A 334 -31.62 -18.16 -0.03
C LEU A 334 -30.78 -17.99 -1.29
N GLY A 335 -30.00 -16.90 -1.38
CA GLY A 335 -29.26 -16.62 -2.59
C GLY A 335 -28.17 -17.63 -2.88
N GLU A 336 -27.57 -18.21 -1.85
CA GLU A 336 -26.54 -19.22 -2.04
C GLU A 336 -27.13 -20.58 -2.40
N CYS A 337 -28.44 -20.76 -2.26
CA CYS A 337 -29.13 -21.99 -2.64
C CYS A 337 -29.73 -21.89 -4.04
N VAL A 338 -30.39 -20.78 -4.37
CA VAL A 338 -31.03 -20.71 -5.68
C VAL A 338 -30.09 -20.17 -6.75
N GLY A 339 -29.05 -19.44 -6.37
CA GLY A 339 -28.03 -19.02 -7.30
C GLY A 339 -28.43 -17.94 -8.27
N ILE A 340 -29.71 -17.58 -8.32
CA ILE A 340 -30.20 -16.60 -9.27
C ILE A 340 -30.71 -15.34 -8.56
N ALA A 341 -30.23 -15.06 -7.36
CA ALA A 341 -30.74 -13.86 -6.68
C ALA A 341 -30.21 -12.59 -7.31
N ASN A 342 -29.04 -12.63 -7.93
CA ASN A 342 -28.42 -11.43 -8.49
C ASN A 342 -28.35 -11.42 -10.01
N ALA A 343 -28.24 -12.58 -10.64
CA ALA A 343 -28.29 -12.66 -12.11
C ALA A 343 -28.91 -13.98 -12.51
N ILE A 344 -29.41 -14.02 -13.74
CA ILE A 344 -30.07 -15.20 -14.28
C ILE A 344 -29.75 -15.28 -15.77
N ASP A 345 -29.52 -16.51 -16.25
CA ASP A 345 -29.13 -16.72 -17.64
C ASP A 345 -30.29 -16.35 -18.58
N LYS A 346 -30.11 -15.28 -19.34
CA LYS A 346 -31.16 -14.76 -20.21
C LYS A 346 -31.55 -15.70 -21.34
N ARG A 347 -30.85 -16.81 -21.52
CA ARG A 347 -31.21 -17.75 -22.58
C ARG A 347 -32.44 -18.57 -22.20
N ASP A 348 -32.67 -18.80 -20.91
CA ASP A 348 -33.83 -19.57 -20.44
C ASP A 348 -34.19 -19.12 -19.03
N PRO A 349 -34.69 -17.89 -18.90
CA PRO A 349 -35.05 -17.41 -17.56
C PRO A 349 -36.24 -18.15 -16.97
N GLU A 350 -37.25 -18.46 -17.79
CA GLU A 350 -38.41 -19.20 -17.32
C GLU A 350 -38.00 -20.57 -16.78
N GLY A 351 -37.22 -21.31 -17.56
CA GLY A 351 -36.82 -22.64 -17.12
C GLY A 351 -36.01 -22.61 -15.83
N LEU A 352 -35.12 -21.64 -15.69
CA LEU A 352 -34.30 -21.55 -14.49
C LEU A 352 -35.14 -21.19 -13.27
N ILE A 353 -36.07 -20.25 -13.43
CA ILE A 353 -36.96 -19.92 -12.32
C ILE A 353 -37.76 -21.15 -11.89
N ILE A 354 -38.38 -21.84 -12.85
CA ILE A 354 -39.14 -23.03 -12.49
C ILE A 354 -38.24 -24.06 -11.83
N ASN A 355 -37.00 -24.16 -12.33
CA ASN A 355 -36.08 -25.19 -11.87
C ASN A 355 -35.57 -24.89 -10.46
N THR A 356 -35.18 -23.64 -10.18
CA THR A 356 -34.49 -23.35 -8.93
C THR A 356 -35.46 -23.24 -7.76
N ILE A 357 -36.62 -22.63 -7.95
CA ILE A 357 -37.61 -22.61 -6.89
C ILE A 357 -38.01 -24.04 -6.53
N SER A 358 -38.31 -24.87 -7.54
CA SER A 358 -38.68 -26.25 -7.28
C SER A 358 -37.60 -26.98 -6.49
N ALA A 360 -35.33 -25.52 -4.56
CA ALA A 360 -35.34 -24.91 -3.24
C ALA A 360 -36.40 -25.55 -2.34
N ALA A 361 -37.63 -25.67 -2.85
CA ALA A 361 -38.75 -26.13 -2.04
C ALA A 361 -38.67 -27.64 -1.75
N LEU A 362 -38.21 -28.43 -2.73
CA LEU A 362 -38.05 -29.86 -2.50
C LEU A 362 -37.03 -30.15 -1.42
N ALA A 364 -36.22 -28.13 1.07
CA ALA A 364 -36.88 -27.77 2.32
C ALA A 364 -37.84 -28.88 2.74
N SER A 365 -38.61 -29.41 1.79
CA SER A 365 -39.56 -30.46 2.13
C SER A 365 -38.85 -31.69 2.71
N ALA A 366 -37.57 -31.88 2.41
CA ALA A 366 -36.81 -33.01 2.92
C ALA A 366 -36.20 -32.77 4.29
N ALA A 367 -36.09 -31.51 4.71
CA ALA A 367 -35.41 -31.16 5.96
C ALA A 367 -36.35 -30.71 7.08
N VAL A 368 -37.45 -30.04 6.77
CA VAL A 368 -38.30 -29.49 7.82
C VAL A 368 -38.97 -30.60 8.64
N PRO A 369 -39.37 -30.33 9.88
CA PRO A 369 -40.26 -31.26 10.57
C PRO A 369 -41.58 -31.32 9.83
N VAL A 370 -42.25 -32.47 9.95
CA VAL A 370 -43.56 -32.68 9.33
C VAL A 370 -44.60 -32.37 10.40
N LEU A 371 -45.13 -31.15 10.36
CA LEU A 371 -46.08 -30.69 11.36
C LEU A 371 -47.51 -30.86 10.88
N ALA A 372 -48.36 -31.36 11.77
CA ALA A 372 -49.76 -31.60 11.42
C ALA A 372 -50.48 -30.36 10.88
N PRO A 373 -50.35 -29.16 11.46
CA PRO A 373 -51.03 -28.00 10.87
C PRO A 373 -50.68 -27.77 9.40
N ILE A 374 -49.47 -28.09 8.97
CA ILE A 374 -49.09 -27.87 7.58
C ILE A 374 -49.75 -28.90 6.67
N GLY A 375 -49.70 -30.17 7.08
CA GLY A 375 -50.12 -31.29 6.26
C GLY A 375 -49.03 -32.35 6.14
N VAL A 376 -48.93 -32.97 4.97
CA VAL A 376 -47.88 -33.95 4.73
C VAL A 376 -46.63 -33.22 4.27
N ALA A 377 -45.53 -33.95 4.08
CA ALA A 377 -44.28 -33.29 3.67
C ALA A 377 -44.48 -32.50 2.38
N LEU A 378 -45.28 -33.03 1.44
CA LEU A 378 -45.53 -32.29 0.20
C LEU A 378 -46.08 -30.89 0.49
N ASP A 379 -46.99 -30.78 1.46
CA ASP A 379 -47.56 -29.47 1.78
C ASP A 379 -46.49 -28.49 2.21
N ALA A 380 -45.57 -28.93 3.08
CA ALA A 380 -44.44 -28.07 3.44
C ALA A 380 -43.66 -27.64 2.19
N GLY A 381 -43.40 -28.59 1.29
CA GLY A 381 -42.72 -28.24 0.04
C GLY A 381 -43.44 -27.16 -0.74
N LEU A 382 -44.76 -27.33 -0.91
CA LEU A 382 -45.54 -26.31 -1.60
C LEU A 382 -45.51 -24.98 -0.84
N ALA A 383 -45.58 -25.03 0.49
CA ALA A 383 -45.50 -23.80 1.28
C ALA A 383 -44.15 -23.13 1.09
N ALA A 384 -43.07 -23.91 1.02
CA ALA A 384 -41.75 -23.32 0.79
C ALA A 384 -41.67 -22.68 -0.59
N ALA A 385 -42.28 -23.32 -1.59
CA ALA A 385 -42.29 -22.75 -2.94
C ALA A 385 -42.97 -21.38 -2.97
N GLN A 386 -44.12 -21.24 -2.31
CA GLN A 386 -44.76 -19.93 -2.27
C GLN A 386 -43.83 -18.91 -1.61
N GLY A 387 -43.24 -19.29 -0.47
CA GLY A 387 -42.34 -18.38 0.22
C GLY A 387 -41.15 -18.00 -0.64
N VAL A 388 -40.48 -18.99 -1.22
CA VAL A 388 -39.33 -18.66 -2.05
C VAL A 388 -39.75 -17.77 -3.22
N ALA A 389 -40.88 -18.08 -3.85
CA ALA A 389 -41.31 -17.27 -5.00
C ALA A 389 -41.58 -15.84 -4.58
N THR A 390 -42.19 -15.64 -3.40
CA THR A 390 -42.41 -14.28 -2.93
C THR A 390 -41.10 -13.51 -2.81
N VAL A 391 -40.05 -14.15 -2.31
CA VAL A 391 -38.78 -13.46 -2.14
C VAL A 391 -38.24 -13.01 -3.50
N LEU A 392 -38.09 -13.97 -4.43
CA LEU A 392 -37.51 -13.66 -5.74
C LEU A 392 -38.35 -12.68 -6.52
N GLU A 393 -39.66 -12.65 -6.27
CA GLU A 393 -40.54 -11.78 -7.03
C GLU A 393 -40.13 -10.32 -6.90
N TYR A 394 -39.63 -9.93 -5.74
CA TYR A 394 -39.32 -8.55 -5.41
C TYR A 394 -37.87 -8.17 -5.72
N LEU A 395 -37.08 -9.08 -6.27
CA LEU A 395 -35.74 -8.79 -6.76
C LEU A 395 -35.82 -8.59 -8.27
N GLU A 396 -35.04 -7.64 -8.78
CA GLU A 396 -34.98 -7.42 -10.23
C GLU A 396 -33.87 -8.29 -10.80
N ILE A 397 -34.17 -9.59 -10.88
CA ILE A 397 -33.28 -10.55 -11.52
C ILE A 397 -33.41 -10.38 -13.02
N GLY A 398 -32.29 -10.55 -13.74
CA GLY A 398 -32.31 -10.44 -15.19
C GLY A 398 -32.34 -9.02 -15.73
N GLN A 399 -32.26 -8.01 -14.87
CA GLN A 399 -32.08 -6.64 -15.31
C GLN A 399 -30.72 -6.11 -14.86
N PRO A 400 -30.18 -5.12 -15.57
CA PRO A 400 -28.79 -4.72 -15.30
C PRO A 400 -28.61 -4.26 -13.85
N ALA A 401 -27.45 -4.58 -13.28
CA ALA A 401 -27.19 -4.27 -11.88
C ALA A 401 -26.92 -2.78 -11.70
N ARG A 402 -27.42 -2.24 -10.60
CA ARG A 402 -27.27 -0.83 -10.33
C ARG A 402 -25.92 -0.56 -9.67
N THR A 403 -25.35 0.59 -9.99
CA THR A 403 -24.20 1.07 -9.24
C THR A 403 -24.65 1.48 -7.85
N PRO A 404 -24.12 0.89 -6.78
CA PRO A 404 -24.58 1.27 -5.43
C PRO A 404 -24.03 2.63 -5.00
N LEU A 405 -24.66 3.17 -4.01
CA LEU A 405 -24.20 4.47 -3.56
C LEU A 405 -22.97 4.30 -2.66
N PRO A 406 -22.00 5.22 -2.75
CA PRO A 406 -20.87 5.19 -1.81
C PRO A 406 -21.33 5.36 -0.37
N VAL A 407 -20.64 4.67 0.54
CA VAL A 407 -21.00 4.65 1.94
C VAL A 407 -19.76 4.95 2.77
N SER A 408 -20.00 5.15 4.07
CA SER A 408 -18.93 5.42 5.03
C SER A 408 -19.29 4.81 6.37
N SER A 409 -18.26 4.56 7.18
CA SER A 409 -18.44 4.05 8.54
C SER A 409 -19.26 2.75 8.58
N PRO A 410 -18.90 1.76 7.78
CA PRO A 410 -19.70 0.54 7.72
C PRO A 410 -19.59 -0.29 8.99
N LYS A 411 -20.58 -1.15 9.20
CA LYS A 411 -20.52 -2.13 10.27
C LYS A 411 -21.11 -3.42 9.75
N THR A 412 -20.35 -4.49 9.93
CA THR A 412 -20.71 -5.79 9.38
C THR A 412 -21.01 -6.76 10.51
N HIS A 413 -22.03 -7.60 10.30
CA HIS A 413 -22.37 -8.64 11.27
C HIS A 413 -23.11 -9.74 10.52
N LYS A 414 -22.57 -10.96 10.58
CA LYS A 414 -23.20 -12.12 9.95
C LYS A 414 -23.43 -11.90 8.46
N GLY A 415 -22.42 -11.34 7.78
CA GLY A 415 -22.49 -11.14 6.34
C GLY A 415 -23.32 -9.98 5.87
N VAL A 416 -23.89 -9.17 6.77
CA VAL A 416 -24.67 -8.00 6.40
C VAL A 416 -23.91 -6.76 6.84
N THR A 417 -24.10 -5.68 6.09
CA THR A 417 -23.35 -4.45 6.29
C THR A 417 -24.30 -3.26 6.26
N ALA A 418 -24.27 -2.46 7.31
CA ALA A 418 -25.00 -1.20 7.35
C ALA A 418 -23.99 -0.06 7.33
N ALA A 419 -24.28 0.98 6.54
CA ALA A 419 -23.37 2.11 6.42
C ALA A 419 -24.16 3.34 5.99
N TRP A 420 -23.60 4.50 6.33
CA TRP A 420 -24.21 5.78 6.01
C TRP A 420 -23.90 6.22 4.60
N VAL A 421 -24.93 6.71 3.90
CA VAL A 421 -24.76 7.45 2.64
C VAL A 421 -24.66 8.92 2.99
N GLY A 422 -23.57 9.56 2.59
CA GLY A 422 -23.38 10.95 2.93
C GLY A 422 -23.07 11.16 4.40
N SER A 423 -23.45 12.32 4.91
CA SER A 423 -23.28 12.65 6.33
C SER A 423 -24.49 12.19 7.14
N GLU A 424 -24.20 11.52 8.25
CA GLU A 424 -25.22 11.07 9.19
C GLU A 424 -25.56 12.13 10.24
N ARG A 425 -24.77 13.19 10.35
CA ARG A 425 -25.05 14.17 11.39
C ARG A 425 -26.39 14.85 11.12
N ILE A 426 -27.12 15.11 12.20
CA ILE A 426 -28.36 15.87 12.16
C ILE A 426 -28.06 17.25 12.75
N ILE A 427 -28.14 18.28 11.94
CA ILE A 427 -27.91 19.65 12.41
C ILE A 427 -29.26 20.29 12.70
N ALA A 428 -29.41 20.87 13.89
CA ALA A 428 -30.70 21.45 14.27
C ALA A 428 -30.98 22.76 13.54
N HIS A 429 -30.03 23.71 13.55
CA HIS A 429 -30.19 25.01 12.89
C HIS A 429 -29.32 25.05 11.64
N ARG A 430 -29.96 25.04 10.46
CA ARG A 430 -29.27 25.14 9.18
C ARG A 430 -30.14 25.90 8.18
N PRO A 431 -30.36 27.20 8.40
CA PRO A 431 -29.89 28.01 9.54
C PRO A 431 -30.92 28.05 10.68
N ARG A 432 -32.14 27.65 10.39
CA ARG A 432 -33.17 27.57 11.42
C ARG A 432 -33.61 26.11 11.52
N PRO A 433 -34.44 25.76 12.50
CA PRO A 433 -34.94 24.38 12.57
C PRO A 433 -35.78 24.07 11.34
N GLY A 434 -35.92 22.79 11.06
CA GLY A 434 -36.65 22.37 9.88
C GLY A 434 -36.54 20.87 9.67
N ARG A 436 -34.95 17.59 8.56
CA ARG A 436 -33.59 17.08 8.36
C ARG A 436 -33.65 15.58 8.13
N GLN A 437 -32.64 15.03 7.45
CA GLN A 437 -32.68 13.62 7.11
C GLN A 437 -31.27 13.05 6.95
N HIS A 438 -31.14 11.76 7.19
CA HIS A 438 -29.93 11.02 6.88
C HIS A 438 -30.32 9.67 6.28
N ILE A 439 -29.36 9.02 5.62
CA ILE A 439 -29.62 7.83 4.82
C ILE A 439 -28.54 6.80 5.10
N PHE A 440 -28.93 5.55 5.30
CA PHE A 440 -28.00 4.46 5.42
C PHE A 440 -28.42 3.32 4.48
N SER A 441 -27.48 2.44 4.19
CA SER A 441 -27.77 1.33 3.29
C SER A 441 -27.48 0.03 4.01
N VAL A 442 -28.28 -0.98 3.72
CA VAL A 442 -28.09 -2.33 4.21
C VAL A 442 -27.65 -3.17 3.01
N SER A 443 -26.45 -3.75 3.11
CA SER A 443 -25.79 -4.41 1.99
C SER A 443 -25.38 -5.82 2.39
N ILE A 444 -25.03 -6.59 1.37
CA ILE A 444 -24.39 -7.89 1.59
C ILE A 444 -22.90 -7.71 1.43
N ASP A 445 -22.14 -8.21 2.40
CA ASP A 445 -20.69 -8.17 2.33
C ASP A 445 -20.20 -9.05 1.18
N SER A 446 -19.30 -8.50 0.35
CA SER A 446 -18.92 -9.17 -0.89
C SER A 446 -18.09 -10.43 -0.68
N SER A 447 -17.60 -10.69 0.52
CA SER A 447 -16.90 -11.95 0.77
C SER A 447 -17.79 -13.15 0.48
N LYS A 448 -19.11 -12.99 0.67
CA LYS A 448 -20.11 -13.98 0.28
C LYS A 448 -21.01 -13.34 -0.78
N PRO A 449 -20.57 -13.35 -2.05
CA PRO A 449 -21.25 -12.56 -3.07
C PRO A 449 -22.71 -12.93 -3.35
N GLU A 450 -23.13 -14.17 -3.08
CA GLU A 450 -24.52 -14.58 -3.31
C GLU A 450 -25.30 -14.73 -2.01
N TYR A 451 -24.72 -14.35 -0.87
CA TYR A 451 -25.48 -14.38 0.38
C TYR A 451 -26.65 -13.40 0.29
N THR A 452 -27.71 -13.71 1.04
CA THR A 452 -28.88 -12.88 1.15
C THR A 452 -29.38 -12.97 2.59
N ALA A 453 -30.12 -11.95 3.01
CA ALA A 453 -30.71 -11.86 4.36
C ALA A 453 -31.96 -11.01 4.27
N PRO A 454 -32.96 -11.28 5.12
CA PRO A 454 -34.17 -10.45 5.13
C PRO A 454 -33.96 -9.17 5.90
N LEU A 455 -34.55 -8.09 5.39
CA LEU A 455 -34.71 -6.86 6.16
C LEU A 455 -36.07 -6.96 6.85
N ILE A 456 -36.05 -7.11 8.17
CA ILE A 456 -37.27 -7.33 8.94
C ILE A 456 -37.80 -6.03 9.56
N GLU A 457 -36.93 -5.24 10.19
CA GLU A 457 -37.33 -3.94 10.70
C GLU A 457 -36.12 -3.03 10.82
N VAL A 458 -36.40 -1.73 10.84
CA VAL A 458 -35.42 -0.71 11.18
C VAL A 458 -36.01 0.16 12.28
N ALA A 459 -35.13 0.72 13.12
CA ALA A 459 -35.56 1.51 14.26
C ALA A 459 -34.62 2.71 14.44
N GLY A 460 -35.10 3.70 15.20
CA GLY A 460 -34.33 4.90 15.46
C GLY A 460 -34.77 5.59 16.73
N VAL A 461 -33.86 6.38 17.29
CA VAL A 461 -34.18 7.16 18.49
C VAL A 461 -35.05 8.36 18.10
N ARG A 462 -35.74 8.92 19.09
CA ARG A 462 -36.50 10.14 18.87
C ARG A 462 -36.44 10.95 20.14
N ALA A 463 -36.91 12.20 20.06
CA ALA A 463 -37.17 13.00 21.26
C ALA A 463 -38.36 13.91 21.01
N ASP A 464 -39.45 13.67 21.74
CA ASP A 464 -40.68 14.44 21.52
C ASP A 464 -40.43 15.94 21.69
N GLY A 465 -40.70 16.69 20.63
CA GLY A 465 -40.48 18.11 20.59
C GLY A 465 -39.10 18.55 20.18
N LYS A 466 -38.19 17.60 19.92
CA LYS A 466 -36.79 17.93 19.71
C LYS A 466 -36.27 17.32 18.43
N LEU A 467 -36.48 16.01 18.28
CA LEU A 467 -36.19 15.28 17.05
C LEU A 467 -37.39 14.38 16.82
N ASP A 468 -38.33 14.82 15.96
CA ASP A 468 -39.59 14.12 15.77
C ASP A 468 -39.57 13.38 14.45
N PRO A 469 -39.60 12.05 14.44
CA PRO A 469 -39.59 11.34 13.18
C PRO A 469 -40.83 11.66 12.37
N SER A 470 -40.63 11.84 11.06
CA SER A 470 -41.71 12.23 10.19
C SER A 470 -42.21 11.04 9.39
N PRO A 471 -43.26 10.33 9.83
CA PRO A 471 -43.61 9.06 9.17
C PRO A 471 -43.97 9.24 7.70
N GLU A 472 -44.42 10.43 7.32
CA GLU A 472 -44.79 10.67 5.94
C GLU A 472 -43.58 10.61 5.02
N TRP A 473 -42.39 10.96 5.51
CA TRP A 473 -41.22 11.09 4.64
C TRP A 473 -40.13 10.06 4.91
N ILE A 474 -40.40 9.03 5.70
CA ILE A 474 -39.49 7.88 5.77
C ILE A 474 -39.66 7.04 4.52
N ARG A 475 -38.55 6.50 4.00
CA ARG A 475 -38.57 5.72 2.75
C ARG A 475 -37.61 4.55 2.85
N ILE A 476 -38.02 3.42 2.28
CA ILE A 476 -37.16 2.25 2.11
C ILE A 476 -37.18 1.89 0.64
N ARG A 477 -36.02 1.95 -0.01
CA ARG A 477 -35.93 1.84 -1.46
C ARG A 477 -34.96 0.75 -1.86
N GLN A 478 -35.23 0.15 -3.02
CA GLN A 478 -34.40 -0.94 -3.53
C GLN A 478 -34.45 -0.96 -5.05
N ASN A 479 -35.66 -1.05 -5.61
CA ASN A 479 -35.84 -1.07 -7.06
C ASN A 479 -37.20 -0.47 -7.40
N HIS A 480 -37.84 -0.92 -8.47
CA HIS A 480 -39.11 -0.34 -8.88
C HIS A 480 -40.30 -0.77 -8.02
N TYR A 481 -40.16 -1.80 -7.18
CA TYR A 481 -41.24 -2.17 -6.29
C TYR A 481 -41.35 -1.21 -5.11
N PRO A 482 -42.55 -0.94 -4.62
CA PRO A 482 -42.71 -0.27 -3.33
C PRO A 482 -42.29 -1.18 -2.18
N ILE A 483 -41.90 -0.57 -1.06
CA ILE A 483 -41.49 -1.34 0.11
C ILE A 483 -42.35 -0.92 1.30
N PRO A 484 -43.51 -1.53 1.52
CA PRO A 484 -44.37 -1.11 2.63
C PRO A 484 -43.73 -1.38 3.97
N PHE A 485 -44.02 -0.49 4.93
CA PHE A 485 -43.61 -0.64 6.31
C PHE A 485 -44.62 0.05 7.21
N ARG A 486 -44.74 -0.47 8.43
CA ARG A 486 -45.60 0.12 9.45
C ARG A 486 -44.77 0.91 10.44
N PHE A 487 -45.02 2.22 10.49
CA PHE A 487 -44.32 3.11 11.40
C PHE A 487 -44.96 3.04 12.78
N GLU A 488 -44.13 3.01 13.82
CA GLU A 488 -44.64 2.86 15.19
C GLU A 488 -43.80 3.71 16.11
N LYS A 489 -44.45 4.60 16.87
CA LYS A 489 -43.79 5.28 17.98
C LYS A 489 -43.89 4.35 19.18
N LEU A 490 -42.76 3.99 19.75
CA LEU A 490 -42.71 2.94 20.77
C LEU A 490 -42.80 3.53 22.16
N SER A 491 -43.19 2.69 23.11
CA SER A 491 -43.24 3.12 24.50
C SER A 491 -41.84 3.05 25.13
N GLY A 492 -41.71 3.71 26.25
CA GLY A 492 -40.42 3.69 26.90
C GLY A 492 -39.68 5.00 26.75
N ASP A 493 -38.83 5.30 27.73
CA ASP A 493 -38.07 6.54 27.72
C ASP A 493 -36.58 6.28 27.78
N SER A 494 -36.14 5.08 27.44
CA SER A 494 -34.75 4.66 27.63
C SER A 494 -34.38 3.65 26.57
N PRO A 495 -34.29 4.07 25.31
CA PRO A 495 -34.54 5.45 24.89
C PRO A 495 -35.91 5.61 24.27
N TYR A 496 -36.31 6.85 23.98
CA TYR A 496 -37.49 7.06 23.15
C TYR A 496 -37.17 6.65 21.73
N ALA A 497 -38.02 5.84 21.13
CA ALA A 497 -37.64 5.21 19.88
C ALA A 497 -38.86 5.04 18.98
N PHE A 498 -38.59 4.71 17.72
CA PHE A 498 -39.60 4.40 16.73
C PHE A 498 -39.08 3.25 15.89
N ARG A 499 -39.99 2.55 15.23
CA ARG A 499 -39.61 1.39 14.43
C ARG A 499 -40.43 1.40 13.14
N CYS A 500 -39.84 0.84 12.09
CA CYS A 500 -40.53 0.61 10.82
C CYS A 500 -40.51 -0.88 10.58
N VAL A 501 -41.68 -1.49 10.53
CA VAL A 501 -41.77 -2.93 10.36
C VAL A 501 -42.13 -3.20 8.92
N LEU A 502 -41.24 -3.87 8.19
CA LEU A 502 -41.51 -4.13 6.78
C LEU A 502 -42.64 -5.13 6.65
N LEU A 503 -43.49 -4.90 5.65
CA LEU A 503 -44.79 -5.55 5.55
C LEU A 503 -44.87 -6.64 4.49
N ARG A 504 -43.82 -6.83 3.71
CA ARG A 504 -43.70 -7.99 2.82
C ARG A 504 -42.23 -8.39 2.79
N PRO A 505 -41.94 -9.63 2.36
CA PRO A 505 -40.53 -10.07 2.37
C PRO A 505 -39.61 -9.14 1.59
N THR A 506 -38.69 -8.48 2.31
CA THR A 506 -37.73 -7.55 1.74
C THR A 506 -36.34 -8.14 1.94
N THR A 507 -35.62 -8.35 0.86
CA THR A 507 -34.41 -9.18 0.86
C THR A 507 -33.22 -8.36 0.41
N ILE A 508 -32.18 -8.36 1.22
CA ILE A 508 -30.92 -7.70 0.88
C ILE A 508 -30.11 -8.62 -0.01
N THR A 509 -29.62 -8.08 -1.13
CA THR A 509 -28.75 -8.83 -2.04
C THR A 509 -27.52 -7.99 -2.39
N ARG A 510 -26.49 -8.67 -2.90
CA ARG A 510 -25.29 -7.96 -3.32
C ARG A 510 -25.61 -6.88 -4.36
N THR A 511 -26.38 -7.24 -5.40
CA THR A 511 -26.65 -6.29 -6.47
C THR A 511 -27.76 -5.29 -6.15
N GLU A 512 -28.52 -5.50 -5.08
CA GLU A 512 -29.66 -4.65 -4.74
C GLU A 512 -29.69 -4.40 -3.23
N PRO A 513 -28.83 -3.53 -2.73
CA PRO A 513 -28.90 -3.13 -1.32
C PRO A 513 -30.16 -2.31 -1.05
N VAL A 514 -30.55 -2.23 0.21
CA VAL A 514 -31.73 -1.47 0.59
C VAL A 514 -31.29 -0.13 1.17
N TYR A 515 -31.97 0.94 0.76
CA TYR A 515 -31.68 2.29 1.25
C TYR A 515 -32.80 2.76 2.16
N VAL A 516 -32.44 3.21 3.36
CA VAL A 516 -33.39 3.69 4.37
C VAL A 516 -33.14 5.16 4.62
N THR A 517 -34.15 5.98 4.39
CA THR A 517 -34.11 7.39 4.69
C THR A 517 -34.97 7.67 5.92
N PHE A 518 -34.39 8.29 6.94
CA PHE A 518 -35.14 8.77 8.10
C PHE A 518 -35.21 10.29 8.08
N ALA A 519 -36.41 10.84 8.20
CA ALA A 519 -36.58 12.29 8.22
C ALA A 519 -37.06 12.75 9.59
N TYR A 520 -36.47 13.80 10.12
CA TYR A 520 -36.94 14.31 11.39
C TYR A 520 -37.14 15.83 11.32
N THR A 522 -36.46 19.14 13.46
CA THR A 522 -35.75 19.75 14.58
C THR A 522 -36.48 21.02 15.02
N SER A 523 -36.12 21.50 16.21
CA SER A 523 -36.80 22.64 16.83
C SER A 523 -35.80 23.47 17.59
N ASP A 524 -36.29 24.58 18.15
CA ASP A 524 -35.45 25.36 19.03
C ASP A 524 -35.13 24.63 20.32
N THR A 526 -34.22 21.30 20.33
CA THR A 526 -33.38 20.13 20.04
C THR A 526 -32.08 20.20 20.83
N CYS A 527 -31.39 21.34 20.77
CA CYS A 527 -30.17 21.58 21.51
C CYS A 527 -30.39 22.77 22.43
N ARG A 528 -29.90 22.66 23.68
CA ARG A 528 -30.01 23.75 24.63
C ARG A 528 -28.64 24.10 25.18
N THR A 529 -28.44 25.38 25.47
CA THR A 529 -27.19 25.83 26.06
C THR A 529 -27.21 25.61 27.57
N GLY A 530 -26.06 25.83 28.19
CA GLY A 530 -25.95 25.88 29.63
C GLY A 530 -25.75 24.56 30.35
N GLU A 531 -25.67 23.45 29.63
CA GLU A 531 -25.54 22.16 30.31
C GLU A 531 -24.09 21.89 30.69
N SER A 532 -23.91 21.23 31.84
CA SER A 532 -22.57 20.96 32.37
C SER A 532 -21.78 19.96 31.50
N ASP A 533 -22.47 19.05 30.81
CA ASP A 533 -21.77 18.10 29.94
C ASP A 533 -22.02 18.45 28.48
N PRO A 534 -20.98 18.79 27.70
CA PRO A 534 -21.22 19.21 26.30
C PRO A 534 -21.84 18.15 25.41
N ASN A 535 -21.85 16.88 25.81
CA ASN A 535 -22.44 15.82 25.00
C ASN A 535 -23.93 15.65 25.23
N LYS A 536 -24.46 16.27 26.28
CA LYS A 536 -25.89 16.24 26.54
C LYS A 536 -26.60 17.51 26.05
N ALA A 537 -25.88 18.39 25.34
CA ALA A 537 -26.50 19.60 24.82
C ALA A 537 -27.60 19.34 23.79
N CYS A 538 -27.63 18.16 23.18
CA CYS A 538 -28.66 17.85 22.19
C CYS A 538 -29.36 16.55 22.53
N SER A 539 -30.65 16.52 22.36
CA SER A 539 -31.41 15.31 22.58
C SER A 539 -31.99 14.83 21.27
N PRO A 540 -32.09 13.52 21.08
CA PRO A 540 -31.72 12.52 22.10
C PRO A 540 -30.20 12.35 22.30
N ASN A 541 -29.79 12.04 23.53
CA ASN A 541 -28.39 11.72 23.79
C ASN A 541 -28.06 10.33 23.22
N ASN A 542 -26.82 10.17 22.74
CA ASN A 542 -26.34 8.89 22.24
C ASN A 542 -27.20 8.42 21.07
N PRO A 543 -27.36 9.25 20.05
CA PRO A 543 -28.28 8.91 18.95
C PRO A 543 -27.72 7.76 18.13
N ALA A 544 -28.65 7.01 17.52
CA ALA A 544 -28.30 5.81 16.77
C ALA A 544 -29.55 5.32 16.06
N ILE A 545 -29.33 4.51 15.03
CA ILE A 545 -30.36 3.75 14.33
C ILE A 545 -29.98 2.28 14.41
N ALA A 546 -30.92 1.41 14.10
CA ALA A 546 -30.60 0.00 14.12
C ALA A 546 -31.43 -0.73 13.07
N VAL A 547 -30.84 -1.77 12.49
CA VAL A 547 -31.45 -2.56 11.43
C VAL A 547 -31.39 -4.02 11.82
N ARG A 548 -32.51 -4.74 11.71
CA ARG A 548 -32.56 -6.15 12.04
C ARG A 548 -32.78 -6.99 10.78
N PHE A 549 -31.97 -8.05 10.63
CA PHE A 549 -32.03 -8.90 9.45
C PHE A 549 -32.10 -10.39 9.81
N GLY A 550 -32.58 -10.70 11.01
CA GLY A 550 -32.72 -12.08 11.41
C GLY A 550 -33.68 -12.18 12.57
N SER A 551 -33.72 -13.37 13.16
CA SER A 551 -34.60 -13.63 14.29
C SER A 551 -34.29 -12.70 15.47
N LEU A 552 -35.30 -12.54 16.33
CA LEU A 552 -35.11 -11.82 17.58
C LEU A 552 -34.37 -12.70 18.57
N VAL A 553 -33.52 -12.08 19.37
CA VAL A 553 -32.91 -12.73 20.51
C VAL A 553 -33.79 -12.46 21.71
N LYS A 554 -34.03 -13.47 22.54
CA LYS A 554 -34.97 -13.29 23.64
C LYS A 554 -34.55 -12.09 24.49
N ASN A 555 -35.54 -11.28 24.86
CA ASN A 555 -35.32 -10.11 25.72
C ASN A 555 -34.43 -9.08 25.06
N GLU A 556 -34.42 -9.03 23.73
CA GLU A 556 -33.72 -7.99 22.98
C GLU A 556 -34.63 -7.50 21.87
N ASP A 557 -35.14 -6.28 22.01
CA ASP A 557 -35.92 -5.62 20.96
C ASP A 557 -35.17 -4.38 20.47
N GLU A 558 -35.76 -3.68 19.49
CA GLU A 558 -35.14 -2.49 18.92
C GLU A 558 -34.69 -1.52 20.01
N ARG A 559 -35.47 -1.37 21.08
CA ARG A 559 -35.12 -0.44 22.15
C ARG A 559 -33.97 -0.93 23.01
N SER A 560 -33.76 -2.25 23.09
CA SER A 560 -32.57 -2.78 23.72
C SER A 560 -31.32 -2.38 22.97
N VAL A 561 -31.36 -2.48 21.64
CA VAL A 561 -30.19 -2.16 20.81
C VAL A 561 -29.95 -0.66 20.81
N LEU A 562 -31.00 0.14 20.66
CA LEU A 562 -30.79 1.57 20.54
C LEU A 562 -30.20 2.15 21.83
N ALA A 563 -30.47 1.50 22.97
CA ALA A 563 -30.00 2.04 24.25
C ALA A 563 -28.47 2.05 24.30
N VAL A 564 -27.92 3.09 24.91
CA VAL A 564 -26.48 3.20 25.09
C VAL A 564 -25.96 2.09 25.98
N THR A 565 -26.84 1.32 26.59
CA THR A 565 -26.47 0.21 27.45
C THR A 565 -26.37 -1.12 26.71
N TRP A 566 -26.67 -1.16 25.41
CA TRP A 566 -26.64 -2.42 24.66
C TRP A 566 -25.25 -3.06 24.70
N PRO A 567 -25.14 -4.35 25.02
CA PRO A 567 -23.81 -4.98 25.02
C PRO A 567 -23.13 -5.01 23.66
N GLY A 568 -23.89 -5.22 22.57
CA GLY A 568 -23.34 -5.21 21.23
C GLY A 568 -23.01 -6.59 20.68
N PRO A 569 -22.59 -6.62 19.40
CA PRO A 569 -22.41 -7.93 18.73
C PRO A 569 -21.23 -8.74 19.24
N SER A 570 -20.23 -8.09 19.83
CA SER A 570 -19.09 -8.84 20.35
C SER A 570 -19.46 -9.64 21.59
N ILE A 571 -20.22 -9.02 22.51
CA ILE A 571 -20.66 -9.72 23.71
C ILE A 571 -21.85 -10.64 23.41
N ARG A 572 -22.67 -10.26 22.43
CA ARG A 572 -23.91 -10.96 22.12
C ARG A 572 -23.89 -11.30 20.62
N PRO A 573 -22.98 -12.17 20.20
CA PRO A 573 -22.86 -12.48 18.76
C PRO A 573 -24.09 -13.14 18.20
N GLU A 574 -24.99 -13.67 19.04
CA GLU A 574 -26.20 -14.26 18.50
C GLU A 574 -27.14 -13.21 17.90
N THR A 575 -26.94 -11.93 18.23
CA THR A 575 -27.83 -10.88 17.75
C THR A 575 -27.87 -10.85 16.23
N ASN A 576 -29.00 -10.37 15.70
CA ASN A 576 -29.19 -10.14 14.27
C ASN A 576 -29.48 -8.67 13.99
N TRP A 577 -28.90 -7.81 14.81
CA TRP A 577 -29.00 -6.38 14.65
C TRP A 577 -27.66 -5.80 14.27
N ILE A 578 -27.68 -4.71 13.50
CA ILE A 578 -26.54 -3.81 13.39
C ILE A 578 -27.00 -2.44 13.86
N LYS A 579 -26.12 -1.75 14.59
CA LYS A 579 -26.41 -0.44 15.16
C LYS A 579 -25.45 0.59 14.57
N LEU A 580 -25.99 1.63 13.95
CA LEU A 580 -25.16 2.72 13.47
C LEU A 580 -25.38 3.95 14.35
N PRO A 581 -24.36 4.44 15.03
CA PRO A 581 -24.49 5.72 15.74
C PRO A 581 -24.47 6.89 14.78
N TYR A 582 -25.03 8.00 15.26
CA TYR A 582 -24.88 9.29 14.60
C TYR A 582 -24.88 10.36 15.68
N SER A 583 -24.57 11.58 15.27
CA SER A 583 -24.43 12.68 16.20
C SER A 583 -25.40 13.81 15.82
N ILE A 584 -25.80 14.59 16.82
CA ILE A 584 -26.72 15.71 16.67
C ILE A 584 -26.03 16.97 17.15
N HIS A 585 -26.21 18.07 16.42
CA HIS A 585 -25.47 19.29 16.70
C HIS A 585 -26.37 20.49 16.53
N PRO A 586 -26.13 21.56 17.28
CA PRO A 586 -27.03 22.71 17.20
C PRO A 586 -26.92 23.44 15.87
N TYR A 587 -25.70 23.64 15.41
CA TYR A 587 -25.51 24.32 14.15
C TYR A 587 -24.32 23.72 13.43
N VAL B 5 -25.99 -26.88 -29.23
CA VAL B 5 -25.41 -26.18 -28.09
C VAL B 5 -23.98 -25.76 -28.39
N GLU B 6 -23.68 -24.48 -28.19
CA GLU B 6 -22.33 -23.96 -28.43
C GLU B 6 -22.11 -22.76 -27.53
N ASN B 7 -20.98 -22.74 -26.83
CA ASN B 7 -20.74 -21.72 -25.82
C ASN B 7 -20.14 -20.44 -26.39
N ILE B 8 -19.41 -20.52 -27.50
CA ILE B 8 -18.82 -19.36 -28.15
C ILE B 8 -19.28 -19.33 -29.61
N GLN B 9 -19.09 -18.16 -30.22
CA GLN B 9 -19.42 -17.97 -31.62
C GLN B 9 -18.42 -17.00 -32.23
N VAL B 10 -18.42 -16.94 -33.55
CA VAL B 10 -17.53 -16.08 -34.33
C VAL B 10 -18.35 -15.35 -35.36
N ALA B 11 -18.03 -14.07 -35.56
CA ALA B 11 -18.73 -13.25 -36.55
C ALA B 11 -17.75 -12.21 -37.05
N GLU B 12 -17.89 -11.85 -38.32
CA GLU B 12 -17.02 -10.84 -38.90
C GLU B 12 -17.47 -9.45 -38.46
N ILE B 13 -16.51 -8.64 -38.01
CA ILE B 13 -16.80 -7.25 -37.70
C ILE B 13 -15.99 -6.37 -38.64
N THR B 14 -16.44 -5.12 -38.76
CA THR B 14 -15.76 -4.11 -39.56
C THR B 14 -15.22 -3.04 -38.62
N PRO B 15 -14.00 -3.18 -38.12
CA PRO B 15 -13.47 -2.21 -37.16
C PRO B 15 -13.41 -0.81 -37.78
N SER B 16 -13.65 0.21 -36.95
CA SER B 16 -13.57 1.58 -37.43
C SER B 16 -12.14 1.98 -37.75
N THR B 17 -11.18 1.45 -36.99
CA THR B 17 -9.75 1.74 -37.17
C THR B 17 -9.02 0.42 -37.18
N ARG B 18 -8.32 0.12 -38.27
CA ARG B 18 -7.54 -1.12 -38.35
C ARG B 18 -6.12 -0.89 -37.84
N ILE B 19 -6.03 -0.60 -36.55
CA ILE B 19 -4.76 -0.36 -35.85
C ILE B 19 -4.74 -1.24 -34.60
N VAL B 20 -3.71 -2.09 -34.48
CA VAL B 20 -3.46 -2.88 -33.29
C VAL B 20 -2.06 -2.52 -32.78
N TYR B 21 -1.71 -3.04 -31.61
CA TYR B 21 -0.46 -2.70 -30.97
C TYR B 21 0.23 -3.98 -30.52
N ARG B 22 1.46 -3.84 -30.05
CA ARG B 22 2.20 -5.03 -29.64
C ARG B 22 3.30 -4.64 -28.67
N GLY B 23 3.22 -5.16 -27.44
CA GLY B 23 4.28 -4.94 -26.47
C GLY B 23 5.45 -5.84 -26.77
N VAL B 24 6.66 -5.28 -26.73
CA VAL B 24 7.83 -6.01 -27.17
C VAL B 24 8.99 -5.70 -26.23
N SER B 25 9.95 -6.62 -26.20
CA SER B 25 11.19 -6.41 -25.49
C SER B 25 12.05 -5.40 -26.23
N PRO B 26 13.12 -4.90 -25.60
CA PRO B 26 14.04 -4.04 -26.34
C PRO B 26 14.57 -4.70 -27.61
N ALA B 27 15.03 -5.95 -27.51
CA ALA B 27 15.57 -6.63 -28.68
C ALA B 27 14.57 -6.63 -29.82
N GLU B 28 13.32 -7.03 -29.55
CA GLU B 28 12.33 -7.03 -30.62
C GLU B 28 12.06 -5.61 -31.11
N PHE B 29 11.95 -4.65 -30.19
CA PHE B 29 11.74 -3.27 -30.61
C PHE B 29 12.80 -2.82 -31.63
N ILE B 30 14.07 -3.12 -31.35
CA ILE B 30 15.13 -2.71 -32.27
C ILE B 30 14.95 -3.41 -33.61
N TYR B 31 14.59 -4.69 -33.59
CA TYR B 31 14.40 -5.43 -34.84
C TYR B 31 13.31 -4.80 -35.68
N LEU B 32 12.19 -4.44 -35.04
CA LEU B 32 11.04 -3.94 -35.78
C LEU B 32 11.29 -2.56 -36.40
N GLU B 33 12.18 -1.75 -35.84
CA GLU B 33 12.40 -0.43 -36.43
C GLU B 33 12.86 -0.52 -37.87
N GLY B 34 13.38 -1.68 -38.31
CA GLY B 34 13.93 -1.79 -39.65
C GLY B 34 13.69 -3.11 -40.36
N ASN B 35 12.87 -3.99 -39.78
CA ASN B 35 12.52 -5.25 -40.42
C ASN B 35 11.03 -5.51 -40.25
N LYS B 36 10.52 -6.42 -41.07
CA LYS B 36 9.14 -6.87 -40.96
C LYS B 36 9.05 -8.02 -39.96
N PHE B 37 7.82 -8.29 -39.52
CA PHE B 37 7.59 -9.42 -38.63
C PHE B 37 7.98 -10.71 -39.33
N SER B 38 8.57 -11.62 -38.57
CA SER B 38 9.10 -12.86 -39.11
C SER B 38 8.90 -13.99 -38.12
N ARG B 39 8.17 -15.02 -38.53
CA ARG B 39 7.99 -16.18 -37.67
C ARG B 39 9.33 -16.73 -37.21
N ALA B 40 10.34 -16.70 -38.08
CA ALA B 40 11.62 -17.33 -37.75
C ALA B 40 12.34 -16.56 -36.65
N GLN B 41 12.07 -15.27 -36.53
CA GLN B 41 12.71 -14.48 -35.49
C GLN B 41 12.09 -14.69 -34.13
N SER B 42 10.86 -15.19 -34.08
CA SER B 42 10.20 -15.39 -32.80
C SER B 42 10.60 -16.76 -32.24
N PRO B 43 11.15 -16.83 -31.03
CA PRO B 43 11.55 -18.14 -30.50
C PRO B 43 10.39 -19.06 -30.21
N THR B 44 9.26 -18.51 -29.75
CA THR B 44 8.10 -19.32 -29.44
C THR B 44 7.06 -19.33 -30.54
N GLN B 45 7.22 -18.51 -31.57
CA GLN B 45 6.20 -18.33 -32.60
C GLN B 45 4.87 -17.89 -31.99
N GLY B 46 4.91 -17.19 -30.85
CA GLY B 46 3.73 -16.63 -30.24
C GLY B 46 3.00 -17.52 -29.26
N ASN B 47 3.37 -18.80 -29.16
CA ASN B 47 2.61 -19.74 -28.35
C ASN B 47 3.20 -21.15 -28.43
N ASP B 48 3.34 -21.82 -27.28
CA ASP B 48 3.89 -23.16 -27.31
C ASP B 48 2.94 -24.14 -27.99
N ASP B 49 1.66 -23.84 -28.02
CA ASP B 49 0.70 -24.74 -28.65
C ASP B 49 0.68 -24.47 -30.15
N PRO B 50 0.98 -25.46 -30.99
CA PRO B 50 0.95 -25.21 -32.43
C PRO B 50 -0.39 -24.65 -32.90
N GLN B 51 -1.50 -25.07 -32.29
CA GLN B 51 -2.80 -24.57 -32.72
C GLN B 51 -2.87 -23.06 -32.64
N TRP B 52 -2.10 -22.45 -31.75
CA TRP B 52 -2.22 -21.04 -31.48
C TRP B 52 -1.00 -20.22 -31.90
N LYS B 53 -0.02 -20.82 -32.55
CA LYS B 53 1.17 -20.06 -32.93
C LYS B 53 0.81 -18.99 -33.96
N ALA B 54 1.15 -17.75 -33.65
CA ALA B 54 0.71 -16.59 -34.43
C ALA B 54 1.37 -15.36 -33.83
N LEU B 55 1.22 -14.22 -34.51
CA LEU B 55 1.66 -12.94 -33.95
C LEU B 55 0.52 -12.32 -33.15
N TYR B 56 0.80 -11.92 -31.92
CA TYR B 56 -0.21 -11.41 -30.99
C TYR B 56 -0.10 -9.90 -30.85
N THR B 57 -1.25 -9.23 -30.88
CA THR B 57 -1.34 -7.79 -30.77
C THR B 57 -2.50 -7.43 -29.85
N GLY B 58 -2.58 -6.15 -29.48
CA GLY B 58 -3.61 -5.70 -28.56
C GLY B 58 -4.60 -4.75 -29.21
N SER B 59 -5.76 -4.56 -28.57
CA SER B 59 -6.82 -3.71 -29.12
C SER B 59 -6.53 -2.23 -28.92
N ASP B 60 -5.67 -1.89 -27.96
CA ASP B 60 -5.19 -0.51 -27.81
C ASP B 60 -3.81 -0.56 -27.17
N ALA B 61 -3.17 0.61 -27.10
CA ALA B 61 -1.80 0.68 -26.60
C ALA B 61 -1.70 0.26 -25.14
N ASN B 62 -2.73 0.53 -24.33
CA ASN B 62 -2.65 0.21 -22.91
C ASN B 62 -2.75 -1.28 -22.67
N VAL B 63 -3.57 -1.98 -23.46
CA VAL B 63 -3.63 -3.44 -23.32
C VAL B 63 -2.29 -4.07 -23.67
N SER B 64 -1.71 -3.67 -24.79
CA SER B 64 -0.42 -4.23 -25.14
C SER B 64 0.62 -3.87 -24.10
N SER B 65 0.60 -2.63 -23.62
CA SER B 65 1.65 -2.20 -22.71
C SER B 65 1.63 -3.02 -21.44
N ARG B 66 0.47 -3.12 -20.79
CA ARG B 66 0.38 -3.76 -19.48
C ARG B 66 0.36 -5.28 -19.57
N ASN B 67 0.46 -5.86 -20.77
CA ASN B 67 0.57 -7.30 -20.90
C ASN B 67 2.00 -7.73 -21.22
N ILE B 68 2.94 -6.79 -21.26
CA ILE B 68 4.34 -7.15 -21.11
C ILE B 68 4.56 -7.65 -19.69
N THR B 69 5.37 -8.69 -19.54
CA THR B 69 5.58 -9.22 -18.19
C THR B 69 6.99 -9.02 -17.66
N ASP B 70 7.97 -8.80 -18.54
CA ASP B 70 9.36 -8.71 -18.11
C ASP B 70 10.16 -8.13 -19.26
N ASN B 71 11.34 -7.59 -18.92
CA ASN B 71 12.27 -7.00 -19.89
C ASN B 71 11.51 -6.10 -20.88
N PRO B 72 10.82 -5.08 -20.39
CA PRO B 72 10.01 -4.24 -21.29
C PRO B 72 10.88 -3.43 -22.25
N GLY B 73 10.43 -3.36 -23.51
CA GLY B 73 11.10 -2.54 -24.48
C GLY B 73 10.26 -1.36 -24.92
N GLY B 74 9.04 -1.65 -25.39
CA GLY B 74 8.13 -0.61 -25.80
C GLY B 74 6.92 -1.21 -26.48
N VAL B 75 6.12 -0.33 -27.08
CA VAL B 75 4.90 -0.72 -27.77
C VAL B 75 4.92 -0.11 -29.17
N VAL B 76 4.77 -0.97 -30.19
CA VAL B 76 4.72 -0.51 -31.58
C VAL B 76 3.29 -0.53 -32.08
N LYS B 77 3.01 0.34 -33.06
CA LYS B 77 1.70 0.53 -33.63
C LYS B 77 1.66 -0.08 -35.03
N ILE B 78 0.74 -1.01 -35.26
CA ILE B 78 0.65 -1.78 -36.49
C ILE B 78 -0.69 -1.51 -37.18
N GLU B 79 -0.63 -1.11 -38.43
CA GLU B 79 -1.80 -0.87 -39.27
C GLU B 79 -1.94 -2.03 -40.25
N TYR B 80 -3.02 -2.82 -40.12
CA TYR B 80 -3.17 -3.99 -40.97
C TYR B 80 -4.03 -3.69 -42.18
N PRO B 81 -3.94 -4.51 -43.23
CA PRO B 81 -4.60 -4.18 -44.50
C PRO B 81 -6.11 -4.26 -44.39
N SER B 82 -6.76 -3.52 -45.27
CA SER B 82 -8.20 -3.58 -45.41
C SER B 82 -8.69 -4.91 -45.95
N ASP B 83 -7.81 -5.67 -46.63
CA ASP B 83 -8.19 -6.98 -47.16
C ASP B 83 -8.65 -7.93 -46.07
N TRP B 84 -8.08 -7.82 -44.87
CA TRP B 84 -8.20 -8.89 -43.88
C TRP B 84 -9.59 -8.91 -43.27
N LYS B 85 -10.13 -10.13 -43.10
CA LYS B 85 -11.41 -10.32 -42.45
C LYS B 85 -11.18 -10.54 -40.96
N VAL B 86 -11.85 -9.71 -40.16
CA VAL B 86 -11.67 -9.70 -38.71
C VAL B 86 -12.81 -10.47 -38.07
N LEU B 87 -12.53 -11.66 -37.57
CA LEU B 87 -13.52 -12.50 -36.92
C LEU B 87 -13.41 -12.33 -35.41
N GLU B 88 -14.51 -11.96 -34.77
CA GLU B 88 -14.54 -11.80 -33.32
C GLU B 88 -15.21 -13.00 -32.67
N ILE B 89 -14.55 -13.54 -31.65
CA ILE B 89 -15.14 -14.59 -30.82
C ILE B 89 -15.92 -13.92 -29.69
N THR B 90 -17.22 -14.22 -29.59
CA THR B 90 -18.05 -13.76 -28.49
C THR B 90 -18.72 -14.96 -27.84
N SER B 91 -19.32 -14.72 -26.67
CA SER B 91 -20.04 -15.74 -25.94
C SER B 91 -21.48 -15.80 -26.43
N THR B 92 -22.05 -17.00 -26.39
CA THR B 92 -23.44 -17.18 -26.77
C THR B 92 -24.40 -16.82 -25.64
N THR B 93 -23.91 -16.78 -24.41
CA THR B 93 -24.73 -16.28 -23.31
C THR B 93 -24.67 -14.76 -23.29
N PRO B 94 -25.83 -14.07 -23.30
CA PRO B 94 -25.81 -12.62 -23.56
C PRO B 94 -25.03 -11.81 -22.53
N SER B 95 -25.30 -12.01 -21.25
CA SER B 95 -24.60 -11.25 -20.22
C SER B 95 -23.12 -11.62 -20.16
N GLN B 96 -22.80 -12.92 -20.25
CA GLN B 96 -21.42 -13.39 -20.04
C GLN B 96 -20.55 -13.00 -21.23
N LYS B 97 -19.51 -12.20 -20.96
CA LYS B 97 -18.57 -11.81 -21.99
C LYS B 97 -17.43 -12.81 -22.17
N TRP B 98 -17.19 -13.68 -21.18
CA TRP B 98 -16.11 -14.65 -21.25
C TRP B 98 -16.62 -16.07 -21.12
N HIS B 99 -16.00 -16.98 -21.86
CA HIS B 99 -16.20 -18.41 -21.72
C HIS B 99 -14.87 -19.11 -22.06
N ASN B 100 -14.54 -20.13 -21.28
CA ASN B 100 -13.23 -20.77 -21.42
C ASN B 100 -13.05 -21.41 -22.80
N ASP B 101 -14.14 -21.66 -23.53
CA ASP B 101 -14.04 -22.16 -24.90
C ASP B 101 -13.26 -21.21 -25.80
N GLY B 103 -10.47 -20.11 -25.47
CA GLY B 103 -9.06 -20.41 -25.39
C GLY B 103 -8.71 -21.83 -25.79
N GLU B 104 -9.72 -22.58 -26.22
CA GLU B 104 -9.57 -23.97 -26.65
C GLU B 104 -9.64 -24.04 -28.17
N ALA B 105 -8.64 -24.70 -28.76
CA ALA B 105 -8.58 -24.81 -30.22
C ALA B 105 -9.81 -25.52 -30.78
N TRP B 106 -10.23 -26.60 -30.13
CA TRP B 106 -11.35 -27.39 -30.66
C TRP B 106 -12.62 -26.57 -30.75
N PRO B 107 -13.13 -25.96 -29.66
CA PRO B 107 -14.37 -25.18 -29.76
C PRO B 107 -14.28 -24.00 -30.70
N VAL B 108 -13.12 -23.34 -30.80
CA VAL B 108 -12.97 -22.24 -31.73
C VAL B 108 -12.98 -22.75 -33.17
N TRP B 109 -12.35 -23.91 -33.40
CA TRP B 109 -12.42 -24.57 -34.71
C TRP B 109 -13.86 -24.75 -35.15
N ARG B 110 -14.69 -25.34 -34.29
CA ARG B 110 -16.10 -25.56 -34.61
C ARG B 110 -16.82 -24.23 -34.86
N ALA B 111 -16.52 -23.21 -34.05
CA ALA B 111 -17.21 -21.94 -34.22
C ALA B 111 -16.79 -21.23 -35.50
N VAL B 112 -15.53 -21.37 -35.90
CA VAL B 112 -15.07 -20.74 -37.13
C VAL B 112 -15.64 -21.46 -38.35
N LYS B 113 -15.65 -22.80 -38.32
CA LYS B 113 -16.23 -23.54 -39.44
C LYS B 113 -17.71 -23.24 -39.59
N LYS B 114 -18.42 -23.12 -38.48
CA LYS B 114 -19.84 -22.75 -38.55
C LYS B 114 -20.01 -21.39 -39.22
N TRP B 115 -19.12 -20.44 -38.90
CA TRP B 115 -19.17 -19.15 -39.58
C TRP B 115 -18.84 -19.29 -41.05
N ALA B 116 -17.80 -20.06 -41.38
CA ALA B 116 -17.43 -20.24 -42.78
C ALA B 116 -18.55 -20.89 -43.56
N ALA B 117 -19.32 -21.76 -42.92
CA ALA B 117 -20.37 -22.48 -43.63
C ALA B 117 -21.41 -21.52 -44.19
N SER B 118 -21.74 -20.46 -43.45
CA SER B 118 -22.74 -19.50 -43.88
C SER B 118 -22.13 -18.27 -44.54
N ASN B 119 -20.81 -18.29 -44.78
CA ASN B 119 -20.13 -17.10 -45.26
C ASN B 119 -19.11 -17.43 -46.35
N GLN B 120 -19.35 -18.50 -47.10
CA GLN B 120 -18.65 -18.78 -48.36
C GLN B 120 -17.13 -18.83 -48.18
N VAL B 121 -16.67 -19.38 -47.06
CA VAL B 121 -15.26 -19.68 -46.84
C VAL B 121 -15.10 -21.19 -46.75
N ASP B 122 -14.07 -21.72 -47.39
CA ASP B 122 -13.77 -23.14 -47.36
C ASP B 122 -12.65 -23.40 -46.36
N LEU B 123 -12.95 -24.17 -45.32
CA LEU B 123 -11.97 -24.60 -44.34
C LEU B 123 -11.95 -26.11 -44.25
N PRO B 124 -10.80 -26.70 -43.87
CA PRO B 124 -10.73 -28.16 -43.72
C PRO B 124 -11.79 -28.66 -42.75
N ASP B 125 -12.05 -29.97 -42.84
CA ASP B 125 -13.07 -30.59 -41.99
C ASP B 125 -12.41 -31.12 -40.71
N VAL B 126 -12.06 -30.18 -39.84
CA VAL B 126 -11.38 -30.51 -38.60
C VAL B 126 -12.26 -31.40 -37.73
N THR B 127 -11.65 -32.40 -37.10
CA THR B 127 -12.36 -33.31 -36.21
C THR B 127 -11.51 -33.58 -34.99
N ALA B 128 -12.12 -34.14 -33.95
CA ALA B 128 -11.33 -34.55 -32.79
C ALA B 128 -10.21 -35.51 -33.19
N SER B 129 -10.34 -36.19 -34.34
CA SER B 129 -9.35 -37.17 -34.75
C SER B 129 -8.15 -36.51 -35.44
N ASN B 130 -8.40 -35.45 -36.21
CA ASN B 130 -7.39 -34.88 -37.09
C ASN B 130 -7.02 -33.45 -36.70
N ILE B 131 -7.52 -32.96 -35.57
CA ILE B 131 -7.22 -31.58 -35.19
C ILE B 131 -5.72 -31.37 -35.10
N ASP B 132 -4.95 -32.41 -34.75
CA ASP B 132 -3.52 -32.21 -34.70
C ASP B 132 -2.93 -31.93 -36.07
N ASP B 133 -3.65 -32.28 -37.12
CA ASP B 133 -3.17 -32.07 -38.49
C ASP B 133 -3.62 -30.73 -39.08
N TYR B 134 -4.42 -29.93 -38.37
CA TYR B 134 -4.95 -28.67 -38.91
C TYR B 134 -4.80 -27.60 -37.83
N LEU B 135 -3.68 -26.88 -37.88
CA LEU B 135 -3.39 -25.87 -36.87
C LEU B 135 -4.24 -24.61 -37.10
N LEU B 136 -4.95 -24.19 -36.06
CA LEU B 136 -6.01 -23.18 -36.21
C LEU B 136 -5.52 -21.92 -36.90
N LEU B 137 -4.54 -21.24 -36.31
CA LEU B 137 -4.14 -19.94 -36.84
C LEU B 137 -3.49 -20.05 -38.22
N ASP B 138 -2.62 -21.04 -38.43
CA ASP B 138 -2.01 -21.25 -39.74
C ASP B 138 -3.07 -21.49 -40.81
N GLU B 139 -4.08 -22.30 -40.48
CA GLU B 139 -5.17 -22.53 -41.42
C GLU B 139 -5.96 -21.27 -41.68
N LEU B 140 -6.23 -20.47 -40.64
CA LEU B 140 -6.90 -19.20 -40.89
C LEU B 140 -6.04 -18.25 -41.71
N GLY B 141 -4.72 -18.42 -41.67
CA GLY B 141 -3.84 -17.54 -42.42
C GLY B 141 -3.95 -17.73 -43.92
N LYS B 142 -4.43 -18.88 -44.37
CA LYS B 142 -4.68 -19.16 -45.77
C LYS B 142 -5.98 -18.54 -46.27
N LYS B 143 -6.73 -17.87 -45.39
CA LYS B 143 -8.05 -17.36 -45.73
C LYS B 143 -8.18 -15.86 -45.46
N LYS B 144 -7.07 -15.17 -45.22
CA LYS B 144 -7.09 -13.73 -44.94
C LYS B 144 -7.89 -13.42 -43.68
N ILE B 145 -7.90 -14.34 -42.71
CA ILE B 145 -8.65 -14.19 -41.47
C ILE B 145 -7.70 -13.93 -40.32
N ILE B 146 -8.08 -12.99 -39.45
CA ILE B 146 -7.45 -12.78 -38.15
C ILE B 146 -8.54 -12.88 -37.09
N LEU B 147 -8.13 -13.23 -35.87
CA LEU B 147 -9.05 -13.48 -34.78
C LEU B 147 -9.00 -12.35 -33.77
N LYS B 148 -10.18 -11.93 -33.31
CA LYS B 148 -10.31 -11.00 -32.20
C LYS B 148 -10.92 -11.73 -31.02
N LYS B 149 -10.34 -11.51 -29.83
CA LYS B 149 -10.69 -12.33 -28.68
C LYS B 149 -10.48 -11.51 -27.41
N PRO B 150 -11.30 -11.67 -26.39
CA PRO B 150 -11.01 -10.98 -25.13
C PRO B 150 -9.70 -11.46 -24.54
N ILE B 151 -8.98 -10.53 -23.91
CA ILE B 151 -7.67 -10.86 -23.36
C ILE B 151 -7.77 -12.04 -22.39
N GLY B 152 -8.75 -12.00 -21.50
CA GLY B 152 -8.90 -13.09 -20.55
C GLY B 152 -10.10 -12.88 -19.65
N GLU B 153 -10.30 -13.87 -18.77
CA GLU B 153 -11.44 -13.86 -17.85
C GLU B 153 -11.35 -12.73 -16.83
N ASP B 154 -10.16 -12.18 -16.63
CA ASP B 154 -9.94 -11.05 -15.72
C ASP B 154 -9.63 -9.77 -16.50
N ASP B 155 -9.90 -9.76 -17.80
CA ASP B 155 -9.80 -8.58 -18.65
C ASP B 155 -10.69 -8.78 -19.88
N VAL B 156 -12.00 -8.82 -19.66
CA VAL B 156 -12.96 -9.20 -20.71
C VAL B 156 -13.27 -8.06 -21.67
N SER B 157 -13.02 -6.81 -21.29
CA SER B 157 -13.30 -5.68 -22.16
C SER B 157 -12.11 -5.25 -23.00
N SER B 158 -10.94 -5.87 -22.81
CA SER B 158 -9.81 -5.68 -23.70
C SER B 158 -9.69 -6.88 -24.63
N HIS B 159 -9.04 -6.68 -25.76
CA HIS B 159 -9.01 -7.72 -26.76
C HIS B 159 -7.61 -7.88 -27.33
N GLU B 160 -7.30 -9.12 -27.72
CA GLU B 160 -6.13 -9.41 -28.54
C GLU B 160 -6.58 -9.68 -29.97
N PHE B 161 -5.80 -9.20 -30.93
CA PHE B 161 -5.94 -9.57 -32.33
C PHE B 161 -4.86 -10.61 -32.66
N ILE B 162 -5.28 -11.79 -33.11
CA ILE B 162 -4.36 -12.89 -33.40
C ILE B 162 -4.12 -12.94 -34.89
N ILE B 163 -2.88 -12.77 -35.31
CA ILE B 163 -2.56 -12.58 -36.72
C ILE B 163 -1.74 -13.76 -37.21
N PRO B 164 -2.28 -14.62 -38.10
CA PRO B 164 -1.46 -15.70 -38.66
C PRO B 164 -0.14 -15.17 -39.22
N TRP B 165 0.94 -15.89 -38.89
CA TRP B 165 2.29 -15.47 -39.27
C TRP B 165 2.40 -15.16 -40.76
N LYS B 166 1.91 -16.06 -41.62
CA LYS B 166 2.02 -15.80 -43.06
C LYS B 166 1.39 -14.46 -43.44
N ALA B 168 1.04 -11.79 -40.99
CA ALA B 168 1.95 -10.86 -40.33
C ALA B 168 3.13 -10.52 -41.21
N GLU B 169 3.63 -11.51 -41.96
CA GLU B 169 4.84 -11.29 -42.76
C GLU B 169 4.59 -10.48 -44.03
N THR B 170 3.33 -10.22 -44.39
CA THR B 170 3.01 -9.34 -45.52
C THR B 170 2.80 -7.88 -45.12
N VAL B 171 2.94 -7.53 -43.84
CA VAL B 171 2.73 -6.16 -43.39
C VAL B 171 3.99 -5.35 -43.69
N ALA B 172 3.84 -4.26 -44.43
CA ALA B 172 5.00 -3.49 -44.87
C ALA B 172 5.65 -2.73 -43.72
N GLN B 173 6.91 -2.36 -43.92
CA GLN B 173 7.66 -1.68 -42.87
C GLN B 173 6.97 -0.39 -42.44
N ASN B 174 6.52 0.40 -43.42
CA ASN B 174 5.88 1.70 -43.18
C ASN B 174 4.54 1.58 -42.46
N LYS B 175 4.05 0.36 -42.27
CA LYS B 175 2.86 0.12 -41.45
C LYS B 175 3.20 -0.30 -40.02
N ILE B 176 4.48 -0.40 -39.69
CA ILE B 176 4.89 -0.75 -38.33
C ILE B 176 5.55 0.48 -37.72
N ASP B 177 4.78 1.18 -36.88
CA ASP B 177 5.18 2.46 -36.30
C ASP B 177 5.98 2.21 -35.02
N SER B 178 7.20 2.74 -34.97
CA SER B 178 8.03 2.68 -33.76
C SER B 178 8.67 4.04 -33.46
N THR B 179 8.07 5.12 -33.94
CA THR B 179 8.70 6.43 -33.80
C THR B 179 7.73 7.57 -33.58
N SER B 180 6.46 7.46 -33.99
CA SER B 180 5.58 8.62 -33.89
C SER B 180 5.36 9.04 -32.43
N ASP B 181 5.37 8.08 -31.50
CA ASP B 181 5.26 8.44 -30.09
C ASP B 181 6.56 8.11 -29.37
N PRO B 182 7.38 9.11 -29.00
CA PRO B 182 8.65 8.79 -28.34
C PRO B 182 8.47 8.03 -27.04
N ALA B 183 7.33 8.20 -26.37
CA ALA B 183 7.04 7.50 -25.12
C ALA B 183 6.74 6.02 -25.32
N ALA B 184 6.46 5.58 -26.55
CA ALA B 184 6.25 4.15 -26.78
C ALA B 184 7.55 3.36 -26.75
N LYS B 185 8.71 4.03 -26.69
CA LYS B 185 10.00 3.38 -26.54
C LYS B 185 10.45 3.65 -25.11
N PHE B 186 10.56 2.58 -24.31
CA PHE B 186 10.83 2.71 -22.88
C PHE B 186 12.29 2.77 -22.55
N PHE B 187 13.15 2.40 -23.50
CA PHE B 187 14.58 2.37 -23.24
C PHE B 187 15.28 3.34 -24.16
N THR B 188 16.47 3.76 -23.76
CA THR B 188 17.41 4.43 -24.64
C THR B 188 18.59 3.50 -24.91
N PRO B 189 19.34 3.71 -25.99
CA PRO B 189 20.52 2.87 -26.25
C PRO B 189 21.51 2.86 -25.09
N ASP B 190 21.61 3.97 -24.36
CA ASP B 190 22.52 4.00 -23.20
C ASP B 190 22.09 3.03 -22.11
N ASP B 191 20.78 2.76 -21.99
CA ASP B 191 20.27 1.93 -20.91
C ASP B 191 20.65 0.46 -21.02
N LEU B 192 21.06 -0.01 -22.20
CA LEU B 192 21.21 -1.43 -22.45
C LEU B 192 22.68 -1.81 -22.60
N ASP B 193 22.96 -3.08 -22.33
CA ASP B 193 24.25 -3.66 -22.68
C ASP B 193 24.26 -4.03 -24.16
N SER B 194 25.27 -3.54 -24.89
CA SER B 194 25.29 -3.71 -26.35
C SER B 194 25.23 -5.17 -26.77
N THR B 195 25.87 -6.08 -26.02
CA THR B 195 25.84 -7.49 -26.38
C THR B 195 24.53 -8.18 -26.00
N THR B 196 24.00 -7.87 -24.79
CA THR B 196 22.79 -8.53 -24.31
C THR B 196 21.51 -7.85 -24.78
N LYS B 197 21.57 -6.56 -25.12
CA LYS B 197 20.38 -5.77 -25.45
C LYS B 197 19.33 -5.86 -24.34
N GLN B 198 19.82 -5.89 -23.10
CA GLN B 198 19.01 -5.85 -21.90
C GLN B 198 19.65 -4.87 -20.93
N PRO B 199 18.88 -4.39 -19.94
CA PRO B 199 19.38 -3.31 -19.08
C PRO B 199 20.71 -3.64 -18.43
N LYS B 200 21.57 -2.62 -18.35
CA LYS B 200 22.93 -2.80 -17.83
C LYS B 200 22.95 -2.94 -16.31
N ASP B 201 22.09 -2.19 -15.62
CA ASP B 201 22.07 -2.15 -14.16
C ASP B 201 20.65 -1.82 -13.71
N GLN B 202 20.44 -1.84 -12.38
CA GLN B 202 19.10 -1.57 -11.83
C GLN B 202 18.67 -0.12 -12.07
N ALA B 203 19.62 0.82 -12.17
CA ALA B 203 19.26 2.18 -12.54
C ALA B 203 18.54 2.20 -13.88
N ALA B 204 19.14 1.59 -14.90
CA ALA B 204 18.47 1.48 -16.20
C ALA B 204 17.11 0.81 -16.06
N VAL B 205 17.00 -0.19 -15.20
CA VAL B 205 15.74 -0.91 -15.06
C VAL B 205 14.69 0.00 -14.48
N ARG B 206 15.09 0.82 -13.50
CA ARG B 206 14.15 1.74 -12.86
C ARG B 206 13.72 2.84 -13.82
N ARG B 207 14.65 3.35 -14.63
CA ARG B 207 14.29 4.33 -15.65
C ARG B 207 13.23 3.75 -16.60
N ILE B 208 13.49 2.56 -17.14
CA ILE B 208 12.57 1.93 -18.08
C ILE B 208 11.21 1.71 -17.43
N LEU B 209 11.20 1.30 -16.16
CA LEU B 209 9.93 1.02 -15.49
C LEU B 209 9.06 2.26 -15.46
N LYS B 210 9.68 3.43 -15.29
CA LYS B 210 8.92 4.68 -15.23
C LYS B 210 8.25 4.98 -16.56
N LYS B 211 9.01 4.92 -17.65
CA LYS B 211 8.43 5.14 -18.97
C LYS B 211 7.39 4.10 -19.31
N TRP B 212 7.53 2.90 -18.74
CA TRP B 212 6.57 1.82 -18.97
C TRP B 212 5.28 2.08 -18.21
N ASP B 213 5.40 2.31 -16.90
CA ASP B 213 4.26 2.74 -16.10
C ASP B 213 3.59 3.96 -16.73
N ALA B 214 4.38 4.95 -17.16
CA ALA B 214 3.79 6.13 -17.77
C ALA B 214 2.95 5.74 -18.97
N TYR B 215 3.54 4.98 -19.89
CA TYR B 215 2.84 4.63 -21.12
C TYR B 215 1.60 3.81 -20.84
N SER B 216 1.68 2.88 -19.89
CA SER B 216 0.52 2.04 -19.62
C SER B 216 -0.68 2.85 -19.21
N CYS B 217 -0.47 4.00 -18.57
CA CYS B 217 -1.55 4.81 -18.03
C CYS B 217 -2.01 5.93 -18.97
N LYS B 218 -1.30 6.16 -20.07
CA LYS B 218 -1.63 7.25 -20.98
C LYS B 218 -2.63 6.80 -22.04
N GLY B 219 -3.76 7.51 -22.13
CA GLY B 219 -4.75 7.25 -23.16
C GLY B 219 -4.89 8.39 -24.16
N ALA B 228 -7.46 11.95 -16.54
CA ALA B 228 -6.64 11.93 -17.75
C ALA B 228 -5.84 10.64 -17.82
N SER B 229 -5.20 10.29 -16.71
CA SER B 229 -4.53 9.00 -16.61
C SER B 229 -5.57 7.91 -16.43
N LEU B 230 -5.41 6.81 -17.18
CA LEU B 230 -6.25 5.65 -16.95
C LEU B 230 -5.99 5.00 -15.60
N CYS B 231 -4.83 5.25 -14.99
CA CYS B 231 -4.49 4.60 -13.73
C CYS B 231 -5.01 5.37 -12.52
N GLY B 232 -5.41 6.62 -12.71
CA GLY B 232 -5.94 7.43 -11.63
C GLY B 232 -4.91 8.37 -11.03
N ILE B 233 -5.02 8.60 -9.72
CA ILE B 233 -4.27 9.65 -9.06
C ILE B 233 -2.78 9.33 -9.10
N ASN B 234 -1.97 10.32 -9.48
CA ASN B 234 -0.53 10.16 -9.58
C ASN B 234 0.10 10.60 -8.26
N VAL B 235 0.58 9.64 -7.48
CA VAL B 235 1.20 9.94 -6.19
C VAL B 235 2.49 10.73 -6.39
N ALA B 236 3.22 10.50 -7.49
CA ALA B 236 4.49 11.18 -7.68
C ALA B 236 4.33 12.69 -7.79
N ALA B 237 3.16 13.17 -8.24
CA ALA B 237 2.98 14.61 -8.35
C ALA B 237 3.17 15.33 -7.02
N TYR B 238 3.02 14.61 -5.89
CA TYR B 238 3.03 15.27 -4.59
C TYR B 238 4.28 14.94 -3.78
N LYS B 239 5.25 14.28 -4.38
CA LYS B 239 6.48 13.93 -3.68
C LYS B 239 7.17 15.15 -3.07
N ALA B 240 7.40 16.18 -3.88
CA ALA B 240 8.11 17.35 -3.36
C ALA B 240 7.45 17.89 -2.11
N ASP B 241 6.11 17.94 -2.09
CA ASP B 241 5.41 18.47 -0.92
C ASP B 241 5.66 17.58 0.30
N ILE B 242 5.67 16.26 0.08
CA ILE B 242 5.85 15.32 1.18
C ILE B 242 7.26 15.41 1.73
N GLU B 243 8.26 15.58 0.86
CA GLU B 243 9.61 15.70 1.37
C GLU B 243 9.79 17.01 2.15
N LYS B 244 9.26 18.11 1.61
CA LYS B 244 9.37 19.39 2.31
C LYS B 244 8.66 19.33 3.66
N LEU B 245 7.50 18.66 3.72
CA LEU B 245 6.79 18.55 5.00
C LEU B 245 7.60 17.75 6.00
N ILE B 246 8.17 16.61 5.58
CA ILE B 246 8.93 15.79 6.51
C ILE B 246 10.15 16.55 7.01
N LYS B 247 10.85 17.26 6.11
CA LYS B 247 11.98 18.07 6.52
C LYS B 247 11.57 19.19 7.46
N ASP B 248 10.38 19.77 7.25
CA ASP B 248 9.92 20.84 8.13
C ASP B 248 9.65 20.33 9.54
N VAL B 249 8.98 19.17 9.65
CA VAL B 249 8.79 18.59 10.97
C VAL B 249 10.12 18.39 11.67
N TYR B 250 11.11 17.89 10.94
CA TYR B 250 12.37 17.58 11.59
C TYR B 250 13.21 18.82 11.86
N GLU B 251 12.86 19.98 11.28
CA GLU B 251 13.49 21.26 11.64
C GLU B 251 12.76 21.98 12.76
N ASP B 252 11.54 21.57 13.09
CA ASP B 252 10.81 22.11 14.22
C ASP B 252 11.55 21.77 15.51
N PRO B 253 11.90 22.77 16.32
CA PRO B 253 12.64 22.48 17.57
C PRO B 253 11.89 21.58 18.53
N ASN B 254 10.55 21.58 18.51
CA ASN B 254 9.82 20.64 19.32
C ASN B 254 10.06 19.20 18.89
N PHE B 255 10.59 18.95 17.70
CA PHE B 255 10.89 17.60 17.30
C PHE B 255 12.39 17.34 17.30
N SER B 256 13.12 18.06 18.16
CA SER B 256 14.54 17.81 18.35
C SER B 256 14.81 16.39 18.82
N ASP B 257 13.88 15.80 19.59
CA ASP B 257 14.07 14.44 20.09
C ASP B 257 14.08 13.44 18.94
N LEU B 258 13.21 13.64 17.96
CA LEU B 258 13.23 12.78 16.79
C LEU B 258 14.42 13.12 15.89
N LYS B 259 14.77 14.40 15.79
CA LYS B 259 15.83 14.78 14.87
C LYS B 259 17.15 14.14 15.26
N ASN B 260 17.51 14.22 16.54
CA ASN B 260 18.82 13.78 16.98
C ASN B 260 18.84 12.37 17.55
N ARG B 261 17.78 11.59 17.34
CA ARG B 261 17.73 10.24 17.89
C ARG B 261 18.83 9.37 17.27
N THR B 262 19.44 8.52 18.11
CA THR B 262 20.40 7.53 17.66
C THR B 262 20.00 6.18 18.22
N GLY B 263 20.80 5.16 17.91
CA GLY B 263 20.60 3.86 18.51
C GLY B 263 19.54 3.00 17.83
N GLY B 264 18.99 2.06 18.59
CA GLY B 264 18.15 1.04 18.04
C GLY B 264 16.70 1.42 17.86
N PRO B 265 15.87 0.42 17.55
CA PRO B 265 14.45 0.69 17.28
C PRO B 265 13.73 1.18 18.53
N GLN B 266 12.54 1.72 18.29
CA GLN B 266 11.62 2.12 19.36
C GLN B 266 10.28 1.47 19.06
N LYS B 267 9.88 0.51 19.90
CA LYS B 267 8.70 -0.29 19.64
C LYS B 267 7.70 -0.26 20.79
N ASP B 268 7.92 0.54 21.82
CA ASP B 268 6.93 0.67 22.88
C ASP B 268 5.70 1.40 22.32
N LYS B 269 4.56 0.72 22.32
CA LYS B 269 3.35 1.31 21.77
C LYS B 269 2.98 2.61 22.47
N ASP B 270 3.26 2.75 23.76
CA ASP B 270 2.96 4.02 24.42
C ASP B 270 3.88 5.11 23.89
N THR B 271 5.17 4.82 23.74
CA THR B 271 6.09 5.82 23.21
C THR B 271 5.63 6.32 21.83
N LEU B 272 5.29 5.39 20.94
CA LEU B 272 4.87 5.77 19.59
C LEU B 272 3.54 6.52 19.61
N LYS B 273 2.61 6.11 20.48
CA LYS B 273 1.37 6.86 20.64
C LYS B 273 1.65 8.32 21.00
N GLY B 274 2.71 8.59 21.75
CA GLY B 274 3.04 9.96 22.08
C GLY B 274 3.52 10.74 20.88
N TYR B 275 4.32 10.12 20.03
CA TYR B 275 4.73 10.75 18.78
C TYR B 275 3.53 10.99 17.88
N TYR B 276 2.60 10.03 17.84
CA TYR B 276 1.42 10.19 16.99
C TYR B 276 0.64 11.43 17.37
N GLU B 277 0.40 11.63 18.67
CA GLU B 277 -0.39 12.78 19.12
C GLU B 277 0.30 14.09 18.80
N ARG B 278 1.64 14.11 18.83
CA ARG B 278 2.40 15.31 18.49
C ARG B 278 2.53 15.48 16.97
N LEU B 279 2.68 14.35 16.24
CA LEU B 279 2.99 14.44 14.83
C LEU B 279 1.75 14.68 13.99
N LYS B 280 0.61 14.11 14.37
CA LYS B 280 -0.59 14.28 13.55
C LYS B 280 -0.98 15.75 13.40
N PRO B 281 -1.14 16.53 14.48
CA PRO B 281 -1.56 17.92 14.27
C PRO B 281 -0.51 18.72 13.52
N LYS B 282 0.78 18.41 13.74
CA LYS B 282 1.83 19.11 13.02
C LYS B 282 1.62 18.99 11.52
N VAL B 283 1.40 17.76 11.05
CA VAL B 283 1.25 17.51 9.63
C VAL B 283 0.04 18.25 9.08
N GLU B 284 -1.07 18.27 9.80
CA GLU B 284 -2.20 19.04 9.31
C GLU B 284 -1.92 20.54 9.34
N THR B 285 -1.05 20.99 10.25
CA THR B 285 -0.66 22.40 10.24
C THR B 285 0.10 22.74 8.98
N LEU B 286 1.01 21.84 8.57
CA LEU B 286 1.84 22.09 7.40
C LEU B 286 1.10 21.94 6.09
N ARG B 287 0.03 21.14 6.06
CA ARG B 287 -0.84 21.02 4.89
C ARG B 287 -2.27 20.93 5.39
N PRO B 288 -2.91 22.06 5.69
CA PRO B 288 -4.28 22.00 6.21
C PRO B 288 -5.21 21.31 5.21
N LEU B 289 -6.13 20.51 5.73
CA LEU B 289 -7.09 19.79 4.90
C LEU B 289 -8.36 20.61 4.75
N LYS B 290 -9.05 20.39 3.63
CA LYS B 290 -10.25 21.16 3.35
C LYS B 290 -11.37 20.80 4.34
N ALA B 291 -12.33 21.72 4.49
CA ALA B 291 -13.36 21.56 5.50
C ALA B 291 -14.08 20.22 5.36
N GLY B 292 -14.37 19.58 6.50
CA GLY B 292 -15.06 18.31 6.55
C GLY B 292 -14.15 17.10 6.42
N VAL B 293 -12.99 17.27 5.83
CA VAL B 293 -12.07 16.15 5.63
C VAL B 293 -11.25 15.94 6.88
N SER B 294 -11.07 14.68 7.26
CA SER B 294 -10.25 14.30 8.39
C SER B 294 -9.18 13.33 7.91
N SER B 295 -8.09 13.25 8.68
CA SER B 295 -7.03 12.33 8.33
C SER B 295 -7.56 10.90 8.43
N ALA B 296 -7.13 10.05 7.50
CA ALA B 296 -7.49 8.64 7.51
C ALA B 296 -6.48 7.80 8.29
N VAL B 297 -5.46 8.44 8.86
CA VAL B 297 -4.47 7.69 9.63
C VAL B 297 -5.07 7.33 10.98
N GLY B 298 -4.93 6.06 11.36
CA GLY B 298 -5.34 5.57 12.66
C GLY B 298 -4.11 5.31 13.53
N ALA B 299 -4.19 5.71 14.80
CA ALA B 299 -3.07 5.51 15.71
C ALA B 299 -2.66 4.05 15.77
N ALA B 300 -3.62 3.15 15.96
CA ALA B 300 -3.29 1.74 16.12
C ALA B 300 -2.62 1.20 14.87
N GLY B 301 -3.10 1.61 13.69
CA GLY B 301 -2.48 1.13 12.46
C GLY B 301 -1.10 1.71 12.24
N ALA B 302 -0.94 3.02 12.46
CA ALA B 302 0.36 3.64 12.30
C ALA B 302 1.38 3.07 13.27
N ILE B 303 0.98 2.86 14.52
CA ILE B 303 1.92 2.33 15.49
C ILE B 303 2.38 0.94 15.08
N SER B 304 1.43 0.10 14.67
CA SER B 304 1.76 -1.26 14.29
C SER B 304 2.64 -1.29 13.05
N TRP B 305 2.35 -0.41 12.08
CA TRP B 305 3.11 -0.38 10.84
C TRP B 305 4.52 0.14 11.09
N ALA B 306 4.68 1.16 11.94
CA ALA B 306 5.99 1.66 12.29
C ALA B 306 6.82 0.58 12.98
N ILE B 307 6.18 -0.23 13.84
CA ILE B 307 6.88 -1.36 14.42
C ILE B 307 7.31 -2.33 13.32
N GLY B 308 6.40 -2.62 12.39
CA GLY B 308 6.75 -3.51 11.29
C GLY B 308 7.91 -2.99 10.46
N VAL B 309 7.95 -1.68 10.22
CA VAL B 309 9.07 -1.10 9.47
C VAL B 309 10.36 -1.27 10.25
N ALA B 310 10.32 -0.97 11.56
CA ALA B 310 11.52 -1.12 12.38
C ALA B 310 12.01 -2.57 12.35
N ASP B 311 11.10 -3.52 12.58
CA ASP B 311 11.49 -4.92 12.50
C ASP B 311 12.07 -5.23 11.12
N ALA B 312 11.47 -4.67 10.07
CA ALA B 312 11.98 -4.87 8.72
C ALA B 312 13.37 -4.27 8.56
N PHE B 313 13.62 -3.11 9.16
CA PHE B 313 14.96 -2.52 9.08
C PHE B 313 15.99 -3.41 9.75
N THR B 314 15.66 -3.99 10.93
CA THR B 314 16.63 -4.83 11.61
C THR B 314 16.83 -6.15 10.89
N SER B 315 15.73 -6.83 10.54
CA SER B 315 15.84 -8.16 9.97
C SER B 315 16.57 -8.13 8.64
N GLU B 316 16.40 -7.07 7.86
CA GLU B 316 17.04 -6.97 6.56
C GLU B 316 18.35 -6.19 6.68
N ASN B 317 19.12 -6.22 5.60
CA ASN B 317 20.40 -5.51 5.55
C ASN B 317 20.13 -4.18 4.85
N VAL B 318 19.71 -3.18 5.63
CA VAL B 318 19.40 -1.87 5.04
C VAL B 318 20.73 -1.15 4.82
N SER B 319 21.24 -1.26 3.59
CA SER B 319 22.57 -0.77 3.26
C SER B 319 22.54 0.45 2.35
N SER B 320 21.36 0.98 2.04
CA SER B 320 21.26 2.16 1.20
C SER B 320 19.88 2.77 1.38
N PHE B 321 19.71 3.98 0.85
CA PHE B 321 18.41 4.63 0.86
C PHE B 321 17.38 3.79 0.10
N ASP B 322 17.72 3.39 -1.13
CA ASP B 322 16.76 2.69 -1.96
C ASP B 322 16.42 1.31 -1.41
N LYS B 323 17.36 0.69 -0.68
CA LYS B 323 17.03 -0.57 -0.01
C LYS B 323 16.07 -0.34 1.14
N ALA B 324 16.17 0.80 1.81
CA ALA B 324 15.27 1.08 2.93
C ALA B 324 13.87 1.38 2.44
N ALA B 325 13.76 2.11 1.32
CA ALA B 325 12.44 2.30 0.71
C ALA B 325 11.85 0.99 0.23
N ALA B 326 12.68 0.14 -0.39
CA ALA B 326 12.21 -1.15 -0.88
C ALA B 326 11.69 -2.01 0.27
N VAL B 327 12.42 -2.06 1.38
CA VAL B 327 11.95 -2.82 2.53
C VAL B 327 10.64 -2.24 3.05
N THR B 328 10.55 -0.91 3.16
CA THR B 328 9.34 -0.27 3.65
C THR B 328 8.15 -0.62 2.76
N ALA B 329 8.38 -0.74 1.45
CA ALA B 329 7.27 -0.92 0.52
C ALA B 329 6.63 -2.29 0.65
N ILE B 330 7.29 -3.27 1.25
CA ILE B 330 6.71 -4.59 1.38
C ILE B 330 6.41 -4.93 2.83
N VAL B 331 6.29 -3.94 3.69
CA VAL B 331 5.89 -4.19 5.07
C VAL B 331 4.36 -4.35 5.10
N PRO B 332 3.83 -5.36 5.79
CA PRO B 332 2.38 -5.55 5.77
C PRO B 332 1.68 -4.51 6.64
N GLY B 333 0.41 -4.28 6.33
CA GLY B 333 -0.42 -3.43 7.16
C GLY B 333 -0.33 -1.96 6.86
N LEU B 334 0.16 -1.56 5.69
CA LEU B 334 0.19 -0.15 5.35
C LEU B 334 -1.21 0.43 5.25
N GLY B 335 -2.20 -0.39 4.86
CA GLY B 335 -3.55 0.12 4.67
C GLY B 335 -4.18 0.58 5.97
N GLU B 336 -3.89 -0.12 7.07
CA GLU B 336 -4.41 0.29 8.36
C GLU B 336 -3.66 1.47 8.95
N CYS B 337 -2.53 1.85 8.37
CA CYS B 337 -1.83 3.06 8.74
C CYS B 337 -2.30 4.28 7.96
N VAL B 338 -2.46 4.16 6.64
CA VAL B 338 -2.74 5.35 5.83
C VAL B 338 -4.23 5.58 5.56
N GLY B 339 -5.07 4.55 5.73
CA GLY B 339 -6.51 4.67 5.58
C GLY B 339 -7.01 4.92 4.17
N ILE B 340 -6.12 5.16 3.21
CA ILE B 340 -6.52 5.53 1.86
C ILE B 340 -6.12 4.46 0.83
N ALA B 341 -5.85 3.23 1.26
CA ALA B 341 -5.46 2.21 0.30
C ALA B 341 -6.60 1.82 -0.62
N ASN B 342 -7.84 1.91 -0.14
CA ASN B 342 -9.00 1.52 -0.93
C ASN B 342 -9.85 2.68 -1.40
N ALA B 343 -9.96 3.74 -0.61
CA ALA B 343 -10.79 4.88 -0.96
C ALA B 343 -10.17 6.13 -0.36
N ILE B 344 -10.51 7.27 -0.95
CA ILE B 344 -9.99 8.56 -0.51
C ILE B 344 -11.11 9.59 -0.66
N ASP B 345 -11.22 10.49 0.31
CA ASP B 345 -12.32 11.47 0.35
C ASP B 345 -12.22 12.42 -0.85
N LYS B 346 -13.26 12.42 -1.68
CA LYS B 346 -13.25 13.23 -2.90
C LYS B 346 -13.01 14.72 -2.63
N ARG B 347 -13.24 15.20 -1.41
CA ARG B 347 -13.21 16.63 -1.15
C ARG B 347 -11.78 17.20 -1.11
N ASP B 348 -10.80 16.42 -0.68
CA ASP B 348 -9.40 16.87 -0.66
C ASP B 348 -8.48 15.67 -0.86
N PRO B 349 -8.49 15.09 -2.06
CA PRO B 349 -7.60 13.94 -2.28
C PRO B 349 -6.12 14.29 -2.19
N GLU B 350 -5.73 15.47 -2.70
CA GLU B 350 -4.32 15.86 -2.67
C GLU B 350 -3.84 16.07 -1.24
N GLY B 351 -4.58 16.85 -0.44
CA GLY B 351 -4.22 17.04 0.95
C GLY B 351 -4.14 15.73 1.72
N LEU B 352 -5.04 14.79 1.41
CA LEU B 352 -5.02 13.51 2.12
C LEU B 352 -3.79 12.70 1.74
N ILE B 353 -3.41 12.70 0.47
CA ILE B 353 -2.21 11.97 0.07
C ILE B 353 -0.98 12.52 0.78
N ILE B 354 -0.82 13.84 0.76
CA ILE B 354 0.30 14.47 1.46
C ILE B 354 0.24 14.16 2.96
N ASN B 355 -0.95 14.29 3.55
CA ASN B 355 -1.09 14.10 4.98
C ASN B 355 -0.71 12.69 5.39
N THR B 356 -1.23 11.68 4.68
CA THR B 356 -1.12 10.30 5.16
C THR B 356 0.28 9.71 4.90
N ILE B 357 0.85 9.94 3.72
CA ILE B 357 2.20 9.43 3.44
C ILE B 357 3.23 10.09 4.34
N SER B 358 3.07 11.40 4.60
CA SER B 358 3.93 12.07 5.57
C SER B 358 3.82 11.42 6.95
N ALA B 360 2.76 8.35 7.86
CA ALA B 360 3.39 7.04 7.78
C ALA B 360 4.92 7.15 7.82
N ALA B 361 5.48 8.03 7.00
CA ALA B 361 6.92 8.22 6.97
C ALA B 361 7.48 8.74 8.29
N LEU B 362 6.81 9.72 8.90
CA LEU B 362 7.30 10.29 10.15
C LEU B 362 7.21 9.28 11.28
N ALA B 364 7.45 6.07 10.93
CA ALA B 364 8.51 5.11 10.69
C ALA B 364 9.84 5.63 11.17
N SER B 365 10.13 6.91 10.88
CA SER B 365 11.39 7.50 11.31
C SER B 365 11.51 7.55 12.84
N ALA B 366 10.40 7.49 13.57
CA ALA B 366 10.46 7.46 15.02
C ALA B 366 10.77 6.08 15.57
N ALA B 367 10.48 5.03 14.81
CA ALA B 367 10.59 3.66 15.29
C ALA B 367 11.78 2.90 14.72
N VAL B 368 12.13 3.09 13.46
CA VAL B 368 13.20 2.30 12.84
C VAL B 368 14.50 2.51 13.62
N PRO B 369 15.41 1.53 13.62
CA PRO B 369 16.77 1.80 14.10
C PRO B 369 17.42 2.85 13.22
N VAL B 370 18.33 3.61 13.80
CA VAL B 370 19.03 4.69 13.11
C VAL B 370 20.36 4.11 12.63
N LEU B 371 20.41 3.75 11.35
CA LEU B 371 21.50 2.97 10.78
C LEU B 371 22.42 3.86 9.96
N ALA B 372 23.72 3.75 10.23
CA ALA B 372 24.67 4.68 9.62
C ALA B 372 24.65 4.66 8.10
N PRO B 373 24.46 3.52 7.42
CA PRO B 373 24.38 3.56 5.95
C PRO B 373 23.20 4.37 5.45
N ILE B 374 22.12 4.49 6.24
CA ILE B 374 20.94 5.22 5.79
C ILE B 374 21.15 6.71 5.94
N GLY B 375 21.73 7.14 7.06
CA GLY B 375 21.86 8.54 7.42
C GLY B 375 21.39 8.82 8.84
N VAL B 376 20.76 9.97 9.04
CA VAL B 376 20.13 10.26 10.32
C VAL B 376 18.68 9.81 10.24
N ALA B 377 17.92 10.03 11.30
CA ALA B 377 16.53 9.58 11.33
C ALA B 377 15.71 10.24 10.22
N LEU B 378 15.96 11.54 9.95
CA LEU B 378 15.29 12.21 8.85
C LEU B 378 15.44 11.45 7.54
N ASP B 379 16.63 10.91 7.28
CA ASP B 379 16.84 10.21 6.01
C ASP B 379 16.00 8.95 5.94
N ALA B 380 15.91 8.21 7.04
CA ALA B 380 15.04 7.04 7.06
C ALA B 380 13.59 7.44 6.76
N GLY B 381 13.12 8.54 7.36
CA GLY B 381 11.78 9.00 7.05
C GLY B 381 11.58 9.30 5.57
N LEU B 382 12.53 10.00 4.95
CA LEU B 382 12.44 10.21 3.51
C LEU B 382 12.42 8.89 2.75
N ALA B 383 13.23 7.91 3.20
CA ALA B 383 13.21 6.61 2.56
C ALA B 383 11.86 5.96 2.69
N ALA B 384 11.27 6.04 3.89
CA ALA B 384 9.95 5.46 4.10
C ALA B 384 8.89 6.16 3.26
N ALA B 385 9.00 7.48 3.13
CA ALA B 385 8.10 8.21 2.24
C ALA B 385 8.17 7.69 0.81
N GLN B 386 9.38 7.42 0.30
CA GLN B 386 9.50 6.92 -1.08
C GLN B 386 8.86 5.56 -1.23
N GLY B 387 9.06 4.67 -0.26
CA GLY B 387 8.47 3.35 -0.32
C GLY B 387 6.97 3.39 -0.28
N VAL B 388 6.42 4.15 0.68
CA VAL B 388 4.97 4.26 0.79
C VAL B 388 4.37 4.84 -0.49
N ALA B 389 4.98 5.90 -1.02
CA ALA B 389 4.49 6.49 -2.27
C ALA B 389 4.52 5.48 -3.39
N THR B 390 5.62 4.72 -3.52
CA THR B 390 5.68 3.69 -4.54
C THR B 390 4.51 2.72 -4.41
N VAL B 391 4.23 2.26 -3.19
CA VAL B 391 3.11 1.33 -3.00
C VAL B 391 1.81 1.97 -3.46
N LEU B 392 1.46 3.12 -2.90
CA LEU B 392 0.17 3.73 -3.21
C LEU B 392 0.08 4.18 -4.66
N GLU B 393 1.21 4.34 -5.34
CA GLU B 393 1.18 4.77 -6.74
C GLU B 393 0.52 3.72 -7.61
N TYR B 394 0.68 2.45 -7.25
CA TYR B 394 0.23 1.34 -8.06
C TYR B 394 -1.18 0.90 -7.69
N LEU B 395 -1.84 1.62 -6.80
CA LEU B 395 -3.21 1.35 -6.43
C LEU B 395 -4.12 2.37 -7.08
N GLU B 396 -5.31 1.92 -7.46
CA GLU B 396 -6.33 2.81 -8.00
C GLU B 396 -7.13 3.37 -6.83
N ILE B 397 -6.55 4.39 -6.20
CA ILE B 397 -7.27 5.14 -5.18
C ILE B 397 -8.19 6.14 -5.89
N GLY B 398 -9.30 6.46 -5.23
CA GLY B 398 -10.25 7.43 -5.75
C GLY B 398 -11.17 6.92 -6.84
N GLN B 399 -10.96 5.69 -7.37
CA GLN B 399 -11.91 5.16 -8.33
C GLN B 399 -12.72 4.03 -7.68
N PRO B 400 -13.95 3.82 -8.15
CA PRO B 400 -14.82 2.82 -7.53
C PRO B 400 -14.30 1.41 -7.72
N ALA B 401 -14.51 0.60 -6.69
CA ALA B 401 -13.99 -0.76 -6.66
C ALA B 401 -14.73 -1.67 -7.64
N ARG B 402 -13.97 -2.50 -8.34
CA ARG B 402 -14.59 -3.42 -9.26
C ARG B 402 -15.26 -4.55 -8.50
N THR B 403 -16.28 -5.12 -9.10
CA THR B 403 -16.85 -6.36 -8.57
C THR B 403 -15.85 -7.49 -8.79
N PRO B 404 -15.30 -8.09 -7.74
CA PRO B 404 -14.29 -9.15 -7.95
C PRO B 404 -14.93 -10.41 -8.51
N LEU B 405 -14.09 -11.25 -9.11
CA LEU B 405 -14.60 -12.47 -9.69
C LEU B 405 -14.99 -13.45 -8.58
N PRO B 406 -16.04 -14.22 -8.77
CA PRO B 406 -16.36 -15.25 -7.77
C PRO B 406 -15.20 -16.22 -7.64
N VAL B 407 -14.97 -16.69 -6.41
CA VAL B 407 -13.88 -17.60 -6.11
C VAL B 407 -14.45 -18.85 -5.47
N SER B 408 -13.61 -19.88 -5.34
CA SER B 408 -14.00 -21.15 -4.74
C SER B 408 -12.80 -21.75 -4.01
N SER B 409 -13.09 -22.58 -3.01
CA SER B 409 -12.06 -23.32 -2.27
C SER B 409 -11.02 -22.39 -1.67
N PRO B 410 -11.44 -21.36 -0.94
CA PRO B 410 -10.48 -20.40 -0.40
C PRO B 410 -9.67 -20.97 0.76
N LYS B 411 -8.48 -20.40 0.93
CA LYS B 411 -7.65 -20.68 2.10
C LYS B 411 -7.04 -19.36 2.57
N THR B 412 -7.21 -19.08 3.86
CA THR B 412 -6.84 -17.81 4.47
C THR B 412 -5.72 -18.03 5.49
N HIS B 413 -4.77 -17.12 5.51
CA HIS B 413 -3.70 -17.17 6.49
C HIS B 413 -3.19 -15.76 6.72
N LYS B 414 -3.18 -15.33 7.99
CA LYS B 414 -2.72 -14.00 8.36
C LYS B 414 -3.44 -12.90 7.58
N GLY B 415 -4.76 -13.03 7.42
CA GLY B 415 -5.57 -12.03 6.76
C GLY B 415 -5.49 -11.97 5.24
N VAL B 416 -4.78 -12.87 4.58
CA VAL B 416 -4.74 -12.96 3.13
C VAL B 416 -5.51 -14.19 2.71
N THR B 417 -6.22 -14.12 1.58
CA THR B 417 -7.03 -15.24 1.11
C THR B 417 -6.68 -15.54 -0.34
N ALA B 418 -6.24 -16.77 -0.59
CA ALA B 418 -6.07 -17.26 -1.96
C ALA B 418 -7.21 -18.21 -2.30
N ALA B 419 -7.71 -18.10 -3.52
CA ALA B 419 -8.83 -18.91 -3.96
C ALA B 419 -8.82 -19.02 -5.48
N TRP B 420 -9.50 -20.04 -5.98
CA TRP B 420 -9.57 -20.31 -7.40
C TRP B 420 -10.73 -19.56 -8.04
N VAL B 421 -10.44 -18.95 -9.19
CA VAL B 421 -11.45 -18.39 -10.09
C VAL B 421 -11.80 -19.47 -11.10
N GLY B 422 -13.10 -19.77 -11.24
CA GLY B 422 -13.50 -20.80 -12.19
C GLY B 422 -13.04 -22.19 -11.75
N SER B 423 -12.68 -23.02 -12.71
CA SER B 423 -12.19 -24.37 -12.43
C SER B 423 -10.67 -24.39 -12.37
N GLU B 424 -10.13 -24.87 -11.25
CA GLU B 424 -8.69 -25.02 -11.10
C GLU B 424 -8.16 -26.30 -11.75
N ARG B 425 -9.05 -27.23 -12.10
CA ARG B 425 -8.62 -28.48 -12.69
C ARG B 425 -7.96 -28.24 -14.04
N ILE B 426 -6.90 -29.01 -14.31
CA ILE B 426 -6.18 -28.96 -15.59
C ILE B 426 -6.44 -30.29 -16.32
N ILE B 427 -7.05 -30.21 -17.50
CA ILE B 427 -7.38 -31.39 -18.31
C ILE B 427 -6.32 -31.53 -19.40
N ALA B 428 -5.79 -32.74 -19.56
CA ALA B 428 -4.70 -32.95 -20.51
C ALA B 428 -5.20 -32.85 -21.96
N HIS B 429 -6.22 -33.64 -22.30
CA HIS B 429 -6.78 -33.69 -23.64
C HIS B 429 -8.12 -32.99 -23.68
N ARG B 430 -8.27 -31.99 -24.54
CA ARG B 430 -9.50 -31.20 -24.65
C ARG B 430 -9.83 -30.88 -26.10
N PRO B 431 -9.96 -31.91 -26.96
CA PRO B 431 -9.83 -33.35 -26.72
C PRO B 431 -8.42 -33.89 -26.95
N ARG B 432 -7.50 -33.01 -27.34
CA ARG B 432 -6.10 -33.33 -27.56
C ARG B 432 -5.24 -32.44 -26.69
N PRO B 433 -3.97 -32.79 -26.47
CA PRO B 433 -3.12 -31.95 -25.60
C PRO B 433 -2.96 -30.54 -26.19
N GLY B 434 -2.77 -29.58 -25.31
CA GLY B 434 -2.61 -28.21 -25.76
C GLY B 434 -2.34 -27.26 -24.61
N ARG B 436 -3.19 -25.12 -21.53
CA ARG B 436 -4.22 -25.11 -20.48
C ARG B 436 -3.85 -24.05 -19.44
N GLN B 437 -4.86 -23.61 -18.67
CA GLN B 437 -4.60 -22.55 -17.71
C GLN B 437 -5.66 -22.58 -16.62
N HIS B 438 -5.29 -22.01 -15.46
CA HIS B 438 -6.20 -21.77 -14.36
C HIS B 438 -5.82 -20.47 -13.68
N ILE B 439 -6.73 -19.94 -12.86
CA ILE B 439 -6.61 -18.60 -12.29
C ILE B 439 -6.90 -18.68 -10.79
N PHE B 440 -6.04 -18.09 -9.99
CA PHE B 440 -6.36 -17.83 -8.59
C PHE B 440 -6.23 -16.34 -8.32
N SER B 441 -6.89 -15.87 -7.26
CA SER B 441 -6.76 -14.49 -6.84
C SER B 441 -6.26 -14.44 -5.40
N VAL B 442 -5.56 -13.35 -5.09
CA VAL B 442 -5.09 -13.09 -3.74
C VAL B 442 -5.87 -11.89 -3.20
N SER B 443 -6.46 -12.06 -2.02
CA SER B 443 -7.41 -11.11 -1.47
C SER B 443 -7.04 -10.75 -0.05
N ILE B 444 -7.73 -9.75 0.48
CA ILE B 444 -7.72 -9.44 1.90
C ILE B 444 -8.98 -10.04 2.51
N ASP B 445 -8.83 -10.78 3.60
CA ASP B 445 -10.01 -11.24 4.32
C ASP B 445 -10.81 -10.04 4.79
N SER B 446 -12.13 -10.05 4.52
CA SER B 446 -12.97 -8.92 4.90
C SER B 446 -13.02 -8.71 6.41
N SER B 447 -12.60 -9.69 7.22
CA SER B 447 -12.54 -9.49 8.66
C SER B 447 -11.77 -8.22 9.01
N LYS B 448 -10.71 -7.91 8.23
CA LYS B 448 -9.96 -6.67 8.38
C LYS B 448 -10.04 -5.92 7.06
N PRO B 449 -11.04 -5.06 6.88
CA PRO B 449 -11.28 -4.46 5.56
C PRO B 449 -10.12 -3.64 5.02
N GLU B 450 -9.34 -2.98 5.87
CA GLU B 450 -8.27 -2.11 5.38
C GLU B 450 -6.89 -2.76 5.48
N TYR B 451 -6.83 -4.03 5.84
CA TYR B 451 -5.54 -4.69 5.87
C TYR B 451 -4.93 -4.72 4.49
N THR B 452 -3.63 -4.95 4.45
CA THR B 452 -2.83 -4.77 3.26
C THR B 452 -1.63 -5.67 3.39
N ALA B 453 -1.23 -6.30 2.28
CA ALA B 453 -0.08 -7.19 2.31
C ALA B 453 0.58 -7.21 0.93
N PRO B 454 1.90 -7.37 0.88
CA PRO B 454 2.58 -7.41 -0.40
C PRO B 454 2.48 -8.79 -1.04
N LEU B 455 2.40 -8.80 -2.37
CA LEU B 455 2.56 -10.03 -3.14
C LEU B 455 4.01 -10.09 -3.57
N ILE B 456 4.78 -11.00 -2.98
CA ILE B 456 6.20 -11.07 -3.23
C ILE B 456 6.54 -12.11 -4.30
N GLU B 457 5.92 -13.29 -4.25
CA GLU B 457 6.14 -14.29 -5.29
C GLU B 457 5.00 -15.28 -5.32
N VAL B 458 4.86 -15.93 -6.48
CA VAL B 458 3.91 -17.03 -6.64
C VAL B 458 4.63 -18.16 -7.36
N ALA B 459 4.27 -19.40 -7.01
CA ALA B 459 4.97 -20.57 -7.53
C ALA B 459 3.96 -21.64 -7.91
N GLY B 460 4.42 -22.58 -8.72
CA GLY B 460 3.62 -23.75 -9.05
C GLY B 460 4.49 -24.95 -9.37
N VAL B 461 3.84 -26.11 -9.39
CA VAL B 461 4.52 -27.34 -9.78
C VAL B 461 4.62 -27.43 -11.30
N ARG B 462 5.55 -28.26 -11.77
CA ARG B 462 5.73 -28.56 -13.19
C ARG B 462 6.14 -30.02 -13.34
N ALA B 463 5.97 -30.55 -14.54
CA ALA B 463 6.56 -31.83 -14.89
C ALA B 463 7.06 -31.71 -16.32
N ASP B 464 8.38 -31.77 -16.49
CA ASP B 464 8.94 -31.58 -17.82
C ASP B 464 8.40 -32.62 -18.77
N GLY B 465 7.91 -32.16 -19.92
CA GLY B 465 7.27 -32.99 -20.92
C GLY B 465 5.82 -33.34 -20.64
N LYS B 466 5.28 -32.96 -19.49
CA LYS B 466 3.94 -33.40 -19.10
C LYS B 466 3.04 -32.22 -18.77
N LEU B 467 3.54 -31.32 -17.93
CA LEU B 467 2.91 -30.04 -17.65
C LEU B 467 4.02 -29.00 -17.68
N ASP B 468 4.15 -28.27 -18.79
CA ASP B 468 5.23 -27.30 -18.94
C ASP B 468 4.69 -25.89 -18.78
N PRO B 469 5.10 -25.14 -17.78
CA PRO B 469 4.62 -23.76 -17.65
C PRO B 469 5.08 -22.93 -18.82
N SER B 470 4.18 -22.10 -19.32
CA SER B 470 4.51 -21.26 -20.45
C SER B 470 4.80 -19.86 -19.97
N PRO B 471 6.06 -19.47 -19.78
CA PRO B 471 6.34 -18.15 -19.18
C PRO B 471 5.76 -17.01 -19.98
N GLU B 472 5.60 -17.20 -21.29
CA GLU B 472 5.09 -16.14 -22.16
C GLU B 472 3.65 -15.78 -21.83
N TRP B 473 2.88 -16.72 -21.29
CA TRP B 473 1.45 -16.50 -21.09
C TRP B 473 1.02 -16.50 -19.63
N ILE B 474 1.96 -16.56 -18.69
CA ILE B 474 1.62 -16.28 -17.31
C ILE B 474 1.29 -14.80 -17.18
N ARG B 475 0.32 -14.47 -16.33
CA ARG B 475 -0.08 -13.08 -16.18
C ARG B 475 -0.46 -12.80 -14.73
N ILE B 476 -0.13 -11.59 -14.28
CA ILE B 476 -0.58 -11.07 -12.98
C ILE B 476 -1.27 -9.74 -13.22
N ARG B 477 -2.53 -9.63 -12.80
CA ARG B 477 -3.38 -8.48 -13.11
C ARG B 477 -4.00 -7.89 -11.85
N GLN B 478 -4.24 -6.58 -11.89
CA GLN B 478 -4.85 -5.89 -10.77
C GLN B 478 -5.67 -4.70 -11.24
N ASN B 479 -5.02 -3.75 -11.90
CA ASN B 479 -5.67 -2.57 -12.44
C ASN B 479 -5.04 -2.25 -13.78
N HIS B 480 -4.81 -0.98 -14.09
CA HIS B 480 -4.23 -0.65 -15.38
C HIS B 480 -2.71 -0.75 -15.40
N TYR B 481 -2.06 -0.86 -14.26
CA TYR B 481 -0.60 -0.94 -14.24
C TYR B 481 -0.14 -2.33 -14.68
N PRO B 482 0.96 -2.41 -15.44
CA PRO B 482 1.62 -3.70 -15.63
C PRO B 482 2.10 -4.25 -14.30
N ILE B 483 2.25 -5.57 -14.23
CA ILE B 483 2.82 -6.18 -13.03
C ILE B 483 3.99 -7.06 -13.45
N PRO B 484 5.21 -6.53 -13.51
CA PRO B 484 6.35 -7.33 -13.95
C PRO B 484 6.69 -8.44 -12.98
N PHE B 485 7.19 -9.54 -13.54
CA PHE B 485 7.71 -10.63 -12.73
C PHE B 485 8.80 -11.38 -13.51
N ARG B 486 9.71 -11.98 -12.76
CA ARG B 486 10.79 -12.79 -13.33
CA ARG B 486 10.78 -12.80 -13.34
C ARG B 486 10.46 -14.26 -13.17
N PHE B 487 10.23 -14.95 -14.29
CA PHE B 487 9.92 -16.37 -14.30
C PHE B 487 11.21 -17.19 -14.14
N GLU B 488 11.14 -18.26 -13.36
CA GLU B 488 12.33 -19.04 -13.03
C GLU B 488 11.96 -20.51 -12.85
N LYS B 489 12.51 -21.38 -13.70
CA LYS B 489 12.44 -22.83 -13.48
C LYS B 489 13.43 -23.21 -12.39
N LEU B 490 12.94 -23.93 -11.38
CA LEU B 490 13.72 -24.21 -10.20
C LEU B 490 14.40 -25.57 -10.28
N SER B 491 15.46 -25.73 -9.49
CA SER B 491 16.13 -27.01 -9.38
C SER B 491 15.41 -27.92 -8.40
N GLY B 492 15.58 -29.20 -8.59
CA GLY B 492 14.97 -30.13 -7.66
C GLY B 492 13.91 -30.99 -8.30
N ASP B 493 13.73 -32.18 -7.72
CA ASP B 493 12.72 -33.11 -8.18
C ASP B 493 11.61 -33.36 -7.16
N SER B 494 11.65 -32.70 -6.01
CA SER B 494 10.76 -33.02 -4.90
C SER B 494 10.24 -31.76 -4.25
N PRO B 495 9.36 -31.02 -4.96
CA PRO B 495 8.84 -31.30 -6.30
C PRO B 495 9.54 -30.49 -7.39
N TYR B 496 9.26 -30.79 -8.66
CA TYR B 496 9.63 -29.94 -9.77
C TYR B 496 8.72 -28.72 -9.81
N ALA B 497 9.30 -27.52 -9.93
CA ALA B 497 8.52 -26.33 -9.67
C ALA B 497 9.08 -25.16 -10.47
N PHE B 498 8.33 -24.07 -10.43
CA PHE B 498 8.68 -22.81 -11.08
C PHE B 498 8.17 -21.70 -10.20
N ARG B 499 8.75 -20.51 -10.36
CA ARG B 499 8.34 -19.42 -9.51
C ARG B 499 8.42 -18.12 -10.29
N CYS B 500 7.52 -17.20 -9.94
CA CYS B 500 7.47 -15.85 -10.49
C CYS B 500 7.73 -14.87 -9.36
N VAL B 501 8.84 -14.13 -9.44
CA VAL B 501 9.17 -13.14 -8.42
C VAL B 501 8.74 -11.77 -8.95
N LEU B 502 7.90 -11.07 -8.18
CA LEU B 502 7.42 -9.78 -8.65
C LEU B 502 8.54 -8.74 -8.59
N LEU B 503 8.58 -7.86 -9.60
CA LEU B 503 9.70 -6.97 -9.84
C LEU B 503 9.48 -5.52 -9.41
N ARG B 504 8.30 -5.18 -8.90
CA ARG B 504 8.04 -3.91 -8.27
C ARG B 504 7.02 -4.15 -7.15
N PRO B 505 6.96 -3.26 -6.14
CA PRO B 505 6.05 -3.50 -5.00
C PRO B 505 4.59 -3.66 -5.40
N THR B 506 4.03 -4.86 -5.22
CA THR B 506 2.67 -5.19 -5.61
C THR B 506 1.88 -5.48 -4.35
N THR B 507 0.81 -4.72 -4.12
CA THR B 507 0.11 -4.74 -2.83
C THR B 507 -1.32 -5.23 -3.01
N ILE B 508 -1.74 -6.15 -2.15
CA ILE B 508 -3.09 -6.70 -2.15
C ILE B 508 -4.00 -5.80 -1.30
N THR B 509 -5.11 -5.36 -1.89
CA THR B 509 -6.09 -4.59 -1.14
C THR B 509 -7.45 -5.29 -1.19
N ARG B 510 -8.36 -4.82 -0.35
CA ARG B 510 -9.71 -5.36 -0.35
C ARG B 510 -10.45 -5.05 -1.64
N THR B 511 -10.27 -3.82 -2.17
CA THR B 511 -10.96 -3.38 -3.37
C THR B 511 -10.23 -3.75 -4.66
N GLU B 512 -8.95 -4.14 -4.57
CA GLU B 512 -8.15 -4.47 -5.74
C GLU B 512 -7.36 -5.75 -5.49
N PRO B 513 -8.01 -6.91 -5.57
CA PRO B 513 -7.27 -8.16 -5.45
C PRO B 513 -6.38 -8.40 -6.67
N VAL B 514 -5.44 -9.32 -6.53
CA VAL B 514 -4.50 -9.64 -7.60
C VAL B 514 -4.89 -10.99 -8.21
N TYR B 515 -4.93 -11.05 -9.53
CA TYR B 515 -5.29 -12.26 -10.26
C TYR B 515 -4.06 -12.83 -10.94
N VAL B 516 -3.77 -14.10 -10.67
CA VAL B 516 -2.61 -14.77 -11.28
C VAL B 516 -3.11 -15.86 -12.23
N THR B 517 -2.67 -15.80 -13.48
CA THR B 517 -2.98 -16.81 -14.47
C THR B 517 -1.74 -17.66 -14.77
N PHE B 518 -1.83 -18.96 -14.54
CA PHE B 518 -0.78 -19.91 -14.92
C PHE B 518 -1.24 -20.69 -16.15
N ALA B 519 -0.39 -20.80 -17.14
CA ALA B 519 -0.68 -21.54 -18.36
C ALA B 519 0.36 -22.64 -18.55
N TYR B 520 -0.09 -23.82 -18.94
CA TYR B 520 0.83 -24.92 -19.15
C TYR B 520 0.52 -25.64 -20.45
N THR B 522 0.14 -29.32 -22.05
CA THR B 522 -0.09 -30.73 -21.78
C THR B 522 0.36 -31.56 -22.99
N SER B 523 0.58 -32.84 -22.73
CA SER B 523 1.10 -33.73 -23.77
C SER B 523 0.41 -35.08 -23.68
N ASP B 524 0.72 -35.94 -24.64
CA ASP B 524 0.31 -37.33 -24.54
C ASP B 524 0.99 -38.06 -23.39
N THR B 526 1.31 -36.63 -20.29
CA THR B 526 0.88 -36.06 -19.01
C THR B 526 0.21 -37.12 -18.13
N CYS B 527 -0.63 -37.97 -18.74
CA CYS B 527 -1.38 -38.95 -17.98
C CYS B 527 -1.12 -40.35 -18.54
N ARG B 528 -0.87 -41.30 -17.64
CA ARG B 528 -0.55 -42.66 -18.05
C ARG B 528 -1.79 -43.34 -18.63
N THR B 529 -1.63 -43.96 -19.80
CA THR B 529 -2.68 -44.75 -20.43
C THR B 529 -2.91 -46.01 -19.61
N GLY B 530 -3.57 -47.01 -20.21
CA GLY B 530 -4.03 -48.13 -19.41
C GLY B 530 -4.72 -47.58 -18.17
N GLU B 531 -4.17 -47.86 -16.99
CA GLU B 531 -4.74 -47.27 -15.78
C GLU B 531 -3.65 -47.31 -14.70
N SER B 532 -2.89 -46.21 -14.60
CA SER B 532 -2.16 -45.98 -13.36
C SER B 532 -3.14 -45.75 -12.21
N ASP B 533 -4.39 -45.42 -12.56
CA ASP B 533 -5.54 -45.12 -11.74
C ASP B 533 -6.51 -44.39 -12.66
N PRO B 534 -7.81 -44.65 -12.59
CA PRO B 534 -8.75 -43.79 -13.31
C PRO B 534 -8.82 -42.39 -12.71
N ASN B 535 -8.13 -41.41 -13.31
CA ASN B 535 -8.08 -39.97 -12.99
C ASN B 535 -6.98 -39.61 -11.99
N LYS B 536 -6.29 -40.59 -11.42
CA LYS B 536 -5.09 -40.35 -10.62
C LYS B 536 -3.83 -40.89 -11.31
N ALA B 537 -3.86 -40.95 -12.65
CA ALA B 537 -2.73 -41.38 -13.45
C ALA B 537 -2.00 -40.23 -14.13
N CYS B 538 -2.00 -39.03 -13.53
CA CYS B 538 -1.38 -37.88 -14.17
C CYS B 538 -0.21 -37.35 -13.36
N SER B 539 0.71 -36.70 -14.05
CA SER B 539 1.86 -36.08 -13.44
C SER B 539 1.83 -34.59 -13.77
N PRO B 540 2.28 -33.74 -12.85
CA PRO B 540 2.84 -34.07 -11.53
C PRO B 540 1.84 -34.57 -10.49
N ASN B 541 2.27 -35.51 -9.64
CA ASN B 541 1.46 -35.91 -8.50
C ASN B 541 1.35 -34.77 -7.48
N ASN B 542 0.21 -34.74 -6.79
CA ASN B 542 0.00 -33.79 -5.69
C ASN B 542 0.19 -32.35 -6.17
N PRO B 543 -0.55 -31.94 -7.20
CA PRO B 543 -0.33 -30.60 -7.77
C PRO B 543 -0.79 -29.50 -6.82
N ALA B 544 -0.13 -28.36 -6.92
CA ALA B 544 -0.46 -27.23 -6.07
C ALA B 544 0.22 -25.97 -6.62
N ILE B 545 -0.30 -24.82 -6.18
CA ILE B 545 0.33 -23.51 -6.36
C ILE B 545 0.50 -22.89 -4.98
N ALA B 546 1.37 -21.90 -4.89
CA ALA B 546 1.65 -21.28 -3.60
C ALA B 546 1.85 -19.78 -3.79
N VAL B 547 1.50 -19.01 -2.76
CA VAL B 547 1.55 -17.56 -2.79
C VAL B 547 2.26 -17.08 -1.54
N ARG B 548 3.25 -16.20 -1.71
CA ARG B 548 3.95 -15.61 -0.57
C ARG B 548 3.64 -14.13 -0.49
N PHE B 549 3.25 -13.68 0.72
CA PHE B 549 2.85 -12.30 1.01
C PHE B 549 3.58 -11.73 2.21
N GLY B 550 4.71 -12.32 2.58
CA GLY B 550 5.54 -11.83 3.66
C GLY B 550 6.92 -12.42 3.60
N SER B 551 7.66 -12.25 4.69
CA SER B 551 9.05 -12.70 4.75
C SER B 551 9.17 -14.22 4.72
N LEU B 552 10.29 -14.69 4.18
CA LEU B 552 10.54 -16.12 4.18
C LEU B 552 10.84 -16.59 5.60
N VAL B 553 10.59 -17.87 5.83
CA VAL B 553 10.99 -18.55 7.05
C VAL B 553 12.20 -19.41 6.74
N LYS B 554 13.19 -19.39 7.61
CA LYS B 554 14.44 -20.07 7.33
C LYS B 554 14.19 -21.54 6.95
N ASN B 555 14.80 -21.96 5.85
CA ASN B 555 14.70 -23.33 5.34
C ASN B 555 13.30 -23.69 4.82
N GLU B 556 12.52 -22.69 4.41
CA GLU B 556 11.23 -22.92 3.78
C GLU B 556 11.16 -22.02 2.55
N ASP B 557 11.19 -22.61 1.36
CA ASP B 557 10.99 -21.85 0.13
C ASP B 557 9.76 -22.37 -0.64
N GLU B 558 9.54 -21.81 -1.83
CA GLU B 558 8.42 -22.25 -2.66
C GLU B 558 8.37 -23.77 -2.79
N ARG B 559 9.52 -24.43 -2.96
CA ARG B 559 9.52 -25.87 -3.13
C ARG B 559 9.20 -26.60 -1.83
N SER B 560 9.56 -26.02 -0.68
CA SER B 560 9.10 -26.59 0.58
C SER B 560 7.58 -26.61 0.64
N VAL B 561 6.95 -25.45 0.38
CA VAL B 561 5.50 -25.37 0.45
C VAL B 561 4.85 -26.28 -0.58
N LEU B 562 5.30 -26.19 -1.83
CA LEU B 562 4.64 -26.97 -2.89
C LEU B 562 4.71 -28.47 -2.65
N ALA B 563 5.67 -28.94 -1.88
CA ALA B 563 5.84 -30.38 -1.70
C ALA B 563 4.71 -30.97 -0.85
N VAL B 564 4.36 -32.22 -1.13
CA VAL B 564 3.29 -32.86 -0.38
C VAL B 564 3.64 -33.04 1.10
N THR B 565 4.92 -32.89 1.45
CA THR B 565 5.41 -33.08 2.81
C THR B 565 5.37 -31.81 3.67
N TRP B 566 4.83 -30.72 3.16
CA TRP B 566 4.83 -29.43 3.87
C TRP B 566 4.00 -29.51 5.14
N PRO B 567 4.50 -29.04 6.28
CA PRO B 567 3.71 -29.14 7.51
C PRO B 567 2.44 -28.30 7.51
N GLY B 568 2.40 -27.17 6.79
CA GLY B 568 1.22 -26.33 6.73
C GLY B 568 1.12 -25.24 7.79
N PRO B 569 0.15 -24.35 7.63
CA PRO B 569 0.08 -23.14 8.48
C PRO B 569 -0.22 -23.41 9.94
N SER B 570 -0.87 -24.53 10.27
CA SER B 570 -1.18 -24.77 11.67
C SER B 570 0.08 -25.15 12.44
N ILE B 571 0.91 -26.02 11.87
CA ILE B 571 2.18 -26.35 12.52
C ILE B 571 3.18 -25.22 12.40
N ARG B 572 3.12 -24.46 11.30
CA ARG B 572 4.03 -23.34 11.02
C ARG B 572 3.24 -22.04 10.86
N PRO B 573 2.59 -21.57 11.93
CA PRO B 573 1.89 -20.29 11.83
C PRO B 573 2.79 -19.16 11.39
N GLU B 574 4.10 -19.24 11.60
CA GLU B 574 4.99 -18.17 11.16
C GLU B 574 5.04 -18.03 9.64
N THR B 575 4.67 -19.08 8.90
CA THR B 575 4.79 -19.02 7.45
C THR B 575 3.95 -17.86 6.90
N ASN B 576 4.44 -17.28 5.80
CA ASN B 576 3.74 -16.27 5.01
C ASN B 576 3.36 -16.78 3.64
N TRP B 577 3.06 -18.07 3.55
CA TRP B 577 2.63 -18.72 2.32
C TRP B 577 1.18 -19.17 2.46
N ILE B 578 0.48 -19.22 1.32
CA ILE B 578 -0.75 -19.99 1.19
C ILE B 578 -0.57 -20.96 0.03
N LYS B 579 -1.07 -22.18 0.19
CA LYS B 579 -0.92 -23.25 -0.79
C LYS B 579 -2.30 -23.65 -1.29
N LEU B 580 -2.48 -23.61 -2.60
CA LEU B 580 -3.77 -23.97 -3.20
C LEU B 580 -3.60 -25.26 -3.99
N PRO B 581 -4.15 -26.37 -3.53
CA PRO B 581 -4.06 -27.60 -4.32
C PRO B 581 -4.97 -27.55 -5.51
N TYR B 582 -4.58 -28.24 -6.58
CA TYR B 582 -5.47 -28.47 -7.72
C TYR B 582 -5.29 -29.90 -8.20
N SER B 583 -6.05 -30.28 -9.22
CA SER B 583 -5.99 -31.65 -9.75
C SER B 583 -5.73 -31.62 -11.26
N ILE B 584 -5.13 -32.71 -11.74
CA ILE B 584 -4.88 -32.94 -13.17
C ILE B 584 -5.57 -34.25 -13.56
N HIS B 585 -6.41 -34.19 -14.58
CA HIS B 585 -7.18 -35.33 -15.04
C HIS B 585 -6.89 -35.59 -16.50
N PRO B 586 -7.07 -36.83 -16.96
CA PRO B 586 -6.83 -37.16 -18.37
C PRO B 586 -7.83 -36.49 -19.29
N TYR B 587 -9.11 -36.60 -18.97
CA TYR B 587 -10.15 -36.06 -19.82
C TYR B 587 -11.21 -35.33 -19.01
N VAL C 5 -34.24 26.05 41.32
CA VAL C 5 -33.54 25.63 40.10
C VAL C 5 -32.43 26.63 39.75
N GLU C 6 -32.51 27.84 40.28
CA GLU C 6 -31.57 28.90 39.94
C GLU C 6 -30.42 28.92 40.94
N ASN C 7 -29.22 29.20 40.43
CA ASN C 7 -28.03 29.14 41.28
C ASN C 7 -27.78 30.44 42.02
N ILE C 8 -28.14 31.57 41.40
CA ILE C 8 -27.90 32.89 41.96
C ILE C 8 -29.23 33.60 42.13
N GLN C 9 -29.21 34.69 42.90
CA GLN C 9 -30.37 35.51 43.15
C GLN C 9 -29.89 36.93 43.41
N VAL C 10 -30.82 37.87 43.31
CA VAL C 10 -30.50 39.28 43.49
C VAL C 10 -31.45 39.86 44.54
N ALA C 11 -30.88 40.67 45.44
CA ALA C 11 -31.66 41.36 46.46
C ALA C 11 -31.11 42.77 46.64
N GLU C 12 -32.01 43.73 46.83
CA GLU C 12 -31.58 45.10 47.06
C GLU C 12 -31.05 45.22 48.48
N ILE C 13 -29.94 45.95 48.62
CA ILE C 13 -29.32 46.18 49.92
C ILE C 13 -29.22 47.68 50.14
N THR C 14 -29.14 48.06 51.41
CA THR C 14 -28.92 49.44 51.83
C THR C 14 -27.56 49.50 52.52
N PRO C 15 -26.50 49.84 51.80
CA PRO C 15 -25.19 49.95 52.44
C PRO C 15 -25.21 51.04 53.50
N SER C 16 -24.50 50.79 54.61
CA SER C 16 -24.38 51.83 55.62
C SER C 16 -23.50 52.97 55.11
N THR C 17 -22.57 52.66 54.20
CA THR C 17 -21.63 53.63 53.65
C THR C 17 -21.60 53.48 52.12
N ARG C 18 -22.04 54.52 51.42
CA ARG C 18 -21.97 54.54 49.96
C ARG C 18 -20.62 55.10 49.48
N ILE C 19 -19.55 54.40 49.83
CA ILE C 19 -18.21 54.75 49.37
C ILE C 19 -17.57 53.52 48.75
N VAL C 20 -17.14 53.65 47.49
CA VAL C 20 -16.42 52.59 46.79
C VAL C 20 -15.04 53.11 46.37
N TYR C 21 -14.22 52.21 45.83
CA TYR C 21 -12.83 52.51 45.50
C TYR C 21 -12.53 52.08 44.07
N ARG C 22 -11.36 52.48 43.57
CA ARG C 22 -10.98 52.15 42.20
C ARG C 22 -9.48 52.33 42.03
N GLY C 23 -8.77 51.23 41.71
CA GLY C 23 -7.35 51.32 41.39
C GLY C 23 -7.14 51.82 39.97
N VAL C 24 -6.12 52.67 39.80
CA VAL C 24 -5.89 53.36 38.53
C VAL C 24 -4.40 53.42 38.26
N SER C 25 -4.06 53.58 36.98
CA SER C 25 -2.72 53.89 36.57
C SER C 25 -2.43 55.36 36.91
N PRO C 26 -1.20 55.82 36.73
CA PRO C 26 -0.95 57.24 36.93
C PRO C 26 -1.70 58.09 35.93
N ALA C 27 -1.77 57.69 34.66
CA ALA C 27 -2.52 58.47 33.69
C ALA C 27 -3.95 58.69 34.16
N GLU C 28 -4.62 57.64 34.65
CA GLU C 28 -6.00 57.81 35.07
C GLU C 28 -6.10 58.58 36.38
N PHE C 29 -5.20 58.30 37.33
CA PHE C 29 -5.19 59.06 38.58
C PHE C 29 -5.14 60.57 38.30
N ILE C 30 -4.22 60.98 37.43
CA ILE C 30 -4.10 62.40 37.07
C ILE C 30 -5.39 62.89 36.42
N TYR C 31 -5.95 62.12 35.49
CA TYR C 31 -7.21 62.51 34.88
C TYR C 31 -8.29 62.76 35.93
N LEU C 32 -8.40 61.84 36.90
CA LEU C 32 -9.40 61.95 37.96
C LEU C 32 -9.14 63.10 38.93
N GLU C 33 -7.90 63.57 39.04
CA GLU C 33 -7.66 64.69 39.94
C GLU C 33 -8.48 65.91 39.55
N GLY C 34 -8.82 66.05 38.27
CA GLY C 34 -9.55 67.22 37.83
C GLY C 34 -10.65 67.01 36.81
N ASN C 35 -11.12 65.77 36.62
CA ASN C 35 -12.19 65.47 35.68
C ASN C 35 -13.10 64.39 36.26
N LYS C 36 -14.28 64.21 35.64
CA LYS C 36 -15.23 63.19 36.06
C LYS C 36 -15.00 61.90 35.29
N PHE C 37 -15.65 60.83 35.75
CA PHE C 37 -15.59 59.56 35.05
C PHE C 37 -16.23 59.72 33.67
N SER C 38 -15.66 59.01 32.69
CA SER C 38 -16.12 59.18 31.31
C SER C 38 -15.96 57.87 30.57
N ARG C 39 -17.07 57.36 30.03
CA ARG C 39 -16.95 56.14 29.23
C ARG C 39 -15.90 56.29 28.15
N ALA C 40 -15.78 57.50 27.59
CA ALA C 40 -14.84 57.72 26.49
C ALA C 40 -13.38 57.64 26.94
N GLN C 41 -13.08 57.89 28.21
CA GLN C 41 -11.69 57.83 28.64
C GLN C 41 -11.20 56.40 28.78
N SER C 42 -12.12 55.44 28.88
CA SER C 42 -11.79 54.03 28.98
C SER C 42 -11.74 53.41 27.58
N PRO C 43 -10.63 52.79 27.17
CA PRO C 43 -10.60 52.19 25.82
C PRO C 43 -11.41 50.90 25.73
N THR C 44 -11.50 50.13 26.82
CA THR C 44 -12.33 48.93 26.88
C THR C 44 -13.71 49.21 27.44
N GLN C 45 -13.93 50.39 28.02
CA GLN C 45 -15.16 50.70 28.74
C GLN C 45 -15.37 49.73 29.89
N GLY C 46 -14.27 49.24 30.45
CA GLY C 46 -14.29 48.41 31.62
C GLY C 46 -14.40 46.92 31.37
N ASN C 47 -14.76 46.52 30.15
CA ASN C 47 -14.97 45.11 29.84
C ASN C 47 -15.09 44.96 28.34
N ASP C 48 -14.50 43.90 27.80
CA ASP C 48 -14.61 43.65 26.37
C ASP C 48 -16.01 43.18 25.99
N ASP C 49 -16.73 42.61 26.93
CA ASP C 49 -18.08 42.14 26.69
C ASP C 49 -19.05 43.32 26.80
N PRO C 50 -19.81 43.64 25.75
CA PRO C 50 -20.76 44.76 25.86
C PRO C 50 -21.74 44.60 27.02
N GLN C 51 -22.15 43.36 27.31
CA GLN C 51 -23.06 43.11 28.42
C GLN C 51 -22.53 43.69 29.73
N TRP C 52 -21.20 43.75 29.88
CA TRP C 52 -20.55 44.05 31.14
C TRP C 52 -19.80 45.37 31.13
N LYS C 53 -19.88 46.12 30.05
CA LYS C 53 -19.23 47.43 30.00
C LYS C 53 -19.85 48.36 31.06
N ALA C 54 -18.97 48.97 31.87
CA ALA C 54 -19.38 49.80 33.01
C ALA C 54 -18.15 50.29 33.75
N LEU C 55 -18.36 51.09 34.80
CA LEU C 55 -17.30 51.53 35.68
C LEU C 55 -17.16 50.56 36.84
N TYR C 56 -15.99 49.95 37.00
CA TYR C 56 -15.77 48.95 38.04
C TYR C 56 -15.05 49.57 39.24
N THR C 57 -15.52 49.21 40.42
CA THR C 57 -15.01 49.75 41.67
C THR C 57 -14.92 48.62 42.69
N GLY C 58 -14.22 48.90 43.80
CA GLY C 58 -14.06 47.93 44.87
C GLY C 58 -14.75 48.30 46.18
N SER C 59 -15.06 47.28 46.98
CA SER C 59 -15.80 47.48 48.22
C SER C 59 -14.95 48.05 49.35
N ASP C 60 -13.63 47.95 49.25
CA ASP C 60 -12.75 48.68 50.16
C ASP C 60 -11.48 49.05 49.40
N ALA C 61 -10.62 49.83 50.06
CA ALA C 61 -9.41 50.31 49.37
C ALA C 61 -8.48 49.16 49.03
N ASN C 62 -8.44 48.13 49.88
CA ASN C 62 -7.47 47.05 49.72
C ASN C 62 -7.78 46.19 48.49
N VAL C 63 -9.07 45.93 48.24
CA VAL C 63 -9.48 45.16 47.07
C VAL C 63 -9.14 45.90 45.80
N SER C 64 -9.51 47.18 45.73
CA SER C 64 -9.14 47.97 44.56
C SER C 64 -7.62 47.99 44.38
N SER C 65 -6.89 48.07 45.50
CA SER C 65 -5.43 48.16 45.43
C SER C 65 -4.85 46.89 44.80
N ARG C 66 -5.21 45.73 45.33
CA ARG C 66 -4.56 44.51 44.89
C ARG C 66 -5.14 43.95 43.59
N ASN C 67 -6.14 44.61 43.01
CA ASN C 67 -6.62 44.20 41.70
C ASN C 67 -6.05 45.06 40.57
N ILE C 68 -5.19 46.02 40.90
CA ILE C 68 -4.30 46.61 39.92
C ILE C 68 -3.31 45.55 39.46
N THR C 69 -3.09 45.48 38.16
CA THR C 69 -2.33 44.42 37.53
C THR C 69 -0.91 44.83 37.15
N ASP C 70 -0.77 46.06 36.70
CA ASP C 70 0.47 46.58 36.14
C ASP C 70 0.35 48.09 36.24
N ASN C 71 1.47 48.77 36.00
CA ASN C 71 1.52 50.23 35.94
C ASN C 71 0.66 50.84 37.04
N PRO C 72 0.97 50.60 38.31
CA PRO C 72 0.13 51.11 39.40
C PRO C 72 0.25 52.63 39.52
N GLY C 73 -0.89 53.27 39.76
CA GLY C 73 -0.92 54.69 40.03
C GLY C 73 -1.38 54.98 41.45
N GLY C 74 -2.58 54.54 41.78
CA GLY C 74 -3.13 54.77 43.10
C GLY C 74 -4.55 54.28 43.18
N VAL C 75 -5.19 54.59 44.31
CA VAL C 75 -6.57 54.16 44.58
C VAL C 75 -7.40 55.38 44.96
N VAL C 76 -8.46 55.65 44.19
CA VAL C 76 -9.36 56.77 44.44
C VAL C 76 -10.59 56.27 45.17
N LYS C 77 -11.27 57.21 45.83
CA LYS C 77 -12.35 56.95 46.78
C LYS C 77 -13.59 57.72 46.32
N ILE C 78 -14.68 57.00 46.07
CA ILE C 78 -15.87 57.55 45.44
C ILE C 78 -17.04 57.43 46.41
N GLU C 79 -17.81 58.51 46.54
CA GLU C 79 -19.07 58.51 47.27
C GLU C 79 -20.20 58.59 46.24
N TYR C 80 -21.06 57.57 46.22
CA TYR C 80 -22.09 57.58 45.19
C TYR C 80 -23.43 58.01 45.74
N PRO C 81 -24.33 58.46 44.87
CA PRO C 81 -25.57 59.08 45.33
C PRO C 81 -26.40 58.12 46.17
N SER C 82 -27.18 58.70 47.07
CA SER C 82 -28.00 57.92 47.97
C SER C 82 -29.25 57.35 47.30
N ASP C 83 -29.68 57.93 46.16
CA ASP C 83 -30.87 57.42 45.48
C ASP C 83 -30.60 56.19 44.62
N TRP C 84 -29.34 55.82 44.41
CA TRP C 84 -29.05 54.65 43.59
C TRP C 84 -29.51 53.37 44.29
N LYS C 85 -30.20 52.52 43.56
CA LYS C 85 -30.52 51.18 44.03
C LYS C 85 -29.32 50.27 43.82
N VAL C 86 -28.90 49.59 44.87
CA VAL C 86 -27.79 48.64 44.85
C VAL C 86 -28.37 47.23 44.91
N LEU C 87 -28.06 46.41 43.91
CA LEU C 87 -28.53 45.02 43.87
C LEU C 87 -27.33 44.10 44.08
N GLU C 88 -27.39 43.26 45.11
CA GLU C 88 -26.30 42.36 45.46
C GLU C 88 -26.59 40.97 44.94
N ILE C 89 -25.64 40.43 44.18
CA ILE C 89 -25.73 39.07 43.67
C ILE C 89 -25.30 38.12 44.77
N THR C 90 -26.11 37.09 45.02
CA THR C 90 -25.81 36.08 46.03
C THR C 90 -26.09 34.70 45.48
N SER C 91 -25.54 33.69 46.14
CA SER C 91 -25.79 32.31 45.76
C SER C 91 -27.03 31.79 46.46
N THR C 92 -27.69 30.81 45.83
CA THR C 92 -28.85 30.18 46.42
C THR C 92 -28.46 29.05 47.37
N THR C 93 -27.26 28.49 47.18
CA THR C 93 -26.75 27.48 48.10
C THR C 93 -25.93 28.16 49.18
N PRO C 94 -26.28 28.03 50.46
CA PRO C 94 -25.45 28.64 51.51
C PRO C 94 -24.04 28.08 51.57
N SER C 95 -23.85 26.79 51.27
CA SER C 95 -22.53 26.16 51.33
C SER C 95 -21.53 26.86 50.38
N GLN C 96 -21.87 26.95 49.09
CA GLN C 96 -21.03 27.61 48.11
C GLN C 96 -21.45 29.07 48.01
N LYS C 97 -20.56 29.97 48.44
CA LYS C 97 -20.82 31.41 48.32
C LYS C 97 -20.51 31.95 46.94
N TRP C 98 -19.82 31.18 46.10
CA TRP C 98 -19.54 31.56 44.72
C TRP C 98 -20.22 30.60 43.76
N HIS C 99 -20.62 31.13 42.61
CA HIS C 99 -21.11 30.33 41.50
C HIS C 99 -20.85 31.09 40.21
N ASN C 100 -20.45 30.36 39.17
CA ASN C 100 -20.01 31.02 37.94
C ASN C 100 -21.15 31.76 37.26
N ASP C 101 -22.40 31.42 37.55
CA ASP C 101 -23.52 32.21 37.03
C ASP C 101 -23.38 33.68 37.44
N GLY C 103 -20.94 35.45 37.02
CA GLY C 103 -20.17 36.08 35.96
C GLY C 103 -20.79 36.04 34.59
N GLU C 104 -21.96 35.43 34.44
CA GLU C 104 -22.60 35.21 33.15
C GLU C 104 -23.80 36.14 33.00
N ALA C 105 -23.86 36.86 31.87
CA ALA C 105 -24.90 37.86 31.67
C ALA C 105 -26.29 37.25 31.70
N TRP C 106 -26.47 36.07 31.10
CA TRP C 106 -27.81 35.50 30.99
C TRP C 106 -28.39 35.11 32.35
N PRO C 107 -27.68 34.37 33.21
CA PRO C 107 -28.26 34.04 34.52
C PRO C 107 -28.53 35.28 35.37
N VAL C 108 -27.60 36.25 35.34
CA VAL C 108 -27.79 37.48 36.11
C VAL C 108 -29.00 38.25 35.59
N TRP C 109 -29.18 38.31 34.26
CA TRP C 109 -30.38 38.90 33.71
C TRP C 109 -31.63 38.30 34.35
N ARG C 110 -31.74 36.97 34.35
CA ARG C 110 -32.90 36.34 34.96
C ARG C 110 -33.01 36.69 36.42
N ALA C 111 -31.87 36.76 37.12
CA ALA C 111 -31.90 37.03 38.55
C ALA C 111 -32.47 38.42 38.84
N VAL C 112 -32.06 39.42 38.07
CA VAL C 112 -32.54 40.78 38.33
C VAL C 112 -33.98 40.95 37.86
N LYS C 113 -34.32 40.40 36.69
CA LYS C 113 -35.69 40.48 36.22
C LYS C 113 -36.66 39.94 37.25
N LYS C 114 -36.29 38.84 37.91
CA LYS C 114 -37.16 38.30 38.95
C LYS C 114 -37.34 39.30 40.08
N TRP C 115 -36.26 40.01 40.43
CA TRP C 115 -36.34 41.06 41.44
C TRP C 115 -37.25 42.20 40.97
N ALA C 116 -37.04 42.68 39.74
CA ALA C 116 -37.81 43.81 39.25
C ALA C 116 -39.32 43.49 39.21
N ALA C 117 -39.67 42.25 38.87
CA ALA C 117 -41.08 41.89 38.82
C ALA C 117 -41.75 41.99 40.19
N SER C 118 -41.01 41.71 41.26
CA SER C 118 -41.53 41.76 42.62
C SER C 118 -41.30 43.10 43.31
N ASN C 119 -40.70 44.09 42.61
CA ASN C 119 -40.39 45.38 43.23
C ASN C 119 -40.72 46.55 42.31
N GLN C 120 -41.70 46.39 41.43
CA GLN C 120 -42.28 47.51 40.68
C GLN C 120 -41.23 48.28 39.86
N VAL C 121 -40.32 47.55 39.23
CA VAL C 121 -39.34 48.10 38.29
C VAL C 121 -39.55 47.43 36.94
N ASP C 122 -39.64 48.23 35.88
CA ASP C 122 -39.92 47.73 34.54
C ASP C 122 -38.62 47.49 33.79
N LEU C 123 -38.37 46.22 33.44
CA LEU C 123 -37.20 45.82 32.65
C LEU C 123 -37.63 45.09 31.40
N PRO C 124 -36.84 45.20 30.33
CA PRO C 124 -37.18 44.48 29.08
C PRO C 124 -37.29 42.99 29.33
N ASP C 125 -38.00 42.32 28.41
CA ASP C 125 -38.24 40.89 28.53
C ASP C 125 -37.13 40.12 27.83
N VAL C 126 -35.97 40.11 28.49
CA VAL C 126 -34.78 39.52 27.89
C VAL C 126 -34.91 38.01 27.81
N THR C 127 -34.40 37.42 26.72
CA THR C 127 -34.35 35.98 26.58
C THR C 127 -33.00 35.59 25.98
N ALA C 128 -32.69 34.31 26.09
CA ALA C 128 -31.46 33.78 25.50
C ALA C 128 -31.39 34.04 23.99
N SER C 129 -32.53 34.22 23.32
CA SER C 129 -32.52 34.47 21.88
C SER C 129 -32.22 35.93 21.53
N ASN C 130 -32.60 36.89 22.38
CA ASN C 130 -32.45 38.31 22.06
C ASN C 130 -31.48 39.05 22.97
N ILE C 131 -30.77 38.35 23.86
CA ILE C 131 -29.94 39.04 24.84
C ILE C 131 -28.97 40.01 24.18
N ASP C 132 -28.53 39.73 22.95
CA ASP C 132 -27.58 40.62 22.28
C ASP C 132 -28.15 42.02 22.10
N ASP C 133 -29.46 42.17 22.17
CA ASP C 133 -30.10 43.46 21.97
C ASP C 133 -30.30 44.23 23.26
N TYR C 134 -30.00 43.63 24.42
CA TYR C 134 -30.28 44.28 25.71
C TYR C 134 -29.05 44.08 26.60
N LEU C 135 -28.15 45.07 26.59
CA LEU C 135 -26.90 44.94 27.32
C LEU C 135 -27.14 45.16 28.80
N LEU C 136 -26.68 44.21 29.62
CA LEU C 136 -27.06 44.17 31.02
C LEU C 136 -26.83 45.50 31.73
N LEU C 137 -25.60 46.03 31.67
CA LEU C 137 -25.31 47.17 32.53
C LEU C 137 -25.98 48.43 32.05
N ASP C 138 -25.94 48.70 30.75
CA ASP C 138 -26.63 49.87 30.22
C ASP C 138 -28.08 49.89 30.63
N GLU C 139 -28.77 48.75 30.50
CA GLU C 139 -30.17 48.66 30.89
C GLU C 139 -30.35 49.01 32.36
N LEU C 140 -29.53 48.41 33.24
CA LEU C 140 -29.63 48.77 34.65
C LEU C 140 -29.38 50.27 34.85
N GLY C 141 -28.57 50.89 33.99
CA GLY C 141 -28.25 52.30 34.15
C GLY C 141 -29.45 53.20 33.93
N LYS C 142 -30.44 52.73 33.17
CA LYS C 142 -31.65 53.52 32.95
C LYS C 142 -32.57 53.49 34.15
N LYS C 143 -32.30 52.63 35.13
CA LYS C 143 -33.12 52.47 36.32
C LYS C 143 -32.37 52.81 37.61
N LYS C 144 -31.25 53.50 37.50
CA LYS C 144 -30.47 53.90 38.69
C LYS C 144 -30.11 52.69 39.54
N ILE C 145 -29.63 51.63 38.88
CA ILE C 145 -29.27 50.37 39.54
C ILE C 145 -27.78 50.14 39.35
N ILE C 146 -27.11 49.71 40.43
CA ILE C 146 -25.74 49.19 40.38
C ILE C 146 -25.72 47.81 41.02
N LEU C 147 -24.67 47.05 40.68
CA LEU C 147 -24.54 45.64 41.07
C LEU C 147 -23.42 45.46 42.08
N LYS C 148 -23.72 44.75 43.17
CA LYS C 148 -22.74 44.28 44.12
C LYS C 148 -22.51 42.80 43.91
N LYS C 149 -21.24 42.38 43.86
CA LYS C 149 -20.92 41.04 43.41
C LYS C 149 -19.59 40.61 44.02
N PRO C 150 -19.44 39.34 44.41
CA PRO C 150 -18.12 38.87 44.86
C PRO C 150 -17.10 39.00 43.74
N ILE C 151 -15.84 39.23 44.14
CA ILE C 151 -14.78 39.46 43.16
C ILE C 151 -14.60 38.22 42.28
N GLY C 152 -14.38 37.06 42.90
CA GLY C 152 -14.30 35.83 42.15
C GLY C 152 -14.33 34.63 43.07
N GLU C 153 -14.09 33.47 42.49
CA GLU C 153 -14.13 32.23 43.25
C GLU C 153 -12.96 32.12 44.23
N ASP C 154 -11.89 32.87 43.99
CA ASP C 154 -10.73 32.89 44.87
C ASP C 154 -10.63 34.19 45.67
N ASP C 155 -11.72 34.94 45.78
CA ASP C 155 -11.79 36.14 46.61
C ASP C 155 -13.25 36.44 46.87
N VAL C 156 -13.92 35.56 47.61
CA VAL C 156 -15.37 35.62 47.73
C VAL C 156 -15.85 36.54 48.83
N SER C 157 -14.99 36.92 49.76
CA SER C 157 -15.39 37.85 50.80
C SER C 157 -15.14 39.32 50.41
N SER C 158 -14.56 39.56 49.23
CA SER C 158 -14.45 40.90 48.68
C SER C 158 -15.48 41.09 47.57
N HIS C 159 -15.76 42.35 47.26
CA HIS C 159 -16.82 42.65 46.31
C HIS C 159 -16.42 43.78 45.38
N GLU C 160 -16.94 43.72 44.16
CA GLU C 160 -16.86 44.84 43.24
C GLU C 160 -18.24 45.45 43.12
N PHE C 161 -18.28 46.76 42.96
CA PHE C 161 -19.53 47.45 42.64
C PHE C 161 -19.43 47.86 41.19
N ILE C 162 -20.37 47.40 40.38
CA ILE C 162 -20.38 47.70 38.95
C ILE C 162 -21.35 48.84 38.72
N ILE C 163 -20.86 49.95 38.18
CA ILE C 163 -21.66 51.17 38.08
C ILE C 163 -21.92 51.44 36.60
N PRO C 164 -23.16 51.39 36.13
CA PRO C 164 -23.42 51.70 34.73
C PRO C 164 -22.82 53.03 34.32
N TRP C 165 -22.28 53.08 33.09
CA TRP C 165 -21.55 54.27 32.66
C TRP C 165 -22.40 55.52 32.75
N LYS C 166 -23.67 55.43 32.34
CA LYS C 166 -24.53 56.62 32.35
C LYS C 166 -24.60 57.22 33.75
N ALA C 168 -22.26 56.58 36.31
CA ALA C 168 -20.92 56.98 36.75
C ALA C 168 -20.61 58.41 36.32
N GLU C 169 -21.03 58.78 35.11
CA GLU C 169 -20.77 60.13 34.61
C GLU C 169 -21.58 61.20 35.35
N THR C 170 -22.49 60.82 36.25
CA THR C 170 -23.22 61.80 37.04
C THR C 170 -22.61 62.01 38.42
N VAL C 171 -21.61 61.23 38.80
CA VAL C 171 -20.92 61.44 40.06
C VAL C 171 -20.20 62.79 39.99
N ALA C 172 -20.50 63.68 40.94
CA ALA C 172 -19.85 64.98 40.89
C ALA C 172 -18.35 64.84 41.15
N GLN C 173 -17.61 65.89 40.76
CA GLN C 173 -16.15 65.92 40.92
C GLN C 173 -15.74 65.84 42.38
N ASN C 174 -16.37 66.62 43.26
CA ASN C 174 -16.01 66.62 44.68
C ASN C 174 -16.31 65.31 45.36
N LYS C 175 -16.94 64.37 44.67
CA LYS C 175 -17.21 63.04 45.20
C LYS C 175 -16.18 62.02 44.79
N ILE C 176 -15.17 62.42 44.02
CA ILE C 176 -14.05 61.59 43.59
C ILE C 176 -12.81 62.05 44.36
N ASP C 177 -12.37 61.25 45.31
CA ASP C 177 -11.28 61.60 46.21
C ASP C 177 -9.94 61.08 45.69
N SER C 178 -9.04 62.00 45.33
CA SER C 178 -7.68 61.65 44.95
C SER C 178 -6.66 62.34 45.84
N THR C 179 -7.09 62.85 46.99
CA THR C 179 -6.23 63.74 47.77
C THR C 179 -6.22 63.48 49.27
N SER C 180 -7.25 62.86 49.85
CA SER C 180 -7.38 62.89 51.31
C SER C 180 -6.39 61.97 52.00
N ASP C 181 -5.98 60.89 51.33
CA ASP C 181 -4.95 60.00 51.88
C ASP C 181 -3.73 60.01 50.97
N PRO C 182 -2.66 60.71 51.35
CA PRO C 182 -1.50 60.81 50.44
C PRO C 182 -0.91 59.47 50.10
N ALA C 183 -1.12 58.47 50.96
CA ALA C 183 -0.63 57.13 50.73
C ALA C 183 -1.39 56.44 49.60
N ALA C 184 -2.62 56.86 49.31
CA ALA C 184 -3.38 56.29 48.22
C ALA C 184 -2.81 56.61 46.84
N LYS C 185 -1.91 57.59 46.75
CA LYS C 185 -1.21 57.91 45.51
C LYS C 185 0.20 57.32 45.60
N PHE C 186 0.53 56.43 44.67
CA PHE C 186 1.77 55.66 44.79
C PHE C 186 2.96 56.35 44.13
N PHE C 187 2.73 57.32 43.27
CA PHE C 187 3.78 57.96 42.49
C PHE C 187 3.87 59.43 42.84
N THR C 188 5.06 59.97 42.66
CA THR C 188 5.25 61.42 42.69
C THR C 188 5.58 61.93 41.29
N PRO C 189 5.36 63.21 41.03
CA PRO C 189 5.72 63.73 39.71
C PRO C 189 7.16 63.45 39.32
N ASP C 190 8.07 63.30 40.29
CA ASP C 190 9.45 62.97 39.98
C ASP C 190 9.63 61.52 39.55
N ASP C 191 8.63 60.67 39.77
CA ASP C 191 8.72 59.27 39.34
C ASP C 191 8.34 59.09 37.87
N LEU C 192 7.61 60.03 37.29
CA LEU C 192 7.04 59.85 35.97
C LEU C 192 7.76 60.72 34.95
N ASP C 193 7.81 60.22 33.72
CA ASP C 193 8.15 61.08 32.60
C ASP C 193 6.92 61.92 32.27
N SER C 194 7.07 63.25 32.32
CA SER C 194 5.96 64.12 31.93
C SER C 194 5.47 63.78 30.53
N THR C 195 6.36 63.30 29.66
CA THR C 195 5.94 62.97 28.30
C THR C 195 5.13 61.69 28.26
N THR C 196 5.42 60.73 29.15
CA THR C 196 4.76 59.43 29.13
C THR C 196 3.68 59.25 30.20
N LYS C 197 3.77 59.98 31.31
CA LYS C 197 2.92 59.71 32.49
C LYS C 197 3.15 58.32 33.06
N GLN C 198 4.38 57.81 32.94
CA GLN C 198 4.74 56.49 33.42
C GLN C 198 6.13 56.54 34.04
N PRO C 199 6.48 55.55 34.85
CA PRO C 199 7.74 55.64 35.62
C PRO C 199 8.92 55.95 34.72
N LYS C 200 9.84 56.77 35.25
CA LYS C 200 11.03 57.16 34.48
C LYS C 200 11.94 55.97 34.22
N ASP C 201 12.16 55.14 35.23
CA ASP C 201 13.20 54.12 35.18
C ASP C 201 12.85 53.05 36.20
N GLN C 202 13.72 52.04 36.33
CA GLN C 202 13.42 50.93 37.23
C GLN C 202 13.41 51.38 38.68
N ALA C 203 14.23 52.38 39.03
CA ALA C 203 14.19 52.90 40.38
C ALA C 203 12.80 53.43 40.72
N ALA C 204 12.19 54.17 39.79
CA ALA C 204 10.86 54.71 40.04
C ALA C 204 9.85 53.58 40.21
N VAL C 205 9.94 52.54 39.37
CA VAL C 205 9.05 51.39 39.50
C VAL C 205 9.12 50.82 40.91
N ARG C 206 10.33 50.66 41.45
CA ARG C 206 10.46 50.05 42.77
C ARG C 206 9.91 50.95 43.87
N ARG C 207 10.09 52.26 43.74
CA ARG C 207 9.49 53.17 44.71
C ARG C 207 7.96 53.10 44.65
N ILE C 208 7.42 52.97 43.44
CA ILE C 208 5.97 52.91 43.31
C ILE C 208 5.45 51.60 43.88
N LEU C 209 6.16 50.50 43.62
CA LEU C 209 5.78 49.21 44.18
C LEU C 209 5.81 49.26 45.69
N LYS C 210 6.77 49.96 46.28
CA LYS C 210 6.81 50.03 47.72
C LYS C 210 5.56 50.71 48.28
N LYS C 211 5.13 51.81 47.66
CA LYS C 211 3.93 52.48 48.17
C LYS C 211 2.69 51.67 47.85
N TRP C 212 2.72 50.98 46.71
CA TRP C 212 1.61 50.11 46.31
C TRP C 212 1.46 48.94 47.27
N ASP C 213 2.59 48.34 47.67
CA ASP C 213 2.53 47.26 48.64
C ASP C 213 1.98 47.79 49.95
N ALA C 214 2.58 48.86 50.46
CA ALA C 214 2.14 49.46 51.72
C ALA C 214 0.65 49.74 51.72
N TYR C 215 0.15 50.39 50.66
CA TYR C 215 -1.26 50.73 50.64
C TYR C 215 -2.14 49.48 50.60
N SER C 216 -1.70 48.45 49.87
CA SER C 216 -2.50 47.22 49.79
C SER C 216 -2.59 46.53 51.14
N CYS C 217 -1.61 46.77 52.02
CA CYS C 217 -1.57 46.16 53.34
C CYS C 217 -2.11 47.09 54.43
N LYS C 218 -2.50 48.31 54.09
CA LYS C 218 -3.00 49.28 55.05
C LYS C 218 -4.46 49.00 55.41
N GLY C 219 -4.73 48.76 56.69
CA GLY C 219 -6.06 48.47 57.17
C GLY C 219 -6.80 49.67 57.73
N GLY C 220 -7.48 50.41 56.85
CA GLY C 220 -8.23 51.59 57.23
C GLY C 220 -7.43 52.87 57.03
N ALA C 221 -8.17 53.98 56.95
CA ALA C 221 -7.54 55.30 56.97
C ALA C 221 -6.98 55.61 58.35
N SER C 222 -7.78 55.39 59.40
CA SER C 222 -7.30 55.37 60.78
C SER C 222 -6.74 53.98 61.10
N ALA C 223 -5.73 53.95 61.98
CA ALA C 223 -5.02 52.70 62.27
C ALA C 223 -5.73 51.92 63.37
N THR C 224 -5.88 50.61 63.14
CA THR C 224 -6.54 49.73 64.10
C THR C 224 -5.56 49.27 65.17
N PHE C 225 -6.00 49.31 66.43
CA PHE C 225 -5.17 48.80 67.51
C PHE C 225 -4.84 47.32 67.25
N GLY C 226 -3.55 46.99 67.34
CA GLY C 226 -3.10 45.61 67.28
C GLY C 226 -2.93 45.03 65.90
N VAL C 227 -3.43 45.69 64.86
CA VAL C 227 -3.28 45.25 63.47
C VAL C 227 -2.34 46.25 62.81
N ALA C 228 -1.05 45.89 62.73
CA ALA C 228 -0.12 46.70 61.98
C ALA C 228 -0.24 46.48 60.47
N SER C 229 -0.90 45.40 60.05
CA SER C 229 -0.97 45.07 58.63
C SER C 229 -1.84 43.87 58.32
N LEU C 230 -2.59 43.94 57.22
CA LEU C 230 -3.36 42.80 56.72
C LEU C 230 -2.48 41.74 56.08
N CYS C 231 -1.21 42.05 55.81
CA CYS C 231 -0.31 41.15 55.07
C CYS C 231 0.52 40.24 55.96
N GLY C 232 0.61 40.52 57.24
CA GLY C 232 1.38 39.70 58.16
C GLY C 232 2.67 40.38 58.59
N ILE C 233 3.54 39.58 59.21
CA ILE C 233 4.81 40.06 59.71
C ILE C 233 5.55 40.88 58.67
N ASN C 234 6.05 42.05 59.07
CA ASN C 234 6.81 42.92 58.17
C ASN C 234 8.29 42.54 58.27
N VAL C 235 8.79 41.85 57.24
CA VAL C 235 10.18 41.39 57.28
C VAL C 235 11.13 42.57 57.15
N ALA C 236 10.78 43.56 56.35
CA ALA C 236 11.66 44.70 56.14
C ALA C 236 12.17 45.25 57.47
N ALA C 237 11.34 45.19 58.51
CA ALA C 237 11.66 45.78 59.81
C ALA C 237 12.91 45.18 60.44
N TYR C 238 13.36 44.01 59.99
CA TYR C 238 14.51 43.35 60.57
C TYR C 238 15.73 43.37 59.65
N LYS C 239 15.68 44.17 58.58
CA LYS C 239 16.76 44.20 57.59
C LYS C 239 18.07 44.69 58.21
N ALA C 240 18.02 45.78 58.97
CA ALA C 240 19.23 46.33 59.57
C ALA C 240 19.90 45.30 60.47
N ASP C 241 19.13 44.61 61.30
CA ASP C 241 19.71 43.57 62.14
C ASP C 241 20.40 42.51 61.29
N ILE C 242 19.73 42.08 60.23
CA ILE C 242 20.30 41.04 59.37
C ILE C 242 21.61 41.52 58.76
N GLU C 243 21.63 42.75 58.26
CA GLU C 243 22.86 43.25 57.66
C GLU C 243 23.97 43.36 58.69
N LYS C 244 23.66 43.82 59.90
CA LYS C 244 24.69 43.91 60.92
C LYS C 244 25.26 42.53 61.23
N LEU C 245 24.39 41.54 61.41
CA LEU C 245 24.83 40.21 61.75
C LEU C 245 25.70 39.64 60.64
N ILE C 246 25.26 39.79 59.37
CA ILE C 246 26.07 39.33 58.27
C ILE C 246 27.42 40.00 58.29
N LYS C 247 27.46 41.31 58.57
CA LYS C 247 28.73 42.02 58.57
C LYS C 247 29.57 41.63 59.79
N ASP C 248 28.92 41.31 60.91
CA ASP C 248 29.66 40.85 62.08
C ASP C 248 30.32 39.49 61.83
N VAL C 249 29.66 38.61 61.08
CA VAL C 249 30.26 37.31 60.85
C VAL C 249 31.48 37.45 59.95
N TYR C 250 31.41 38.35 58.98
CA TYR C 250 32.52 38.53 58.06
C TYR C 250 33.66 39.32 58.67
N GLU C 251 33.44 40.01 59.78
CA GLU C 251 34.52 40.68 60.51
C GLU C 251 35.12 39.82 61.61
N ASP C 252 34.45 38.74 61.98
CA ASP C 252 35.03 37.78 62.90
C ASP C 252 36.27 37.20 62.24
N PRO C 253 37.43 37.25 62.90
CA PRO C 253 38.64 36.69 62.27
C PRO C 253 38.56 35.19 61.99
N ASN C 254 37.66 34.46 62.66
CA ASN C 254 37.52 33.02 62.43
C ASN C 254 36.80 32.69 61.12
N PHE C 255 36.25 33.68 60.43
CA PHE C 255 35.67 33.49 59.12
C PHE C 255 36.43 34.27 58.05
N SER C 256 37.69 34.63 58.34
CA SER C 256 38.52 35.29 57.34
C SER C 256 38.60 34.49 56.05
N ASP C 257 38.45 33.17 56.12
CA ASP C 257 38.46 32.40 54.88
C ASP C 257 37.29 32.79 53.99
N LEU C 258 36.11 32.97 54.57
CA LEU C 258 34.99 33.42 53.75
C LEU C 258 35.19 34.87 53.32
N LYS C 259 35.76 35.70 54.18
CA LYS C 259 35.91 37.12 53.86
C LYS C 259 36.81 37.33 52.65
N ASN C 260 37.94 36.63 52.58
CA ASN C 260 38.95 36.85 51.55
C ASN C 260 38.82 35.90 50.36
N ARG C 261 37.78 35.07 50.34
CA ARG C 261 37.61 34.14 49.24
C ARG C 261 37.60 34.87 47.90
N THR C 262 38.21 34.25 46.89
CA THR C 262 38.08 34.70 45.52
C THR C 262 37.73 33.51 44.64
N GLY C 263 37.50 33.79 43.36
CA GLY C 263 37.36 32.72 42.39
C GLY C 263 35.93 32.27 42.12
N GLY C 264 35.78 30.99 41.78
CA GLY C 264 34.52 30.46 41.34
C GLY C 264 33.68 29.89 42.45
N PRO C 265 32.62 29.17 42.08
CA PRO C 265 31.69 28.65 43.08
C PRO C 265 32.30 27.51 43.86
N GLN C 266 31.78 27.30 45.07
CA GLN C 266 32.11 26.14 45.88
C GLN C 266 30.84 25.33 46.06
N LYS C 267 30.78 24.17 45.43
CA LYS C 267 29.56 23.39 45.42
C LYS C 267 29.73 22.02 46.06
N ASP C 268 30.92 21.68 46.53
CA ASP C 268 31.10 20.41 47.23
C ASP C 268 30.26 20.40 48.50
N LYS C 269 29.42 19.38 48.63
CA LYS C 269 28.49 19.32 49.76
C LYS C 269 29.23 19.20 51.10
N ASP C 270 30.35 18.50 51.14
CA ASP C 270 31.13 18.42 52.38
C ASP C 270 31.66 19.79 52.78
N THR C 271 32.27 20.49 51.83
CA THR C 271 32.81 21.82 52.11
C THR C 271 31.72 22.76 52.63
N LEU C 272 30.54 22.74 52.01
CA LEU C 272 29.47 23.60 52.47
C LEU C 272 28.93 23.13 53.81
N LYS C 273 28.96 21.83 54.06
CA LYS C 273 28.58 21.34 55.38
C LYS C 273 29.57 21.78 56.45
N GLY C 274 30.85 21.91 56.10
CA GLY C 274 31.80 22.46 57.05
C GLY C 274 31.45 23.89 57.42
N TYR C 275 31.33 24.75 56.41
CA TYR C 275 30.85 26.10 56.64
C TYR C 275 29.58 26.11 57.46
N TYR C 276 28.63 25.22 57.15
CA TYR C 276 27.35 25.24 57.85
C TYR C 276 27.52 25.02 59.34
N GLU C 277 28.32 24.02 59.74
CA GLU C 277 28.52 23.73 61.15
C GLU C 277 29.21 24.89 61.87
N ARG C 278 29.98 25.70 61.13
CA ARG C 278 30.62 26.85 61.74
C ARG C 278 29.67 28.05 61.78
N LEU C 279 28.85 28.21 60.75
CA LEU C 279 28.04 29.41 60.68
C LEU C 279 26.87 29.35 61.65
N LYS C 280 26.27 28.17 61.82
CA LYS C 280 25.10 28.07 62.68
C LYS C 280 25.36 28.53 64.11
N PRO C 281 26.36 28.03 64.82
CA PRO C 281 26.60 28.51 66.20
C PRO C 281 26.96 29.98 66.27
N LYS C 282 27.72 30.49 65.29
CA LYS C 282 28.08 31.91 65.30
C LYS C 282 26.85 32.78 65.16
N VAL C 283 25.88 32.35 64.35
CA VAL C 283 24.65 33.12 64.15
C VAL C 283 23.80 33.09 65.41
N GLU C 284 23.71 31.92 66.08
CA GLU C 284 23.00 31.87 67.35
C GLU C 284 23.62 32.80 68.38
N THR C 285 24.95 32.88 68.40
CA THR C 285 25.61 33.79 69.33
C THR C 285 25.19 35.22 69.07
N LEU C 286 25.22 35.64 67.80
CA LEU C 286 24.95 37.04 67.47
C LEU C 286 23.48 37.43 67.67
N ARG C 287 22.58 36.45 67.75
CA ARG C 287 21.17 36.71 68.00
C ARG C 287 20.56 35.48 68.64
N PRO C 288 20.69 35.36 69.95
CA PRO C 288 20.16 34.17 70.63
C PRO C 288 18.65 34.11 70.54
N LEU C 289 18.14 32.92 70.22
CA LEU C 289 16.70 32.73 70.17
C LEU C 289 16.13 32.63 71.57
N LYS C 290 14.93 33.14 71.75
CA LYS C 290 14.34 33.14 73.07
C LYS C 290 14.19 31.71 73.59
N ALA C 291 13.97 31.58 74.89
CA ALA C 291 13.93 30.27 75.53
C ALA C 291 12.91 29.36 74.84
N GLY C 292 13.33 28.13 74.56
CA GLY C 292 12.48 27.12 73.97
C GLY C 292 12.48 27.08 72.46
N VAL C 293 12.92 28.15 71.80
CA VAL C 293 12.87 28.22 70.34
C VAL C 293 14.16 27.66 69.77
N SER C 294 14.02 27.11 68.56
CA SER C 294 15.11 26.46 67.86
C SER C 294 15.19 27.01 66.44
N SER C 295 16.40 26.97 65.87
CA SER C 295 16.53 27.44 64.50
C SER C 295 15.70 26.58 63.56
N ALA C 296 15.12 27.22 62.55
CA ALA C 296 14.35 26.52 61.53
C ALA C 296 15.18 26.18 60.30
N VAL C 297 16.45 26.60 60.25
CA VAL C 297 17.30 26.25 59.13
C VAL C 297 17.64 24.77 59.19
N GLY C 298 17.77 24.14 58.02
CA GLY C 298 18.19 22.75 57.93
C GLY C 298 19.42 22.57 57.06
N ALA C 299 20.34 21.72 57.51
CA ALA C 299 21.60 21.51 56.79
C ALA C 299 21.34 21.15 55.32
N ALA C 300 20.54 20.12 55.07
CA ALA C 300 20.34 19.68 53.69
C ALA C 300 19.72 20.80 52.86
N GLY C 301 18.69 21.47 53.39
CA GLY C 301 18.04 22.51 52.62
C GLY C 301 18.96 23.69 52.33
N ALA C 302 19.68 24.13 53.35
CA ALA C 302 20.61 25.25 53.19
C ALA C 302 21.68 24.94 52.15
N ILE C 303 22.25 23.73 52.20
CA ILE C 303 23.35 23.42 51.30
C ILE C 303 22.87 23.38 49.85
N SER C 304 21.75 22.70 49.59
CA SER C 304 21.33 22.61 48.20
C SER C 304 20.86 23.97 47.69
N TRP C 305 20.24 24.78 48.55
CA TRP C 305 19.86 26.12 48.13
C TRP C 305 21.08 26.97 47.84
N ALA C 306 22.10 26.89 48.70
CA ALA C 306 23.36 27.60 48.43
C ALA C 306 23.89 27.21 47.07
N ILE C 307 23.98 25.92 46.79
CA ILE C 307 24.41 25.46 45.48
C ILE C 307 23.50 26.05 44.40
N GLY C 308 22.19 26.02 44.62
CA GLY C 308 21.28 26.56 43.63
C GLY C 308 21.55 28.01 43.30
N VAL C 309 21.89 28.81 44.32
CA VAL C 309 22.20 30.22 44.10
C VAL C 309 23.52 30.34 43.34
N ALA C 310 24.52 29.55 43.73
CA ALA C 310 25.76 29.53 42.98
C ALA C 310 25.49 29.28 41.50
N ASP C 311 24.73 28.23 41.19
CA ASP C 311 24.40 27.92 39.81
C ASP C 311 23.68 29.08 39.14
N ALA C 312 22.78 29.75 39.86
CA ALA C 312 22.09 30.89 39.27
C ALA C 312 23.05 32.04 38.97
N PHE C 313 23.99 32.32 39.88
CA PHE C 313 24.98 33.35 39.62
C PHE C 313 25.75 33.05 38.34
N THR C 314 26.10 31.78 38.11
CA THR C 314 26.87 31.40 36.94
C THR C 314 26.04 31.52 35.68
N SER C 315 24.84 30.95 35.69
CA SER C 315 24.05 30.90 34.45
C SER C 315 23.57 32.29 34.05
N GLU C 316 23.40 33.20 35.01
CA GLU C 316 23.06 34.58 34.71
C GLU C 316 24.33 35.44 34.74
N ASN C 317 24.26 36.58 34.06
CA ASN C 317 25.34 37.56 34.14
C ASN C 317 24.99 38.50 35.27
N VAL C 318 25.44 38.16 36.48
CA VAL C 318 25.15 38.98 37.66
C VAL C 318 26.05 40.20 37.62
N SER C 319 25.47 41.34 37.30
CA SER C 319 26.24 42.55 37.03
C SER C 319 25.99 43.65 38.04
N SER C 320 25.22 43.39 39.10
CA SER C 320 24.89 44.46 40.02
C SER C 320 24.37 43.83 41.30
N PHE C 321 24.42 44.63 42.37
CA PHE C 321 23.77 44.22 43.61
C PHE C 321 22.32 43.84 43.33
N ASP C 322 21.60 44.70 42.62
CA ASP C 322 20.17 44.46 42.47
C ASP C 322 19.88 43.21 41.66
N LYS C 323 20.70 42.92 40.65
CA LYS C 323 20.52 41.70 39.88
C LYS C 323 20.87 40.45 40.69
N ALA C 324 21.94 40.52 41.49
CA ALA C 324 22.30 39.41 42.35
C ALA C 324 21.22 39.16 43.39
N ALA C 325 20.53 40.20 43.84
CA ALA C 325 19.41 39.95 44.75
C ALA C 325 18.24 39.38 43.98
N ALA C 326 17.99 39.87 42.77
CA ALA C 326 16.90 39.33 41.98
C ALA C 326 17.11 37.85 41.69
N VAL C 327 18.32 37.47 41.25
CA VAL C 327 18.58 36.07 40.92
C VAL C 327 18.37 35.19 42.15
N THR C 328 18.83 35.66 43.32
CA THR C 328 18.63 34.93 44.57
C THR C 328 17.15 34.71 44.86
N ALA C 329 16.32 35.71 44.54
CA ALA C 329 14.92 35.62 44.91
C ALA C 329 14.15 34.55 44.12
N ILE C 330 14.64 34.15 42.95
CA ILE C 330 13.92 33.15 42.17
C ILE C 330 14.69 31.84 42.09
N VAL C 331 15.51 31.53 43.08
CA VAL C 331 16.16 30.23 43.14
C VAL C 331 15.23 29.25 43.86
N PRO C 332 14.95 28.09 43.28
CA PRO C 332 14.00 27.16 43.90
C PRO C 332 14.53 26.62 45.22
N GLY C 333 13.60 26.13 46.05
CA GLY C 333 13.94 25.45 47.28
C GLY C 333 14.27 26.32 48.49
N LEU C 334 13.96 27.62 48.45
CA LEU C 334 14.27 28.47 49.60
C LEU C 334 13.59 28.01 50.88
N GLY C 335 12.36 27.48 50.78
CA GLY C 335 11.63 27.11 51.97
C GLY C 335 12.31 26.03 52.79
N GLU C 336 13.03 25.12 52.12
CA GLU C 336 13.71 24.05 52.85
C GLU C 336 15.00 24.53 53.48
N CYS C 337 15.47 25.70 53.09
CA CYS C 337 16.62 26.27 53.75
C CYS C 337 16.21 27.03 55.02
N VAL C 338 15.25 27.95 54.91
CA VAL C 338 14.94 28.82 56.04
C VAL C 338 13.88 28.26 56.98
N GLY C 339 13.04 27.34 56.51
CA GLY C 339 12.09 26.69 57.40
C GLY C 339 10.97 27.56 57.94
N ILE C 340 10.81 28.78 57.47
CA ILE C 340 9.74 29.65 57.94
C ILE C 340 8.89 30.18 56.79
N ALA C 341 8.87 29.48 55.65
CA ALA C 341 8.05 29.93 54.53
C ALA C 341 6.57 29.75 54.79
N ASN C 342 6.20 28.77 55.61
CA ASN C 342 4.80 28.44 55.86
C ASN C 342 4.35 28.72 57.29
N ALA C 343 5.25 28.70 58.26
CA ALA C 343 4.89 28.82 59.66
C ALA C 343 6.14 29.20 60.45
N ILE C 344 5.94 29.97 61.50
CA ILE C 344 7.06 30.46 62.31
C ILE C 344 6.67 30.37 63.77
N ASP C 345 7.62 30.00 64.63
CA ASP C 345 7.33 29.87 66.06
C ASP C 345 6.95 31.22 66.64
N LYS C 346 5.68 31.40 67.00
CA LYS C 346 5.21 32.71 67.46
C LYS C 346 5.87 33.17 68.76
N ARG C 347 6.70 32.33 69.38
CA ARG C 347 7.40 32.72 70.60
C ARG C 347 8.62 33.60 70.34
N ASP C 348 9.18 33.56 69.15
CA ASP C 348 10.29 34.45 68.83
C ASP C 348 10.36 34.66 67.33
N PRO C 349 9.36 35.33 66.73
CA PRO C 349 9.43 35.57 65.27
C PRO C 349 10.58 36.47 64.88
N GLU C 350 10.89 37.47 65.71
CA GLU C 350 12.02 38.36 65.42
C GLU C 350 13.32 37.57 65.30
N GLY C 351 13.62 36.75 66.30
CA GLY C 351 14.88 36.01 66.27
C GLY C 351 14.96 35.04 65.10
N LEU C 352 13.85 34.37 64.81
CA LEU C 352 13.87 33.37 63.74
C LEU C 352 14.10 34.03 62.38
N ILE C 353 13.42 35.15 62.13
CA ILE C 353 13.64 35.86 60.88
C ILE C 353 15.10 36.31 60.78
N ILE C 354 15.60 37.02 61.80
CA ILE C 354 17.00 37.46 61.80
C ILE C 354 17.91 36.26 61.61
N ASN C 355 17.60 35.17 62.29
CA ASN C 355 18.45 33.98 62.27
C ASN C 355 18.45 33.31 60.90
N THR C 356 17.27 33.12 60.30
CA THR C 356 17.23 32.25 59.13
C THR C 356 17.62 33.02 57.88
N ILE C 357 17.29 34.30 57.79
CA ILE C 357 17.71 35.07 56.62
C ILE C 357 19.23 35.18 56.59
N SER C 358 19.82 35.55 57.75
CA SER C 358 21.27 35.58 57.88
C SER C 358 21.90 34.26 57.43
N ALA C 360 20.72 31.90 55.46
CA ALA C 360 20.57 31.74 54.02
C ALA C 360 21.58 32.61 53.29
N ALA C 361 21.71 33.87 53.71
CA ALA C 361 22.64 34.77 53.04
C ALA C 361 24.08 34.30 53.24
N LEU C 362 24.44 33.96 54.47
CA LEU C 362 25.81 33.51 54.76
C LEU C 362 26.18 32.27 53.96
N ALA C 364 24.77 31.32 51.05
CA ALA C 364 24.89 31.75 49.66
C ALA C 364 26.25 32.39 49.43
N SER C 365 26.68 33.26 50.35
CA SER C 365 27.95 33.95 50.22
C SER C 365 29.14 32.99 50.30
N ALA C 366 28.95 31.78 50.83
CA ALA C 366 30.02 30.81 50.84
C ALA C 366 30.13 30.04 49.52
N ALA C 367 29.05 29.99 48.73
CA ALA C 367 28.94 29.11 47.58
C ALA C 367 29.10 29.79 46.22
N VAL C 368 28.68 31.05 46.10
CA VAL C 368 28.63 31.72 44.79
C VAL C 368 30.02 32.02 44.26
N PRO C 369 30.20 32.19 42.96
CA PRO C 369 31.45 32.77 42.47
C PRO C 369 31.58 34.19 42.98
N VAL C 370 32.82 34.62 43.22
CA VAL C 370 33.07 35.96 43.73
C VAL C 370 33.25 36.86 42.50
N LEU C 371 32.15 37.49 42.08
CA LEU C 371 32.12 38.24 40.82
C LEU C 371 32.46 39.70 41.08
N ALA C 372 33.37 40.23 40.26
CA ALA C 372 33.87 41.59 40.48
C ALA C 372 32.77 42.64 40.44
N PRO C 373 31.78 42.56 39.55
CA PRO C 373 30.68 43.55 39.59
C PRO C 373 29.93 43.57 40.91
N ILE C 374 29.86 42.45 41.63
CA ILE C 374 29.11 42.44 42.88
C ILE C 374 29.95 43.01 44.01
N GLY C 375 31.25 42.75 44.00
CA GLY C 375 32.13 43.14 45.08
C GLY C 375 32.85 41.94 45.64
N VAL C 376 33.06 41.96 46.95
CA VAL C 376 33.69 40.82 47.63
C VAL C 376 32.59 39.87 48.08
N ALA C 377 32.98 38.75 48.70
CA ALA C 377 31.98 37.79 49.19
C ALA C 377 30.92 38.46 50.06
N LEU C 378 31.33 39.40 50.92
CA LEU C 378 30.37 40.02 51.82
C LEU C 378 29.21 40.63 51.04
N ASP C 379 29.53 41.37 49.98
CA ASP C 379 28.51 42.04 49.17
C ASP C 379 27.53 41.04 48.58
N ALA C 380 28.04 39.86 48.16
CA ALA C 380 27.15 38.81 47.67
C ALA C 380 26.18 38.35 48.77
N GLY C 381 26.72 38.07 49.95
CA GLY C 381 25.84 37.76 51.08
C GLY C 381 24.83 38.85 51.33
N LEU C 382 25.28 40.11 51.35
CA LEU C 382 24.34 41.19 51.55
C LEU C 382 23.26 41.18 50.46
N ALA C 383 23.68 41.05 49.19
CA ALA C 383 22.70 40.98 48.11
C ALA C 383 21.74 39.81 48.29
N ALA C 384 22.28 38.63 48.62
CA ALA C 384 21.44 37.47 48.87
C ALA C 384 20.45 37.75 50.00
N ALA C 385 20.90 38.45 51.05
CA ALA C 385 20.00 38.72 52.18
C ALA C 385 18.82 39.56 51.73
N GLN C 386 19.08 40.58 50.92
CA GLN C 386 17.99 41.35 50.33
C GLN C 386 17.04 40.46 49.54
N GLY C 387 17.58 39.57 48.70
CA GLY C 387 16.71 38.72 47.90
C GLY C 387 15.84 37.81 48.72
N VAL C 388 16.43 37.17 49.71
CA VAL C 388 15.65 36.31 50.61
C VAL C 388 14.59 37.13 51.32
N ALA C 389 14.94 38.33 51.80
CA ALA C 389 13.97 39.16 52.47
C ALA C 389 12.80 39.47 51.56
N THR C 390 13.08 39.83 50.30
CA THR C 390 12.00 40.16 49.37
C THR C 390 11.04 38.99 49.20
N VAL C 391 11.57 37.76 49.16
CA VAL C 391 10.71 36.59 48.97
C VAL C 391 9.80 36.39 50.18
N LEU C 392 10.38 36.36 51.38
CA LEU C 392 9.58 36.12 52.57
C LEU C 392 8.63 37.27 52.85
N GLU C 393 8.96 38.48 52.40
CA GLU C 393 8.13 39.62 52.73
C GLU C 393 6.73 39.46 52.15
N TYR C 394 6.61 38.78 51.03
CA TYR C 394 5.37 38.61 50.30
C TYR C 394 4.61 37.35 50.70
N LEU C 395 5.07 36.64 51.74
CA LEU C 395 4.39 35.46 52.25
C LEU C 395 3.74 35.76 53.59
N GLU C 396 2.68 35.02 53.91
CA GLU C 396 2.04 35.13 55.22
C GLU C 396 2.70 34.10 56.12
N ILE C 397 3.78 34.53 56.77
CA ILE C 397 4.61 33.61 57.53
C ILE C 397 3.90 33.20 58.82
N GLY C 398 3.44 34.17 59.59
CA GLY C 398 2.83 33.90 60.87
C GLY C 398 1.32 33.83 60.86
N GLN C 399 0.69 33.75 59.70
CA GLN C 399 -0.75 33.63 59.70
C GLN C 399 -1.18 32.24 59.26
N PRO C 400 -2.28 31.74 59.81
CA PRO C 400 -2.69 30.36 59.56
C PRO C 400 -2.92 30.09 58.08
N ALA C 401 -2.88 28.81 57.74
CA ALA C 401 -3.05 28.41 56.35
C ALA C 401 -4.52 28.52 55.94
N ARG C 402 -4.78 29.11 54.78
CA ARG C 402 -6.11 29.09 54.21
C ARG C 402 -6.39 27.71 53.64
N THR C 403 -7.66 27.32 53.68
CA THR C 403 -8.05 26.06 53.09
C THR C 403 -8.00 26.18 51.57
N PRO C 404 -7.16 25.40 50.89
CA PRO C 404 -7.01 25.56 49.44
C PRO C 404 -8.28 25.15 48.70
N LEU C 405 -8.40 25.64 47.49
CA LEU C 405 -9.60 25.34 46.71
C LEU C 405 -9.49 23.96 46.08
N PRO C 406 -10.58 23.19 46.05
CA PRO C 406 -10.52 21.87 45.42
C PRO C 406 -10.11 21.98 43.96
N VAL C 407 -9.47 20.92 43.48
CA VAL C 407 -8.74 20.91 42.23
C VAL C 407 -9.13 19.68 41.43
N SER C 408 -8.86 19.72 40.12
CA SER C 408 -9.06 18.55 39.27
C SER C 408 -7.99 18.54 38.17
N SER C 409 -7.71 17.34 37.65
CA SER C 409 -6.80 17.17 36.53
C SER C 409 -5.41 17.74 36.79
N PRO C 410 -4.80 17.45 37.93
CA PRO C 410 -3.49 18.00 38.23
C PRO C 410 -2.39 17.33 37.41
N LYS C 411 -1.28 18.05 37.27
CA LYS C 411 -0.05 17.52 36.70
C LYS C 411 1.11 18.03 37.52
N THR C 412 2.01 17.12 37.91
CA THR C 412 3.07 17.43 38.86
C THR C 412 4.41 17.34 38.16
N HIS C 413 5.32 18.22 38.55
CA HIS C 413 6.68 18.19 38.02
C HIS C 413 7.60 18.89 39.00
N LYS C 414 8.69 18.22 39.39
CA LYS C 414 9.69 18.81 40.27
C LYS C 414 9.05 19.46 41.49
N GLY C 415 8.14 18.71 42.13
CA GLY C 415 7.58 19.17 43.37
C GLY C 415 6.53 20.24 43.25
N VAL C 416 6.18 20.61 42.03
CA VAL C 416 5.16 21.63 41.80
C VAL C 416 3.95 20.98 41.14
N THR C 417 2.77 21.49 41.47
CA THR C 417 1.53 20.96 40.91
C THR C 417 0.70 22.08 40.32
N ALA C 418 0.23 21.89 39.10
CA ALA C 418 -0.76 22.77 38.49
C ALA C 418 -2.04 21.98 38.31
N ALA C 419 -3.17 22.61 38.57
CA ALA C 419 -4.45 21.93 38.45
C ALA C 419 -5.53 22.97 38.19
N TRP C 420 -6.63 22.53 37.61
CA TRP C 420 -7.76 23.40 37.34
C TRP C 420 -8.66 23.52 38.56
N VAL C 421 -9.12 24.74 38.85
CA VAL C 421 -10.09 25.00 39.90
C VAL C 421 -11.46 25.09 39.24
N GLY C 422 -12.36 24.18 39.58
CA GLY C 422 -13.65 24.18 38.92
C GLY C 422 -13.54 23.65 37.50
N SER C 423 -14.34 24.23 36.61
CA SER C 423 -14.45 23.78 35.23
C SER C 423 -13.46 24.53 34.33
N GLU C 424 -12.63 23.78 33.60
CA GLU C 424 -11.69 24.39 32.66
C GLU C 424 -12.31 24.69 31.31
N ARG C 425 -13.49 24.15 31.01
CA ARG C 425 -14.09 24.28 29.69
C ARG C 425 -14.44 25.73 29.37
N ILE C 426 -14.10 26.13 28.15
CA ILE C 426 -14.49 27.43 27.59
C ILE C 426 -15.58 27.17 26.55
N ILE C 427 -16.79 27.67 26.84
CA ILE C 427 -17.94 27.45 25.97
C ILE C 427 -18.22 28.73 25.19
N ALA C 428 -18.42 28.60 23.89
CA ALA C 428 -18.61 29.77 23.04
C ALA C 428 -19.98 30.40 23.26
N HIS C 429 -21.03 29.57 23.38
CA HIS C 429 -22.40 30.04 23.54
C HIS C 429 -22.89 29.61 24.91
N ARG C 430 -23.17 30.60 25.77
CA ARG C 430 -23.77 30.35 27.09
C ARG C 430 -24.51 31.59 27.56
N PRO C 431 -25.60 31.96 26.85
CA PRO C 431 -26.09 31.26 25.65
C PRO C 431 -25.57 31.88 24.37
N ARG C 432 -24.90 33.01 24.47
CA ARG C 432 -24.32 33.73 23.36
C ARG C 432 -22.85 33.96 23.64
N PRO C 433 -22.10 34.47 22.66
CA PRO C 433 -20.71 34.82 22.91
C PRO C 433 -20.61 35.89 24.00
N GLY C 434 -19.48 35.88 24.70
CA GLY C 434 -19.27 36.83 25.78
C GLY C 434 -18.00 36.47 26.54
N ARG C 436 -15.62 34.72 29.03
CA ARG C 436 -15.51 33.38 29.60
C ARG C 436 -14.17 33.28 30.31
N GLN C 437 -14.13 32.49 31.38
CA GLN C 437 -12.95 32.45 32.22
C GLN C 437 -12.79 31.08 32.85
N HIS C 438 -11.53 30.69 33.00
CA HIS C 438 -11.14 29.52 33.77
C HIS C 438 -10.01 29.91 34.70
N ILE C 439 -9.78 29.08 35.72
CA ILE C 439 -8.83 29.40 36.77
C ILE C 439 -8.10 28.13 37.18
N PHE C 440 -6.78 28.20 37.23
CA PHE C 440 -5.96 27.11 37.71
C PHE C 440 -5.12 27.60 38.88
N SER C 441 -4.61 26.64 39.67
CA SER C 441 -3.77 26.94 40.82
C SER C 441 -2.42 26.24 40.68
N VAL C 442 -1.41 26.86 41.27
CA VAL C 442 -0.05 26.35 41.31
C VAL C 442 0.31 26.10 42.77
N SER C 443 0.73 24.87 43.08
CA SER C 443 0.86 24.36 44.43
C SER C 443 2.20 23.67 44.62
N ILE C 444 2.50 23.36 45.87
CA ILE C 444 3.69 22.61 46.23
C ILE C 444 3.24 21.22 46.60
N ASP C 445 3.76 20.23 45.88
CA ASP C 445 3.48 18.84 46.20
C ASP C 445 3.77 18.57 47.67
N SER C 446 2.78 18.10 48.41
CA SER C 446 2.91 17.97 49.87
C SER C 446 3.92 16.91 50.34
N SER C 447 4.50 16.11 49.44
CA SER C 447 5.50 15.14 49.89
C SER C 447 6.80 15.83 50.31
N LYS C 448 7.03 17.06 49.86
CA LYS C 448 8.07 17.94 50.37
C LYS C 448 7.36 19.15 50.96
N PRO C 449 6.96 19.09 52.22
CA PRO C 449 6.10 20.14 52.78
C PRO C 449 6.66 21.55 52.65
N GLU C 450 7.96 21.72 52.85
CA GLU C 450 8.57 23.05 52.90
C GLU C 450 9.24 23.46 51.58
N TYR C 451 9.01 22.71 50.50
CA TYR C 451 9.61 23.08 49.23
C TYR C 451 8.96 24.36 48.68
N THR C 452 9.72 25.05 47.84
CA THR C 452 9.38 26.38 47.40
C THR C 452 9.85 26.56 45.96
N ALA C 453 9.10 27.31 45.18
CA ALA C 453 9.50 27.61 43.81
C ALA C 453 8.94 28.98 43.41
N PRO C 454 9.62 29.70 42.51
CA PRO C 454 9.05 30.95 42.01
C PRO C 454 8.01 30.70 40.95
N LEU C 455 7.08 31.64 40.85
CA LEU C 455 6.20 31.73 39.69
C LEU C 455 6.77 32.85 38.81
N ILE C 456 7.34 32.47 37.67
CA ILE C 456 8.04 33.43 36.82
C ILE C 456 7.15 33.97 35.72
N GLU C 457 6.41 33.10 35.03
CA GLU C 457 5.50 33.53 33.99
C GLU C 457 4.42 32.48 33.82
N VAL C 458 3.34 32.88 33.15
CA VAL C 458 2.25 31.98 32.77
C VAL C 458 1.77 32.38 31.38
N ALA C 459 1.34 31.38 30.63
CA ALA C 459 0.95 31.59 29.24
C ALA C 459 -0.28 30.77 28.91
N GLY C 460 -0.95 31.18 27.84
CA GLY C 460 -2.07 30.44 27.30
C GLY C 460 -2.21 30.68 25.81
N VAL C 461 -3.04 29.85 25.20
CA VAL C 461 -3.28 30.00 23.77
C VAL C 461 -4.27 31.14 23.52
N ARG C 462 -4.35 31.56 22.27
CA ARG C 462 -5.30 32.57 21.84
C ARG C 462 -5.51 32.42 20.34
N ALA C 463 -6.62 32.97 19.88
CA ALA C 463 -6.92 33.00 18.46
C ALA C 463 -7.65 34.31 18.18
N ASP C 464 -7.11 35.11 17.27
CA ASP C 464 -7.66 36.43 16.99
C ASP C 464 -9.09 36.31 16.48
N GLY C 465 -10.01 36.98 17.17
CA GLY C 465 -11.41 36.98 16.81
C GLY C 465 -12.18 35.77 17.25
N LYS C 466 -11.56 34.89 18.04
CA LYS C 466 -12.20 33.64 18.39
C LYS C 466 -12.04 33.37 19.87
N LEU C 467 -10.81 33.45 20.37
CA LEU C 467 -10.55 33.42 21.81
C LEU C 467 -9.58 34.56 22.09
N ASP C 468 -10.10 35.71 22.50
CA ASP C 468 -9.30 36.93 22.66
C ASP C 468 -9.07 37.19 24.14
N PRO C 469 -7.87 37.00 24.68
CA PRO C 469 -7.65 37.23 26.10
C PRO C 469 -7.95 38.67 26.46
N SER C 470 -8.47 38.86 27.67
CA SER C 470 -8.79 40.17 28.22
C SER C 470 -7.76 40.53 29.28
N PRO C 471 -6.68 41.23 28.91
CA PRO C 471 -5.65 41.54 29.92
C PRO C 471 -6.19 42.28 31.12
N GLU C 472 -7.25 43.06 30.94
CA GLU C 472 -7.78 43.86 32.04
C GLU C 472 -8.31 42.97 33.17
N TRP C 473 -8.74 41.74 32.83
CA TRP C 473 -9.39 40.83 33.77
C TRP C 473 -8.62 39.55 34.05
N ILE C 474 -7.37 39.42 33.59
CA ILE C 474 -6.50 38.38 34.10
C ILE C 474 -6.06 38.76 35.50
N ARG C 475 -5.90 37.76 36.38
CA ARG C 475 -5.57 38.00 37.78
C ARG C 475 -4.66 36.90 38.29
N ILE C 476 -3.75 37.28 39.18
CA ILE C 476 -2.93 36.34 39.92
C ILE C 476 -3.08 36.71 41.39
N ARG C 477 -3.46 35.73 42.22
CA ARG C 477 -3.83 35.99 43.60
C ARG C 477 -3.14 34.99 44.52
N GLN C 478 -2.75 35.47 45.70
CA GLN C 478 -2.14 34.62 46.71
C GLN C 478 -2.43 35.16 48.10
N ASN C 479 -2.18 36.44 48.31
CA ASN C 479 -2.28 37.08 49.62
C ASN C 479 -3.15 38.32 49.52
N HIS C 480 -3.00 39.19 50.50
CA HIS C 480 -3.40 40.59 50.40
C HIS C 480 -2.45 41.41 49.57
N TYR C 481 -1.28 40.88 49.25
CA TYR C 481 -0.35 41.59 48.39
C TYR C 481 -0.84 41.54 46.95
N PRO C 482 -0.68 42.62 46.19
CA PRO C 482 -0.92 42.54 44.76
C PRO C 482 0.16 41.68 44.11
N ILE C 483 -0.20 41.05 43.00
CA ILE C 483 0.79 40.29 42.23
C ILE C 483 0.89 40.94 40.85
N PRO C 484 1.82 41.86 40.64
CA PRO C 484 1.90 42.49 39.32
C PRO C 484 2.45 41.52 38.27
N PHE C 485 1.93 41.66 37.05
CA PHE C 485 2.46 40.95 35.89
C PHE C 485 2.36 41.85 34.68
N ARG C 486 3.18 41.56 33.68
CA ARG C 486 3.16 42.24 32.39
C ARG C 486 2.47 41.34 31.37
N PHE C 487 1.44 41.87 30.71
CA PHE C 487 0.75 41.13 29.66
C PHE C 487 1.49 41.33 28.35
N GLU C 488 1.79 40.22 27.66
CA GLU C 488 2.45 40.26 26.35
C GLU C 488 1.67 39.39 25.38
N LYS C 489 1.24 40.01 24.28
CA LYS C 489 0.71 39.26 23.15
C LYS C 489 1.89 38.82 22.29
N LEU C 490 2.00 37.53 22.04
CA LEU C 490 3.18 36.98 21.39
C LEU C 490 2.94 36.82 19.89
N SER C 491 3.96 37.20 19.10
CA SER C 491 3.88 37.03 17.67
C SER C 491 4.17 35.58 17.29
N GLY C 492 3.71 35.20 16.12
CA GLY C 492 3.91 33.86 15.60
C GLY C 492 2.66 33.01 15.64
N ASP C 493 2.58 32.06 14.70
CA ASP C 493 1.46 31.14 14.61
C ASP C 493 1.89 29.74 15.02
N SER C 494 0.93 28.95 15.48
CA SER C 494 1.21 27.55 15.79
C SER C 494 2.15 27.43 16.98
N PRO C 495 1.71 27.83 18.18
CA PRO C 495 0.37 28.41 18.38
C PRO C 495 0.38 29.92 18.60
N TYR C 496 -0.73 30.61 18.35
CA TYR C 496 -0.89 31.98 18.82
C TYR C 496 -1.01 31.96 20.33
N ALA C 497 -0.22 32.79 21.01
CA ALA C 497 -0.18 32.72 22.47
C ALA C 497 -0.09 34.12 23.07
N PHE C 498 -0.31 34.16 24.39
CA PHE C 498 -0.03 35.32 25.22
C PHE C 498 0.68 34.81 26.46
N ARG C 499 1.39 35.71 27.14
CA ARG C 499 2.04 35.32 28.38
C ARG C 499 2.03 36.48 29.36
N CYS C 500 2.07 36.15 30.64
CA CYS C 500 2.12 37.11 31.74
C CYS C 500 3.41 36.91 32.52
N VAL C 501 4.25 37.93 32.57
CA VAL C 501 5.53 37.86 33.26
C VAL C 501 5.40 38.56 34.60
N LEU C 502 5.72 37.85 35.68
CA LEU C 502 5.56 38.43 37.00
C LEU C 502 6.67 39.44 37.28
N LEU C 503 6.30 40.54 37.92
CA LEU C 503 7.15 41.73 38.01
C LEU C 503 7.80 41.89 39.37
N ARG C 504 7.58 40.95 40.30
CA ARG C 504 8.31 40.89 41.55
C ARG C 504 8.33 39.44 42.01
N PRO C 505 9.25 39.07 42.89
CA PRO C 505 9.37 37.67 43.31
C PRO C 505 8.07 37.12 43.86
N THR C 506 7.50 36.15 43.17
CA THR C 506 6.25 35.52 43.58
C THR C 506 6.51 34.03 43.84
N THR C 507 6.29 33.58 45.07
CA THR C 507 6.78 32.28 45.52
C THR C 507 5.63 31.36 45.90
N ILE C 508 5.61 30.18 45.28
CA ILE C 508 4.62 29.14 45.55
C ILE C 508 5.03 28.39 46.81
N THR C 509 4.15 28.36 47.82
CA THR C 509 4.37 27.61 49.05
C THR C 509 3.20 26.67 49.28
N ARG C 510 3.40 25.71 50.18
CA ARG C 510 2.36 24.74 50.46
C ARG C 510 1.16 25.39 51.14
N THR C 511 1.41 26.35 52.03
CA THR C 511 0.30 27.03 52.65
C THR C 511 -0.33 28.07 51.73
N GLU C 512 0.40 28.59 50.76
CA GLU C 512 -0.10 29.70 49.93
C GLU C 512 0.10 29.42 48.45
N PRO C 513 -0.74 28.55 47.86
CA PRO C 513 -0.70 28.35 46.42
C PRO C 513 -1.14 29.62 45.68
N VAL C 514 -0.76 29.72 44.41
CA VAL C 514 -1.07 30.90 43.62
C VAL C 514 -2.21 30.57 42.65
N TYR C 515 -3.21 31.45 42.60
CA TYR C 515 -4.40 31.25 41.77
C TYR C 515 -4.35 32.18 40.57
N VAL C 516 -4.43 31.60 39.38
CA VAL C 516 -4.32 32.34 38.12
C VAL C 516 -5.65 32.25 37.39
N THR C 517 -6.19 33.40 36.99
CA THR C 517 -7.44 33.50 36.26
C THR C 517 -7.17 34.09 34.88
N PHE C 518 -7.52 33.34 33.84
CA PHE C 518 -7.49 33.82 32.46
C PHE C 518 -8.92 34.08 31.99
N ALA C 519 -9.15 35.25 31.40
CA ALA C 519 -10.43 35.64 30.83
C ALA C 519 -10.26 35.86 29.32
N TYR C 520 -11.25 35.40 28.56
CA TYR C 520 -11.22 35.54 27.12
C TYR C 520 -12.60 35.99 26.63
N THR C 522 -15.28 35.02 23.63
CA THR C 522 -15.72 34.19 22.54
C THR C 522 -16.56 35.01 21.57
N SER C 523 -16.85 34.41 20.41
CA SER C 523 -17.55 35.10 19.35
C SER C 523 -18.35 34.06 18.57
N ASP C 524 -19.03 34.52 17.52
CA ASP C 524 -19.68 33.61 16.61
C ASP C 524 -18.70 32.87 15.72
N THR C 526 -15.77 31.44 17.08
CA THR C 526 -14.94 30.56 17.90
C THR C 526 -15.05 29.11 17.46
N CYS C 527 -16.26 28.65 17.15
CA CYS C 527 -16.54 27.26 16.79
C CYS C 527 -17.33 27.23 15.49
N ARG C 528 -16.80 26.55 14.48
CA ARG C 528 -17.46 26.48 13.18
C ARG C 528 -18.33 25.22 13.10
N THR C 529 -19.10 25.14 12.01
CA THR C 529 -20.09 24.07 11.85
C THR C 529 -19.45 22.76 11.43
N GLY C 530 -18.89 22.76 10.21
CA GLY C 530 -18.43 21.58 9.49
C GLY C 530 -17.89 20.38 10.24
N GLU C 531 -17.00 20.58 11.21
CA GLU C 531 -16.31 19.50 11.89
C GLU C 531 -17.05 19.12 13.17
N SER C 532 -17.37 17.82 13.30
CA SER C 532 -17.94 17.31 14.54
C SER C 532 -16.96 17.43 15.70
N ASP C 533 -15.68 17.19 15.46
CA ASP C 533 -14.69 17.32 16.52
C ASP C 533 -14.62 18.77 16.98
N PRO C 534 -14.99 19.08 18.23
CA PRO C 534 -14.77 20.45 18.73
C PRO C 534 -13.30 20.83 18.81
N ASN C 535 -12.39 19.86 18.92
CA ASN C 535 -10.98 20.24 18.95
C ASN C 535 -10.51 20.75 17.58
N LYS C 536 -11.20 20.37 16.51
CA LYS C 536 -10.91 20.91 15.19
C LYS C 536 -11.83 22.06 14.83
N ALA C 537 -13.07 22.05 15.34
CA ALA C 537 -14.06 23.03 14.96
C ALA C 537 -13.98 24.31 15.78
N CYS C 538 -13.37 24.24 16.96
CA CYS C 538 -13.19 25.41 17.81
C CYS C 538 -11.74 25.85 17.76
N SER C 539 -11.52 27.15 17.68
CA SER C 539 -10.16 27.64 17.71
C SER C 539 -9.90 28.40 18.99
N PRO C 540 -8.68 28.32 19.53
CA PRO C 540 -7.55 27.59 18.95
C PRO C 540 -7.67 26.07 19.09
N ASN C 541 -7.03 25.34 18.19
CA ASN C 541 -6.98 23.88 18.33
C ASN C 541 -6.02 23.50 19.45
N ASN C 542 -6.28 22.35 20.08
CA ASN C 542 -5.42 21.81 21.11
C ASN C 542 -5.09 22.84 22.20
N PRO C 543 -6.12 23.36 22.89
CA PRO C 543 -5.91 24.50 23.79
C PRO C 543 -5.20 24.07 25.07
N ALA C 544 -4.36 24.97 25.57
CA ALA C 544 -3.64 24.66 26.80
C ALA C 544 -3.16 25.96 27.44
N ILE C 545 -2.84 25.88 28.74
CA ILE C 545 -2.10 26.93 29.44
C ILE C 545 -0.83 26.29 29.98
N ALA C 546 0.10 27.13 30.43
CA ALA C 546 1.39 26.65 30.91
C ALA C 546 1.93 27.60 31.96
N VAL C 547 2.58 27.02 32.97
CA VAL C 547 3.19 27.78 34.06
C VAL C 547 4.66 27.40 34.11
N ARG C 548 5.52 28.39 34.28
CA ARG C 548 6.95 28.18 34.39
C ARG C 548 7.41 28.59 35.77
N PHE C 549 8.16 27.70 36.43
CA PHE C 549 8.59 27.91 37.81
C PHE C 549 10.09 27.75 37.99
N GLY C 550 10.87 27.89 36.91
CA GLY C 550 12.31 27.89 37.00
C GLY C 550 12.94 28.37 35.71
N SER C 551 14.25 28.16 35.61
CA SER C 551 15.03 28.63 34.46
C SER C 551 14.47 28.10 33.15
N LEU C 552 14.62 28.91 32.10
CA LEU C 552 14.29 28.45 30.77
C LEU C 552 15.28 27.40 30.31
N VAL C 553 14.81 26.54 29.40
CA VAL C 553 15.67 25.56 28.74
C VAL C 553 15.93 26.06 27.32
N LYS C 554 17.17 25.97 26.87
CA LYS C 554 17.54 26.50 25.57
C LYS C 554 16.59 25.99 24.48
N ASN C 555 16.05 26.92 23.68
CA ASN C 555 15.16 26.61 22.56
C ASN C 555 13.78 26.18 23.01
N GLU C 556 13.41 26.45 24.24
CA GLU C 556 12.08 26.13 24.77
C GLU C 556 11.50 27.37 25.44
N ASP C 557 10.54 28.02 24.78
CA ASP C 557 9.85 29.17 25.36
C ASP C 557 8.37 28.81 25.57
N GLU C 558 7.56 29.80 25.93
CA GLU C 558 6.16 29.54 26.20
C GLU C 558 5.48 28.87 25.01
N ARG C 559 5.76 29.34 23.79
CA ARG C 559 5.04 28.81 22.65
C ARG C 559 5.45 27.37 22.36
N SER C 560 6.69 27.00 22.68
CA SER C 560 7.08 25.59 22.54
C SER C 560 6.19 24.71 23.40
N VAL C 561 5.98 25.09 24.66
CA VAL C 561 5.20 24.27 25.59
C VAL C 561 3.73 24.28 25.17
N LEU C 562 3.23 25.44 24.78
CA LEU C 562 1.81 25.53 24.44
C LEU C 562 1.48 24.67 23.21
N ALA C 563 2.38 24.56 22.25
CA ALA C 563 2.10 23.75 21.08
C ALA C 563 1.81 22.30 21.49
N VAL C 564 0.86 21.68 20.78
CA VAL C 564 0.57 20.26 21.00
C VAL C 564 1.73 19.36 20.62
N THR C 565 2.77 19.92 19.98
CA THR C 565 3.95 19.18 19.53
C THR C 565 5.03 19.10 20.60
N TRP C 566 4.78 19.62 21.79
CA TRP C 566 5.81 19.68 22.82
C TRP C 566 6.14 18.29 23.33
N PRO C 567 7.43 17.95 23.49
CA PRO C 567 7.77 16.60 23.97
C PRO C 567 7.27 16.32 25.38
N GLY C 568 7.37 17.30 26.29
CA GLY C 568 6.86 17.16 27.63
C GLY C 568 7.91 16.81 28.68
N PRO C 569 7.48 16.75 29.94
CA PRO C 569 8.43 16.46 31.04
C PRO C 569 9.08 15.10 30.94
N SER C 570 8.47 14.16 30.23
CA SER C 570 9.04 12.83 30.22
C SER C 570 10.23 12.74 29.29
N ILE C 571 10.14 13.42 28.15
CA ILE C 571 11.25 13.47 27.20
C ILE C 571 12.22 14.59 27.53
N ARG C 572 11.75 15.65 28.19
CA ARG C 572 12.56 16.81 28.55
C ARG C 572 12.41 17.04 30.05
N PRO C 573 12.96 16.15 30.88
CA PRO C 573 12.83 16.32 32.32
C PRO C 573 13.50 17.57 32.83
N GLU C 574 14.44 18.14 32.07
CA GLU C 574 15.08 19.38 32.48
C GLU C 574 14.10 20.55 32.54
N THR C 575 12.96 20.44 31.86
CA THR C 575 12.04 21.55 31.72
C THR C 575 11.52 22.02 33.08
N ASN C 576 11.22 23.31 33.15
CA ASN C 576 10.64 23.91 34.36
C ASN C 576 9.21 24.41 34.09
N TRP C 577 8.52 23.76 33.16
CA TRP C 577 7.18 24.12 32.76
C TRP C 577 6.22 22.99 33.11
N ILE C 578 5.02 23.33 33.56
CA ILE C 578 3.90 22.41 33.59
C ILE C 578 2.84 22.91 32.62
N LYS C 579 2.19 21.98 31.91
CA LYS C 579 1.18 22.32 30.91
C LYS C 579 -0.17 21.76 31.32
N LEU C 580 -1.19 22.61 31.36
CA LEU C 580 -2.54 22.12 31.61
C LEU C 580 -3.37 22.26 30.33
N PRO C 581 -3.82 21.15 29.74
CA PRO C 581 -4.71 21.26 28.57
C PRO C 581 -6.13 21.58 29.00
N TYR C 582 -6.86 22.22 28.09
CA TYR C 582 -8.29 22.49 28.28
C TYR C 582 -8.96 22.43 26.91
N SER C 583 -10.29 22.38 26.90
CA SER C 583 -11.03 22.25 25.66
C SER C 583 -12.06 23.35 25.52
N ILE C 584 -12.35 23.68 24.26
CA ILE C 584 -13.36 24.66 23.89
C ILE C 584 -14.50 23.90 23.23
N HIS C 585 -15.73 24.36 23.47
CA HIS C 585 -16.91 23.68 22.97
C HIS C 585 -17.93 24.71 22.51
N PRO C 586 -18.80 24.36 21.56
CA PRO C 586 -19.86 25.28 21.13
C PRO C 586 -20.94 25.51 22.19
N TYR C 587 -21.51 24.44 22.72
CA TYR C 587 -22.48 24.54 23.82
C TYR C 587 -21.96 23.80 25.04
N GLU D 6 54.27 -8.10 -12.49
CA GLU D 6 54.40 -7.16 -13.59
C GLU D 6 53.29 -7.30 -14.64
N ASN D 7 53.13 -8.49 -15.20
CA ASN D 7 52.30 -8.67 -16.40
C ASN D 7 50.83 -8.86 -16.11
N ILE D 8 50.49 -9.41 -14.94
CA ILE D 8 49.10 -9.66 -14.56
C ILE D 8 48.83 -8.95 -13.25
N GLN D 9 47.56 -8.93 -12.87
CA GLN D 9 47.13 -8.35 -11.60
C GLN D 9 45.85 -9.04 -11.16
N VAL D 10 45.47 -8.78 -9.92
CA VAL D 10 44.25 -9.35 -9.34
C VAL D 10 43.45 -8.22 -8.71
N ALA D 11 42.14 -8.23 -8.93
CA ALA D 11 41.24 -7.25 -8.33
C ALA D 11 39.94 -7.93 -7.95
N GLU D 12 39.36 -7.52 -6.84
CA GLU D 12 38.10 -8.10 -6.41
C GLU D 12 36.95 -7.56 -7.25
N ILE D 13 36.10 -8.46 -7.72
CA ILE D 13 34.90 -8.10 -8.48
C ILE D 13 33.69 -8.54 -7.67
N THR D 14 32.55 -7.93 -8.01
CA THR D 14 31.26 -8.31 -7.43
C THR D 14 30.35 -8.71 -8.58
N PRO D 15 30.22 -9.99 -8.89
CA PRO D 15 29.44 -10.40 -10.06
C PRO D 15 27.96 -10.13 -9.87
N SER D 16 27.29 -9.76 -10.96
CA SER D 16 25.85 -9.54 -10.88
C SER D 16 25.11 -10.84 -10.61
N THR D 17 25.74 -11.96 -10.95
CA THR D 17 25.16 -13.28 -10.82
C THR D 17 26.23 -14.26 -10.34
N ARG D 18 26.04 -14.79 -9.14
CA ARG D 18 26.87 -15.87 -8.60
C ARG D 18 26.31 -17.22 -9.05
N ILE D 19 26.36 -17.43 -10.36
CA ILE D 19 25.97 -18.69 -11.00
C ILE D 19 27.11 -19.12 -11.92
N VAL D 20 27.61 -20.34 -11.73
CA VAL D 20 28.61 -20.94 -12.59
C VAL D 20 28.12 -22.30 -13.07
N TYR D 21 28.84 -22.87 -14.03
CA TYR D 21 28.46 -24.12 -14.68
C TYR D 21 29.65 -25.07 -14.66
N ARG D 22 29.40 -26.32 -15.02
CA ARG D 22 30.47 -27.33 -15.03
C ARG D 22 30.06 -28.50 -15.92
N GLY D 23 30.83 -28.74 -16.98
CA GLY D 23 30.61 -29.92 -17.79
C GLY D 23 31.07 -31.17 -17.07
N VAL D 24 30.29 -32.24 -17.20
CA VAL D 24 30.58 -33.49 -16.50
C VAL D 24 30.30 -34.68 -17.40
N SER D 25 30.91 -35.80 -17.05
CA SER D 25 30.61 -37.08 -17.65
C SER D 25 29.31 -37.62 -17.07
N PRO D 26 28.78 -38.71 -17.64
CA PRO D 26 27.58 -39.30 -17.03
C PRO D 26 27.80 -39.73 -15.59
N ALA D 27 28.95 -40.33 -15.30
CA ALA D 27 29.23 -40.76 -13.94
C ALA D 27 29.18 -39.58 -12.97
N GLU D 28 29.83 -38.46 -13.33
CA GLU D 28 29.79 -37.29 -12.44
C GLU D 28 28.40 -36.64 -12.45
N PHE D 29 27.74 -36.61 -13.61
CA PHE D 29 26.37 -36.08 -13.62
C PHE D 29 25.49 -36.84 -12.63
N ILE D 30 25.57 -38.17 -12.64
CA ILE D 30 24.76 -38.97 -11.73
C ILE D 30 25.15 -38.73 -10.28
N TYR D 31 26.45 -38.65 -10.00
CA TYR D 31 26.89 -38.39 -8.64
C TYR D 31 26.32 -37.07 -8.11
N LEU D 32 26.34 -36.03 -8.93
CA LEU D 32 25.89 -34.71 -8.51
C LEU D 32 24.37 -34.63 -8.36
N GLU D 33 23.63 -35.50 -9.04
CA GLU D 33 22.19 -35.50 -8.85
C GLU D 33 21.79 -35.74 -7.39
N GLY D 34 22.68 -36.32 -6.58
CA GLY D 34 22.36 -36.66 -5.22
C GLY D 34 23.45 -36.44 -4.18
N ASN D 35 24.62 -35.95 -4.58
CA ASN D 35 25.73 -35.74 -3.67
C ASN D 35 26.37 -34.38 -3.90
N LYS D 36 27.12 -33.93 -2.90
CA LYS D 36 27.83 -32.66 -3.00
C LYS D 36 29.19 -32.85 -3.70
N PHE D 37 29.78 -31.73 -4.10
CA PHE D 37 31.13 -31.73 -4.65
C PHE D 37 32.12 -32.24 -3.61
N SER D 38 33.04 -33.08 -4.06
CA SER D 38 33.97 -33.77 -3.16
C SER D 38 35.33 -33.89 -3.84
N ARG D 39 36.38 -33.50 -3.13
CA ARG D 39 37.73 -33.65 -3.66
C ARG D 39 38.06 -35.11 -3.94
N ALA D 40 37.52 -36.04 -3.14
CA ALA D 40 37.85 -37.45 -3.29
C ALA D 40 37.25 -38.06 -4.55
N GLN D 41 36.19 -37.48 -5.10
CA GLN D 41 35.60 -38.05 -6.30
C GLN D 41 36.40 -37.71 -7.55
N SER D 42 37.15 -36.59 -7.54
CA SER D 42 37.95 -36.19 -8.68
C SER D 42 39.26 -36.95 -8.70
N PRO D 43 39.54 -37.76 -9.72
CA PRO D 43 40.76 -38.57 -9.68
C PRO D 43 42.03 -37.74 -9.60
N THR D 44 42.05 -36.61 -10.31
CA THR D 44 43.14 -35.64 -10.28
C THR D 44 42.84 -34.44 -9.40
N GLN D 45 41.65 -34.38 -8.80
CA GLN D 45 41.25 -33.22 -7.99
C GLN D 45 41.30 -31.93 -8.80
N GLY D 46 41.02 -32.04 -10.10
CA GLY D 46 40.89 -30.91 -10.98
C GLY D 46 42.12 -30.54 -11.75
N ASN D 47 43.30 -31.02 -11.34
CA ASN D 47 44.55 -30.62 -11.98
C ASN D 47 45.69 -31.50 -11.48
N ASP D 48 46.56 -31.91 -12.41
CA ASP D 48 47.71 -32.73 -12.03
C ASP D 48 48.69 -31.95 -11.17
N ASP D 49 48.76 -30.64 -11.37
CA ASP D 49 49.61 -29.77 -10.57
C ASP D 49 48.95 -29.45 -9.23
N PRO D 50 49.59 -29.79 -8.10
CA PRO D 50 48.98 -29.47 -6.79
C PRO D 50 48.69 -28.00 -6.56
N GLN D 51 49.47 -27.09 -7.16
CA GLN D 51 49.17 -25.67 -7.06
C GLN D 51 47.76 -25.34 -7.53
N TRP D 52 47.23 -26.09 -8.49
CA TRP D 52 46.01 -25.72 -9.19
C TRP D 52 44.86 -26.67 -8.92
N LYS D 53 45.01 -27.60 -7.98
CA LYS D 53 43.94 -28.53 -7.69
C LYS D 53 42.75 -27.80 -7.05
N ALA D 54 41.56 -28.01 -7.62
CA ALA D 54 40.36 -27.32 -7.17
C ALA D 54 39.17 -27.75 -8.02
N LEU D 55 38.00 -27.16 -7.80
CA LEU D 55 36.83 -27.41 -8.64
C LEU D 55 36.77 -26.34 -9.72
N TYR D 56 36.81 -26.75 -10.99
CA TYR D 56 36.81 -25.83 -12.11
C TYR D 56 35.42 -25.69 -12.71
N THR D 57 35.03 -24.45 -12.98
CA THR D 57 33.69 -24.13 -13.48
C THR D 57 33.80 -23.11 -14.61
N GLY D 58 32.67 -22.89 -15.29
CA GLY D 58 32.61 -21.98 -16.41
C GLY D 58 31.66 -20.81 -16.16
N SER D 59 31.93 -19.71 -16.86
CA SER D 59 31.15 -18.48 -16.68
C SER D 59 29.79 -18.53 -17.35
N ASP D 60 29.54 -19.49 -18.24
CA ASP D 60 28.20 -19.69 -18.76
C ASP D 60 28.05 -21.14 -19.19
N ALA D 61 26.82 -21.51 -19.57
CA ALA D 61 26.54 -22.91 -19.87
C ALA D 61 27.27 -23.39 -21.11
N ASN D 62 27.44 -22.51 -22.10
CA ASN D 62 28.08 -22.91 -23.35
C ASN D 62 29.58 -23.15 -23.16
N VAL D 63 30.22 -22.31 -22.36
CA VAL D 63 31.65 -22.44 -22.13
C VAL D 63 31.98 -23.78 -21.49
N SER D 64 31.24 -24.16 -20.45
CA SER D 64 31.44 -25.46 -19.83
C SER D 64 31.09 -26.57 -20.80
N SER D 65 30.01 -26.39 -21.55
CA SER D 65 29.59 -27.43 -22.48
C SER D 65 30.68 -27.74 -23.50
N ARG D 66 31.24 -26.71 -24.13
CA ARG D 66 32.18 -26.91 -25.22
C ARG D 66 33.60 -27.17 -24.73
N ASN D 67 33.82 -27.24 -23.42
CA ASN D 67 35.11 -27.62 -22.86
C ASN D 67 35.09 -29.02 -22.26
N ILE D 68 33.97 -29.72 -22.38
CA ILE D 68 34.00 -31.17 -22.27
C ILE D 68 34.78 -31.73 -23.46
N THR D 69 35.58 -32.76 -23.19
CA THR D 69 36.52 -33.35 -24.15
C THR D 69 36.03 -34.67 -24.71
N ASP D 70 35.45 -35.52 -23.85
CA ASP D 70 35.09 -36.88 -24.21
C ASP D 70 34.09 -37.36 -23.17
N ASN D 71 33.36 -38.41 -23.52
CA ASN D 71 32.35 -38.99 -22.64
C ASN D 71 31.45 -37.90 -22.07
N PRO D 72 30.73 -37.18 -22.94
CA PRO D 72 29.88 -36.09 -22.43
C PRO D 72 28.73 -36.64 -21.62
N GLY D 73 28.39 -35.92 -20.56
CA GLY D 73 27.23 -36.29 -19.75
C GLY D 73 26.20 -35.19 -19.69
N GLY D 74 26.66 -33.99 -19.33
CA GLY D 74 25.78 -32.85 -19.19
C GLY D 74 26.55 -31.67 -18.63
N VAL D 75 25.78 -30.64 -18.28
CA VAL D 75 26.29 -29.41 -17.69
C VAL D 75 25.42 -29.08 -16.47
N VAL D 76 26.03 -28.92 -15.31
CA VAL D 76 25.31 -28.63 -14.07
C VAL D 76 25.51 -27.17 -13.68
N LYS D 77 24.55 -26.65 -12.92
CA LYS D 77 24.42 -25.23 -12.60
C LYS D 77 24.61 -25.03 -11.10
N ILE D 78 25.58 -24.20 -10.72
CA ILE D 78 25.97 -24.01 -9.33
C ILE D 78 25.72 -22.54 -8.95
N GLU D 79 25.08 -22.33 -7.80
CA GLU D 79 24.96 -21.00 -7.21
C GLU D 79 25.89 -20.95 -5.98
N TYR D 80 26.96 -20.15 -6.05
CA TYR D 80 27.90 -20.14 -4.94
C TYR D 80 27.59 -19.02 -3.96
N PRO D 81 28.08 -19.14 -2.72
CA PRO D 81 27.64 -18.22 -1.65
C PRO D 81 28.01 -16.79 -1.96
N SER D 82 27.21 -15.86 -1.39
CA SER D 82 27.41 -14.43 -1.60
C SER D 82 28.59 -13.85 -0.83
N ASP D 83 29.05 -14.51 0.23
CA ASP D 83 30.19 -14.02 0.98
C ASP D 83 31.53 -14.36 0.35
N TRP D 84 31.57 -15.18 -0.70
CA TRP D 84 32.86 -15.53 -1.29
C TRP D 84 33.43 -14.34 -2.05
N LYS D 85 34.70 -14.03 -1.78
CA LYS D 85 35.41 -13.02 -2.56
C LYS D 85 35.80 -13.59 -3.91
N VAL D 86 35.44 -12.90 -4.98
CA VAL D 86 35.79 -13.31 -6.33
C VAL D 86 36.96 -12.46 -6.81
N LEU D 87 38.08 -13.11 -7.12
CA LEU D 87 39.27 -12.42 -7.60
C LEU D 87 39.44 -12.70 -9.08
N GLU D 88 39.47 -11.64 -9.88
CA GLU D 88 39.61 -11.76 -11.32
C GLU D 88 41.04 -11.48 -11.73
N ILE D 89 41.63 -12.42 -12.47
CA ILE D 89 42.96 -12.22 -13.04
C ILE D 89 42.82 -11.45 -14.35
N THR D 90 43.52 -10.34 -14.44
CA THR D 90 43.51 -9.50 -15.64
C THR D 90 44.95 -9.23 -16.07
N SER D 91 45.09 -8.66 -17.25
CA SER D 91 46.40 -8.23 -17.75
C SER D 91 46.65 -6.77 -17.39
N THR D 92 47.91 -6.45 -17.11
CA THR D 92 48.29 -5.07 -16.86
C THR D 92 48.36 -4.24 -18.13
N THR D 93 48.60 -4.90 -19.27
CA THR D 93 48.62 -4.21 -20.55
C THR D 93 47.19 -4.09 -21.09
N PRO D 94 46.74 -2.88 -21.45
CA PRO D 94 45.34 -2.72 -21.87
C PRO D 94 44.99 -3.50 -23.13
N SER D 95 45.86 -3.47 -24.13
CA SER D 95 45.58 -4.17 -25.39
C SER D 95 45.38 -5.67 -25.16
N GLN D 96 46.31 -6.30 -24.46
CA GLN D 96 46.31 -7.76 -24.31
C GLN D 96 45.35 -8.19 -23.20
N LYS D 97 44.31 -8.93 -23.59
CA LYS D 97 43.41 -9.54 -22.62
C LYS D 97 43.89 -10.91 -22.17
N TRP D 98 44.87 -11.50 -22.84
CA TRP D 98 45.51 -12.73 -22.39
C TRP D 98 47.00 -12.51 -22.16
N HIS D 99 47.52 -13.11 -21.09
CA HIS D 99 48.96 -13.23 -20.90
C HIS D 99 49.24 -14.55 -20.20
N ASN D 100 50.23 -15.28 -20.70
CA ASN D 100 50.46 -16.63 -20.20
C ASN D 100 50.85 -16.67 -18.72
N ASP D 101 51.15 -15.53 -18.10
CA ASP D 101 51.33 -15.53 -16.65
C ASP D 101 50.05 -15.95 -15.93
N GLY D 103 48.41 -18.54 -16.31
CA GLY D 103 48.38 -19.97 -16.08
C GLY D 103 49.55 -20.53 -15.30
N GLU D 104 50.40 -19.65 -14.79
CA GLU D 104 51.58 -20.06 -14.03
C GLU D 104 51.41 -19.65 -12.56
N ALA D 105 51.58 -20.63 -11.66
CA ALA D 105 51.29 -20.41 -10.24
C ALA D 105 52.10 -19.26 -9.64
N TRP D 106 53.39 -19.22 -9.92
CA TRP D 106 54.25 -18.19 -9.33
C TRP D 106 53.76 -16.79 -9.62
N PRO D 107 53.55 -16.37 -10.87
CA PRO D 107 53.08 -14.99 -11.10
C PRO D 107 51.72 -14.69 -10.49
N VAL D 108 50.80 -15.66 -10.51
CA VAL D 108 49.49 -15.45 -9.88
C VAL D 108 49.65 -15.33 -8.36
N TRP D 109 50.54 -16.13 -7.77
CA TRP D 109 50.86 -15.97 -6.36
C TRP D 109 51.29 -14.54 -6.04
N ARG D 110 52.18 -13.98 -6.86
CA ARG D 110 52.62 -12.60 -6.63
C ARG D 110 51.45 -11.63 -6.78
N ALA D 111 50.57 -11.89 -7.75
CA ALA D 111 49.46 -10.97 -8.00
C ALA D 111 48.46 -10.98 -6.85
N VAL D 112 48.15 -12.15 -6.28
CA VAL D 112 47.19 -12.19 -5.19
C VAL D 112 47.80 -11.67 -3.90
N LYS D 113 49.09 -11.95 -3.67
CA LYS D 113 49.76 -11.39 -2.49
C LYS D 113 49.76 -9.87 -2.52
N LYS D 114 49.99 -9.29 -3.70
CA LYS D 114 49.92 -7.84 -3.83
C LYS D 114 48.54 -7.33 -3.46
N TRP D 115 47.49 -7.96 -4.00
CA TRP D 115 46.13 -7.57 -3.63
C TRP D 115 45.90 -7.74 -2.14
N ALA D 116 46.32 -8.88 -1.58
CA ALA D 116 46.05 -9.16 -0.17
C ALA D 116 46.74 -8.16 0.74
N ALA D 117 47.95 -7.72 0.39
CA ALA D 117 48.66 -6.77 1.23
C ALA D 117 47.91 -5.45 1.34
N SER D 118 47.24 -5.02 0.27
CA SER D 118 46.46 -3.80 0.26
C SER D 118 45.02 -4.01 0.71
N ASN D 119 44.65 -5.22 1.13
CA ASN D 119 43.26 -5.51 1.48
C ASN D 119 43.15 -6.31 2.77
N GLN D 120 44.04 -6.06 3.73
CA GLN D 120 43.95 -6.62 5.08
C GLN D 120 43.58 -8.12 5.04
N VAL D 121 44.19 -8.85 4.11
CA VAL D 121 44.10 -10.30 4.03
C VAL D 121 45.49 -10.88 4.21
N ASP D 122 45.64 -11.83 5.14
CA ASP D 122 46.94 -12.41 5.45
C ASP D 122 47.13 -13.71 4.66
N LEU D 123 48.12 -13.70 3.76
CA LEU D 123 48.56 -14.83 2.97
C LEU D 123 49.99 -15.21 3.33
N PRO D 124 50.38 -16.45 3.13
CA PRO D 124 51.77 -16.84 3.38
C PRO D 124 52.76 -15.96 2.62
N ASP D 125 54.02 -15.94 3.07
CA ASP D 125 55.07 -15.21 2.38
C ASP D 125 55.78 -16.16 1.41
N VAL D 126 55.10 -16.44 0.30
CA VAL D 126 55.55 -17.45 -0.64
C VAL D 126 56.72 -16.91 -1.46
N THR D 127 57.65 -17.79 -1.79
CA THR D 127 58.80 -17.44 -2.62
C THR D 127 59.02 -18.53 -3.67
N ALA D 128 59.89 -18.23 -4.63
CA ALA D 128 60.27 -19.26 -5.58
C ALA D 128 60.90 -20.47 -4.89
N SER D 129 61.42 -20.32 -3.67
CA SER D 129 62.03 -21.44 -2.96
C SER D 129 61.06 -22.26 -2.13
N ASN D 130 59.98 -21.66 -1.64
CA ASN D 130 59.03 -22.38 -0.80
C ASN D 130 57.68 -22.56 -1.47
N ILE D 131 57.56 -22.28 -2.77
CA ILE D 131 56.25 -22.34 -3.40
C ILE D 131 55.68 -23.75 -3.34
N ASP D 132 56.53 -24.77 -3.27
CA ASP D 132 55.99 -26.13 -3.17
C ASP D 132 55.21 -26.35 -1.88
N ASP D 133 55.44 -25.49 -0.87
CA ASP D 133 54.82 -25.62 0.44
C ASP D 133 53.51 -24.85 0.57
N TYR D 134 53.13 -24.08 -0.45
CA TYR D 134 51.96 -23.21 -0.39
C TYR D 134 51.24 -23.31 -1.74
N LEU D 135 50.29 -24.24 -1.81
CA LEU D 135 49.52 -24.47 -3.02
C LEU D 135 48.49 -23.35 -3.20
N LEU D 136 48.53 -22.70 -4.37
CA LEU D 136 47.73 -21.50 -4.62
C LEU D 136 46.26 -21.67 -4.22
N LEU D 137 45.59 -22.69 -4.76
CA LEU D 137 44.16 -22.76 -4.57
C LEU D 137 43.82 -23.14 -3.15
N ASP D 138 44.54 -24.10 -2.56
CA ASP D 138 44.30 -24.44 -1.17
C ASP D 138 44.43 -23.21 -0.27
N GLU D 139 45.50 -22.43 -0.49
CA GLU D 139 45.72 -21.24 0.33
C GLU D 139 44.58 -20.25 0.19
N LEU D 140 44.14 -20.00 -1.06
CA LEU D 140 43.02 -19.08 -1.24
C LEU D 140 41.75 -19.64 -0.62
N GLY D 141 41.63 -20.96 -0.54
CA GLY D 141 40.45 -21.56 0.07
C GLY D 141 40.34 -21.29 1.55
N LYS D 142 41.47 -21.05 2.22
CA LYS D 142 41.47 -20.70 3.64
C LYS D 142 40.99 -19.27 3.89
N LYS D 143 40.77 -18.49 2.83
CA LYS D 143 40.35 -17.10 2.96
C LYS D 143 39.05 -16.81 2.23
N LYS D 144 38.31 -17.85 1.82
CA LYS D 144 37.01 -17.68 1.17
C LYS D 144 37.13 -16.93 -0.15
N ILE D 145 38.22 -17.18 -0.86
CA ILE D 145 38.54 -16.51 -2.12
C ILE D 145 38.46 -17.53 -3.24
N ILE D 146 37.91 -17.11 -4.38
CA ILE D 146 37.95 -17.91 -5.61
C ILE D 146 38.53 -17.05 -6.72
N LEU D 147 38.99 -17.70 -7.78
CA LEU D 147 39.66 -17.04 -8.88
C LEU D 147 38.77 -17.00 -10.11
N LYS D 148 38.82 -15.88 -10.83
CA LYS D 148 38.22 -15.75 -12.15
C LYS D 148 39.33 -15.50 -13.16
N LYS D 149 39.23 -16.17 -14.31
CA LYS D 149 40.36 -16.19 -15.23
C LYS D 149 39.85 -16.43 -16.64
N PRO D 150 40.41 -15.79 -17.66
CA PRO D 150 40.06 -16.17 -19.03
C PRO D 150 40.39 -17.63 -19.25
N ILE D 151 39.63 -18.27 -20.14
CA ILE D 151 39.78 -19.71 -20.34
C ILE D 151 41.11 -20.03 -20.99
N GLY D 152 41.52 -19.25 -21.98
CA GLY D 152 42.81 -19.46 -22.62
C GLY D 152 43.04 -18.39 -23.67
N GLU D 153 44.23 -18.47 -24.29
CA GLU D 153 44.63 -17.48 -25.28
C GLU D 153 43.69 -17.49 -26.49
N ASP D 154 43.04 -18.62 -26.76
CA ASP D 154 42.12 -18.75 -27.88
C ASP D 154 40.66 -18.71 -27.42
N ASP D 155 40.41 -18.21 -26.22
CA ASP D 155 39.05 -18.03 -25.73
C ASP D 155 39.07 -16.94 -24.67
N VAL D 156 39.45 -15.72 -25.07
CA VAL D 156 39.75 -14.68 -24.10
C VAL D 156 38.50 -14.07 -23.48
N SER D 157 37.35 -14.18 -24.15
CA SER D 157 36.11 -13.61 -23.65
C SER D 157 35.30 -14.60 -22.80
N SER D 158 35.79 -15.82 -22.62
CA SER D 158 35.20 -16.76 -21.68
C SER D 158 36.09 -16.87 -20.45
N HIS D 159 35.50 -17.34 -19.34
CA HIS D 159 36.22 -17.42 -18.08
C HIS D 159 35.89 -18.69 -17.33
N GLU D 160 36.87 -19.15 -16.55
CA GLU D 160 36.71 -20.23 -15.60
C GLU D 160 36.78 -19.64 -14.20
N PHE D 161 35.85 -20.04 -13.34
CA PHE D 161 35.89 -19.75 -11.92
C PHE D 161 36.53 -20.93 -11.22
N ILE D 162 37.68 -20.72 -10.60
CA ILE D 162 38.42 -21.78 -9.93
C ILE D 162 38.05 -21.71 -8.46
N ILE D 163 37.53 -22.82 -7.94
CA ILE D 163 36.93 -22.84 -6.60
C ILE D 163 37.73 -23.80 -5.72
N PRO D 164 38.40 -23.32 -4.67
CA PRO D 164 39.12 -24.23 -3.78
C PRO D 164 38.22 -25.33 -3.23
N TRP D 165 38.77 -26.54 -3.12
CA TRP D 165 37.96 -27.69 -2.73
C TRP D 165 37.28 -27.45 -1.39
N LYS D 166 38.03 -26.96 -0.40
CA LYS D 166 37.46 -26.71 0.92
C LYS D 166 36.16 -25.92 0.82
N ALA D 168 34.33 -25.57 -2.25
CA ALA D 168 33.41 -26.30 -3.13
C ALA D 168 32.57 -27.30 -2.34
N GLU D 169 33.18 -27.93 -1.32
CA GLU D 169 32.52 -28.93 -0.48
C GLU D 169 31.53 -28.34 0.51
N THR D 170 31.46 -27.02 0.63
CA THR D 170 30.43 -26.37 1.43
C THR D 170 29.23 -25.94 0.63
N VAL D 171 29.26 -26.07 -0.69
CA VAL D 171 28.12 -25.74 -1.53
C VAL D 171 26.99 -26.73 -1.21
N ALA D 172 25.83 -26.20 -0.82
CA ALA D 172 24.74 -27.10 -0.42
C ALA D 172 24.19 -27.83 -1.64
N GLN D 173 23.41 -28.87 -1.37
CA GLN D 173 22.90 -29.73 -2.43
C GLN D 173 21.92 -28.99 -3.34
N ASN D 174 21.01 -28.20 -2.75
CA ASN D 174 20.00 -27.49 -3.54
C ASN D 174 20.60 -26.37 -4.38
N LYS D 175 21.90 -26.10 -4.26
CA LYS D 175 22.56 -25.11 -5.09
C LYS D 175 23.25 -25.73 -6.31
N ILE D 176 23.21 -27.05 -6.45
CA ILE D 176 23.80 -27.76 -7.57
C ILE D 176 22.65 -28.26 -8.43
N ASP D 177 22.48 -27.65 -9.60
CA ASP D 177 21.31 -27.87 -10.43
C ASP D 177 21.62 -28.91 -11.51
N SER D 178 20.96 -30.05 -11.42
CA SER D 178 21.10 -31.09 -12.45
C SER D 178 19.75 -31.48 -13.02
N THR D 179 18.73 -30.63 -12.87
CA THR D 179 17.36 -31.05 -13.18
C THR D 179 16.48 -29.98 -13.83
N SER D 180 16.81 -28.69 -13.70
CA SER D 180 15.87 -27.64 -14.12
C SER D 180 15.77 -27.53 -15.63
N ASP D 181 16.87 -27.74 -16.35
CA ASP D 181 16.86 -27.79 -17.81
C ASP D 181 17.18 -29.21 -18.30
N PRO D 182 16.17 -29.96 -18.74
CA PRO D 182 16.44 -31.33 -19.24
C PRO D 182 17.44 -31.39 -20.39
N ALA D 183 17.60 -30.30 -21.13
CA ALA D 183 18.57 -30.29 -22.21
C ALA D 183 19.99 -30.22 -21.69
N ALA D 184 20.17 -29.85 -20.41
CA ALA D 184 21.51 -29.88 -19.83
C ALA D 184 21.99 -31.31 -19.56
N LYS D 185 21.15 -32.31 -19.75
CA LYS D 185 21.53 -33.71 -19.58
C LYS D 185 21.50 -34.38 -20.95
N PHE D 186 22.65 -34.84 -21.41
CA PHE D 186 22.73 -35.32 -22.78
C PHE D 186 22.37 -36.79 -22.91
N PHE D 187 22.35 -37.52 -21.81
CA PHE D 187 22.11 -38.95 -21.86
C PHE D 187 20.80 -39.30 -21.17
N THR D 188 20.19 -40.39 -21.61
CA THR D 188 19.05 -41.00 -20.96
C THR D 188 19.49 -42.29 -20.31
N PRO D 189 18.71 -42.84 -19.38
CA PRO D 189 19.10 -44.10 -18.73
C PRO D 189 19.25 -45.26 -19.72
N ASP D 190 18.41 -45.31 -20.74
CA ASP D 190 18.50 -46.34 -21.78
C ASP D 190 19.74 -46.17 -22.67
N ASP D 191 20.41 -45.01 -22.64
CA ASP D 191 21.62 -44.78 -23.43
C ASP D 191 22.86 -45.45 -22.84
N LEU D 192 22.85 -45.77 -21.55
CA LEU D 192 24.06 -46.26 -20.88
C LEU D 192 23.90 -47.71 -20.47
N ASP D 193 25.02 -48.37 -20.23
CA ASP D 193 25.02 -49.64 -19.52
C ASP D 193 24.92 -49.39 -18.03
N SER D 194 23.97 -50.05 -17.38
CA SER D 194 23.86 -49.96 -15.93
C SER D 194 25.17 -50.36 -15.25
N THR D 195 25.92 -51.27 -15.85
CA THR D 195 27.18 -51.72 -15.27
C THR D 195 28.31 -50.71 -15.45
N THR D 196 28.38 -50.06 -16.62
CA THR D 196 29.50 -49.16 -16.90
C THR D 196 29.21 -47.70 -16.63
N LYS D 197 27.95 -47.27 -16.72
CA LYS D 197 27.61 -45.84 -16.67
C LYS D 197 28.18 -45.09 -17.87
N GLN D 198 28.35 -45.79 -18.99
CA GLN D 198 28.86 -45.21 -20.21
C GLN D 198 28.04 -45.72 -21.38
N PRO D 199 28.14 -45.07 -22.54
CA PRO D 199 27.23 -45.40 -23.65
C PRO D 199 27.21 -46.89 -23.98
N LYS D 200 26.01 -47.41 -24.29
CA LYS D 200 25.87 -48.83 -24.61
C LYS D 200 26.59 -49.19 -25.90
N ASP D 201 26.43 -48.37 -26.93
CA ASP D 201 26.84 -48.71 -28.28
C ASP D 201 27.08 -47.41 -29.04
N GLN D 202 27.45 -47.53 -30.30
CA GLN D 202 27.71 -46.35 -31.11
C GLN D 202 26.44 -45.52 -31.28
N ALA D 203 25.29 -46.18 -31.43
CA ALA D 203 24.03 -45.46 -31.54
C ALA D 203 23.83 -44.54 -30.34
N ALA D 204 24.13 -45.03 -29.14
CA ALA D 204 24.05 -44.19 -27.96
C ALA D 204 24.99 -43.00 -28.06
N VAL D 205 26.23 -43.24 -28.53
CA VAL D 205 27.19 -42.15 -28.60
C VAL D 205 26.68 -41.04 -29.51
N ARG D 206 26.14 -41.42 -30.67
CA ARG D 206 25.65 -40.42 -31.62
C ARG D 206 24.46 -39.66 -31.05
N ARG D 207 23.55 -40.36 -30.36
CA ARG D 207 22.44 -39.66 -29.71
C ARG D 207 22.96 -38.65 -28.68
N ILE D 208 23.94 -39.06 -27.87
CA ILE D 208 24.44 -38.18 -26.82
C ILE D 208 25.19 -37.00 -27.42
N LEU D 209 25.93 -37.24 -28.50
CA LEU D 209 26.63 -36.16 -29.19
C LEU D 209 25.64 -35.12 -29.70
N LYS D 210 24.48 -35.57 -30.17
CA LYS D 210 23.49 -34.66 -30.73
C LYS D 210 22.95 -33.71 -29.66
N LYS D 211 22.53 -34.25 -28.52
CA LYS D 211 22.09 -33.34 -27.47
C LYS D 211 23.24 -32.45 -27.02
N TRP D 212 24.43 -33.03 -26.91
CA TRP D 212 25.62 -32.27 -26.52
C TRP D 212 25.88 -31.10 -27.47
N ASP D 213 25.92 -31.39 -28.78
CA ASP D 213 26.04 -30.32 -29.76
C ASP D 213 24.95 -29.28 -29.57
N ALA D 214 23.71 -29.75 -29.40
CA ALA D 214 22.58 -28.84 -29.23
C ALA D 214 22.78 -27.93 -28.03
N TYR D 215 23.13 -28.49 -26.87
CA TYR D 215 23.27 -27.66 -25.68
C TYR D 215 24.39 -26.65 -25.85
N SER D 216 25.52 -27.08 -26.39
CA SER D 216 26.62 -26.17 -26.67
C SER D 216 26.16 -24.95 -27.47
N CYS D 217 25.11 -25.08 -28.27
CA CYS D 217 24.70 -24.01 -29.15
C CYS D 217 23.50 -23.21 -28.64
N LYS D 218 22.94 -23.57 -27.47
CA LYS D 218 21.81 -22.86 -26.90
C LYS D 218 22.28 -21.66 -26.07
N GLY D 219 21.82 -20.47 -26.42
CA GLY D 219 22.19 -19.25 -25.70
C GLY D 219 21.43 -19.01 -24.41
N THR D 224 14.48 -15.87 -26.17
CA THR D 224 14.60 -14.45 -26.52
C THR D 224 14.47 -14.21 -28.03
N PHE D 225 14.04 -13.01 -28.42
CA PHE D 225 13.97 -12.64 -29.83
C PHE D 225 15.30 -12.92 -30.54
N GLY D 226 15.23 -13.13 -31.85
CA GLY D 226 16.40 -13.41 -32.67
C GLY D 226 16.57 -14.89 -32.96
N VAL D 227 17.48 -15.17 -33.89
CA VAL D 227 17.71 -16.54 -34.37
C VAL D 227 18.03 -17.48 -33.21
N ALA D 228 18.86 -17.03 -32.26
CA ALA D 228 19.01 -17.72 -30.99
C ALA D 228 19.87 -18.98 -31.07
N SER D 229 20.81 -19.05 -32.02
CA SER D 229 21.81 -20.11 -32.04
C SER D 229 23.19 -19.49 -32.15
N LEU D 230 24.08 -19.92 -31.26
CA LEU D 230 25.46 -19.44 -31.24
C LEU D 230 26.34 -20.08 -32.29
N CYS D 231 25.91 -21.20 -32.88
CA CYS D 231 26.77 -21.96 -33.77
C CYS D 231 26.57 -21.61 -35.24
N GLY D 232 25.52 -20.89 -35.60
CA GLY D 232 25.30 -20.46 -36.96
C GLY D 232 24.17 -21.21 -37.64
N ILE D 233 24.22 -21.20 -38.98
CA ILE D 233 23.21 -21.87 -39.79
C ILE D 233 23.07 -23.31 -39.35
N ASN D 234 21.83 -23.80 -39.28
CA ASN D 234 21.57 -25.18 -38.89
C ASN D 234 21.41 -25.99 -40.15
N VAL D 235 22.50 -26.64 -40.59
CA VAL D 235 22.41 -27.41 -41.82
C VAL D 235 21.39 -28.53 -41.69
N ALA D 236 21.25 -29.10 -40.48
CA ALA D 236 20.37 -30.24 -40.30
C ALA D 236 18.97 -29.94 -40.83
N ALA D 237 18.49 -28.72 -40.63
CA ALA D 237 17.11 -28.36 -40.97
C ALA D 237 16.76 -28.62 -42.43
N TYR D 238 17.75 -28.89 -43.28
CA TYR D 238 17.53 -29.07 -44.69
C TYR D 238 17.71 -30.52 -45.13
N LYS D 239 17.88 -31.45 -44.19
CA LYS D 239 18.19 -32.83 -44.57
C LYS D 239 17.06 -33.43 -45.40
N ALA D 240 15.81 -33.26 -44.93
CA ALA D 240 14.63 -33.75 -45.64
C ALA D 240 14.59 -33.26 -47.08
N ASP D 241 14.80 -31.97 -47.27
CA ASP D 241 14.81 -31.41 -48.62
C ASP D 241 15.93 -32.02 -49.46
N ILE D 242 17.12 -32.13 -48.88
CA ILE D 242 18.24 -32.70 -49.63
C ILE D 242 17.96 -34.14 -50.01
N GLU D 243 17.46 -34.93 -49.05
CA GLU D 243 17.20 -36.32 -49.35
C GLU D 243 16.12 -36.45 -50.42
N LYS D 244 15.06 -35.65 -50.32
CA LYS D 244 14.03 -35.70 -51.34
C LYS D 244 14.60 -35.34 -52.71
N LEU D 245 15.45 -34.32 -52.78
CA LEU D 245 16.01 -33.89 -54.05
C LEU D 245 16.82 -35.01 -54.68
N ILE D 246 17.73 -35.61 -53.90
CA ILE D 246 18.53 -36.73 -54.40
C ILE D 246 17.63 -37.87 -54.85
N LYS D 247 16.60 -38.19 -54.05
CA LYS D 247 15.68 -39.24 -54.46
C LYS D 247 14.95 -38.87 -55.74
N ASP D 248 14.65 -37.58 -55.94
CA ASP D 248 13.95 -37.16 -57.14
C ASP D 248 14.82 -37.26 -58.38
N VAL D 249 16.10 -36.94 -58.25
CA VAL D 249 17.01 -37.11 -59.40
C VAL D 249 17.09 -38.59 -59.77
N TYR D 250 17.16 -39.46 -58.78
CA TYR D 250 17.37 -40.88 -59.06
C TYR D 250 16.11 -41.59 -59.56
N GLU D 251 14.92 -41.01 -59.35
CA GLU D 251 13.71 -41.56 -59.95
C GLU D 251 13.42 -40.95 -61.32
N ASP D 252 14.13 -39.90 -61.67
CA ASP D 252 13.99 -39.32 -62.99
C ASP D 252 14.43 -40.36 -64.02
N PRO D 253 13.60 -40.70 -65.00
CA PRO D 253 14.02 -41.70 -65.99
C PRO D 253 15.32 -41.36 -66.69
N ASN D 254 15.60 -40.08 -66.93
CA ASN D 254 16.82 -39.69 -67.63
C ASN D 254 18.08 -39.98 -66.83
N PHE D 255 17.95 -40.44 -65.59
CA PHE D 255 19.12 -40.80 -64.79
C PHE D 255 19.13 -42.28 -64.41
N SER D 256 18.40 -43.09 -65.17
CA SER D 256 18.43 -44.53 -64.96
C SER D 256 19.85 -45.09 -65.05
N ASP D 257 20.75 -44.40 -65.76
CA ASP D 257 22.11 -44.91 -65.84
C ASP D 257 22.82 -44.81 -64.50
N LEU D 258 22.64 -43.69 -63.79
CA LEU D 258 23.16 -43.60 -62.43
C LEU D 258 22.41 -44.53 -61.49
N LYS D 259 21.08 -44.63 -61.65
CA LYS D 259 20.27 -45.42 -60.73
C LYS D 259 20.61 -46.90 -60.80
N ASN D 260 20.83 -47.43 -62.00
CA ASN D 260 21.08 -48.85 -62.19
C ASN D 260 22.56 -49.19 -62.24
N ARG D 261 23.43 -48.22 -62.01
CA ARG D 261 24.86 -48.47 -62.12
C ARG D 261 25.29 -49.55 -61.14
N THR D 262 26.11 -50.48 -61.60
CA THR D 262 26.75 -51.46 -60.74
C THR D 262 28.26 -51.42 -60.95
N GLY D 263 29.00 -52.20 -60.17
CA GLY D 263 30.42 -52.34 -60.44
C GLY D 263 31.34 -51.38 -59.71
N GLY D 264 32.51 -51.13 -60.27
CA GLY D 264 33.56 -50.39 -59.60
C GLY D 264 33.49 -48.88 -59.78
N PRO D 265 34.53 -48.18 -59.36
CA PRO D 265 34.50 -46.72 -59.38
C PRO D 265 34.47 -46.17 -60.80
N GLN D 266 34.02 -44.94 -60.91
CA GLN D 266 34.07 -44.18 -62.17
C GLN D 266 34.86 -42.91 -61.88
N LYS D 267 36.12 -42.88 -62.33
CA LYS D 267 37.02 -41.79 -62.03
C LYS D 267 37.49 -41.07 -63.28
N ASP D 268 37.00 -41.44 -64.45
CA ASP D 268 37.31 -40.72 -65.68
C ASP D 268 36.74 -39.31 -65.62
N LYS D 269 37.61 -38.31 -65.82
CA LYS D 269 37.18 -36.93 -65.65
C LYS D 269 36.16 -36.52 -66.71
N ASP D 270 36.31 -36.97 -67.94
CA ASP D 270 35.34 -36.60 -68.96
C ASP D 270 33.98 -37.20 -68.67
N THR D 271 33.94 -38.41 -68.12
CA THR D 271 32.66 -39.02 -67.74
C THR D 271 32.01 -38.27 -66.58
N LEU D 272 32.79 -37.89 -65.57
CA LEU D 272 32.21 -37.14 -64.47
C LEU D 272 31.81 -35.74 -64.91
N LYS D 273 32.59 -35.12 -65.80
CA LYS D 273 32.15 -33.89 -66.44
C LYS D 273 30.80 -34.08 -67.11
N GLY D 274 30.57 -35.25 -67.72
CA GLY D 274 29.32 -35.47 -68.42
C GLY D 274 28.13 -35.56 -67.47
N TYR D 275 28.29 -36.35 -66.41
CA TYR D 275 27.29 -36.35 -65.35
C TYR D 275 27.07 -34.94 -64.81
N TYR D 276 28.17 -34.23 -64.51
CA TYR D 276 28.05 -32.88 -63.97
C TYR D 276 27.17 -32.00 -64.85
N GLU D 277 27.42 -31.99 -66.17
CA GLU D 277 26.64 -31.13 -67.04
C GLU D 277 25.16 -31.51 -67.02
N ARG D 278 24.85 -32.77 -66.71
CA ARG D 278 23.46 -33.21 -66.64
C ARG D 278 22.84 -32.95 -65.28
N LEU D 279 23.62 -33.16 -64.21
CA LEU D 279 23.07 -33.00 -62.86
C LEU D 279 22.81 -31.54 -62.52
N LYS D 280 23.69 -30.64 -62.94
CA LYS D 280 23.53 -29.24 -62.53
C LYS D 280 22.20 -28.63 -62.97
N PRO D 281 21.77 -28.77 -64.22
CA PRO D 281 20.45 -28.24 -64.60
C PRO D 281 19.30 -28.90 -63.85
N LYS D 282 19.44 -30.18 -63.51
CA LYS D 282 18.33 -30.88 -62.88
C LYS D 282 18.15 -30.45 -61.44
N VAL D 283 19.27 -30.25 -60.71
CA VAL D 283 19.17 -29.80 -59.33
C VAL D 283 18.63 -28.38 -59.26
N GLU D 284 19.06 -27.51 -60.18
CA GLU D 284 18.49 -26.18 -60.20
CA GLU D 284 18.48 -26.17 -60.23
C GLU D 284 16.97 -26.23 -60.40
N THR D 285 16.50 -27.11 -61.30
CA THR D 285 15.07 -27.28 -61.52
C THR D 285 14.34 -27.71 -60.24
N LEU D 286 14.94 -28.60 -59.46
CA LEU D 286 14.27 -29.13 -58.28
C LEU D 286 14.27 -28.14 -57.12
N ARG D 287 15.23 -27.21 -57.10
CA ARG D 287 15.27 -26.14 -56.10
C ARG D 287 15.89 -24.92 -56.73
N PRO D 288 15.09 -24.14 -57.45
CA PRO D 288 15.62 -22.92 -58.08
C PRO D 288 16.17 -21.97 -57.04
N LEU D 289 17.33 -21.39 -57.32
CA LEU D 289 17.91 -20.39 -56.42
C LEU D 289 17.23 -19.05 -56.63
N LYS D 290 17.11 -18.29 -55.55
CA LYS D 290 16.47 -16.98 -55.61
C LYS D 290 17.14 -16.11 -56.67
N ALA D 291 16.41 -15.11 -57.17
CA ALA D 291 16.97 -14.28 -58.24
C ALA D 291 18.33 -13.74 -57.83
N GLY D 292 19.26 -13.70 -58.78
CA GLY D 292 20.59 -13.16 -58.56
C GLY D 292 21.58 -14.13 -57.96
N VAL D 293 21.14 -15.21 -57.35
CA VAL D 293 22.04 -16.17 -56.74
C VAL D 293 22.43 -17.22 -57.77
N SER D 294 23.68 -17.67 -57.70
CA SER D 294 24.22 -18.67 -58.59
C SER D 294 24.76 -19.83 -57.76
N SER D 295 24.80 -21.00 -58.38
CA SER D 295 25.30 -22.17 -57.68
C SER D 295 26.76 -21.97 -57.31
N ALA D 296 27.12 -22.40 -56.10
CA ALA D 296 28.48 -22.25 -55.63
C ALA D 296 29.36 -23.45 -55.98
N VAL D 297 28.79 -24.50 -56.56
CA VAL D 297 29.55 -25.68 -56.97
C VAL D 297 30.39 -25.35 -58.20
N GLY D 298 31.59 -25.90 -58.24
CA GLY D 298 32.47 -25.77 -59.39
C GLY D 298 32.75 -27.13 -60.01
N ALA D 299 32.79 -27.18 -61.33
CA ALA D 299 32.94 -28.46 -62.02
C ALA D 299 34.25 -29.16 -61.61
N ALA D 300 35.37 -28.47 -61.74
CA ALA D 300 36.65 -29.11 -61.42
C ALA D 300 36.70 -29.52 -59.94
N GLY D 301 36.15 -28.70 -59.05
CA GLY D 301 36.17 -29.06 -57.64
C GLY D 301 35.27 -30.25 -57.31
N ALA D 302 34.06 -30.24 -57.87
CA ALA D 302 33.15 -31.37 -57.68
C ALA D 302 33.73 -32.65 -58.27
N ILE D 303 34.30 -32.57 -59.47
CA ILE D 303 34.86 -33.76 -60.07
C ILE D 303 35.98 -34.30 -59.21
N SER D 304 36.89 -33.41 -58.79
CA SER D 304 38.03 -33.88 -58.01
C SER D 304 37.55 -34.53 -56.72
N TRP D 305 36.62 -33.88 -56.03
CA TRP D 305 36.11 -34.40 -54.77
C TRP D 305 35.48 -35.77 -54.97
N ALA D 306 34.68 -35.92 -56.02
CA ALA D 306 34.06 -37.22 -56.29
C ALA D 306 35.12 -38.30 -56.45
N ILE D 307 36.14 -38.02 -57.26
CA ILE D 307 37.24 -38.98 -57.41
C ILE D 307 37.86 -39.30 -56.06
N GLY D 308 38.09 -38.27 -55.24
CA GLY D 308 38.62 -38.50 -53.91
C GLY D 308 37.74 -39.42 -53.07
N VAL D 309 36.43 -39.23 -53.14
CA VAL D 309 35.49 -40.07 -52.40
C VAL D 309 35.49 -41.48 -52.95
N ALA D 310 35.51 -41.62 -54.27
CA ALA D 310 35.62 -42.94 -54.87
C ALA D 310 36.86 -43.64 -54.32
N ASP D 311 38.02 -42.98 -54.37
CA ASP D 311 39.23 -43.56 -53.80
C ASP D 311 39.03 -43.98 -52.36
N ALA D 312 38.31 -43.17 -51.59
CA ALA D 312 38.12 -43.45 -50.16
C ALA D 312 37.26 -44.70 -49.95
N PHE D 313 36.15 -44.82 -50.67
CA PHE D 313 35.35 -46.04 -50.59
C PHE D 313 36.19 -47.27 -50.89
N THR D 314 37.10 -47.18 -51.87
CA THR D 314 37.91 -48.34 -52.24
C THR D 314 38.92 -48.68 -51.16
N SER D 315 39.63 -47.67 -50.65
CA SER D 315 40.72 -47.94 -49.71
C SER D 315 40.21 -48.34 -48.33
N GLU D 316 39.05 -47.85 -47.92
CA GLU D 316 38.49 -48.19 -46.63
C GLU D 316 37.57 -49.41 -46.73
N ASN D 317 37.26 -49.99 -45.57
CA ASN D 317 36.29 -51.07 -45.50
C ASN D 317 34.92 -50.44 -45.20
N VAL D 318 34.24 -50.01 -46.27
CA VAL D 318 32.93 -49.35 -46.13
C VAL D 318 31.87 -50.45 -46.07
N SER D 319 31.37 -50.71 -44.87
CA SER D 319 30.50 -51.84 -44.64
C SER D 319 29.08 -51.45 -44.24
N SER D 320 28.76 -50.17 -44.17
CA SER D 320 27.45 -49.75 -43.71
C SER D 320 27.17 -48.33 -44.19
N PHE D 321 25.92 -47.92 -44.04
CA PHE D 321 25.54 -46.58 -44.44
C PHE D 321 26.33 -45.54 -43.65
N ASP D 322 26.46 -45.74 -42.34
CA ASP D 322 27.11 -44.73 -41.52
C ASP D 322 28.60 -44.64 -41.81
N LYS D 323 29.26 -45.79 -42.05
CA LYS D 323 30.69 -45.75 -42.37
C LYS D 323 30.93 -45.04 -43.70
N ALA D 324 30.08 -45.31 -44.70
CA ALA D 324 30.21 -44.62 -45.97
C ALA D 324 29.97 -43.12 -45.80
N ALA D 325 29.11 -42.75 -44.86
CA ALA D 325 28.95 -41.33 -44.56
C ALA D 325 30.18 -40.79 -43.83
N ALA D 326 30.74 -41.59 -42.92
CA ALA D 326 31.93 -41.18 -42.19
C ALA D 326 33.12 -41.00 -43.11
N VAL D 327 33.33 -41.94 -44.04
CA VAL D 327 34.46 -41.81 -44.95
C VAL D 327 34.32 -40.57 -45.82
N THR D 328 33.11 -40.29 -46.31
CA THR D 328 32.91 -39.08 -47.11
C THR D 328 33.31 -37.84 -46.32
N ALA D 329 32.96 -37.80 -45.03
CA ALA D 329 33.15 -36.60 -44.23
C ALA D 329 34.61 -36.17 -44.15
N ILE D 330 35.55 -37.09 -44.24
CA ILE D 330 36.95 -36.72 -44.05
C ILE D 330 37.74 -36.79 -45.37
N VAL D 331 37.07 -36.75 -46.51
CA VAL D 331 37.79 -36.63 -47.79
C VAL D 331 38.21 -35.18 -47.97
N PRO D 332 39.45 -34.91 -48.38
CA PRO D 332 39.91 -33.52 -48.45
C PRO D 332 39.31 -32.81 -49.66
N GLY D 333 39.33 -31.48 -49.59
CA GLY D 333 38.94 -30.68 -50.74
C GLY D 333 37.45 -30.45 -50.93
N LEU D 334 36.65 -30.72 -49.90
CA LEU D 334 35.21 -30.50 -50.04
C LEU D 334 34.90 -29.02 -50.29
N GLY D 335 35.65 -28.13 -49.66
CA GLY D 335 35.39 -26.70 -49.82
C GLY D 335 35.48 -26.21 -51.25
N GLU D 336 36.33 -26.84 -52.06
CA GLU D 336 36.40 -26.48 -53.47
C GLU D 336 35.29 -27.13 -54.29
N CYS D 337 34.59 -28.13 -53.75
CA CYS D 337 33.42 -28.69 -54.41
C CYS D 337 32.14 -27.94 -54.07
N VAL D 338 31.87 -27.70 -52.79
CA VAL D 338 30.61 -27.06 -52.43
C VAL D 338 30.69 -25.53 -52.47
N GLY D 339 31.88 -24.95 -52.33
CA GLY D 339 32.07 -23.54 -52.45
C GLY D 339 31.53 -22.72 -51.32
N ILE D 340 30.89 -23.35 -50.33
CA ILE D 340 30.28 -22.61 -49.24
C ILE D 340 30.89 -22.98 -47.90
N ALA D 341 32.10 -23.51 -47.90
CA ALA D 341 32.71 -23.88 -46.63
C ALA D 341 33.06 -22.65 -45.79
N ASN D 342 33.35 -21.51 -46.42
CA ASN D 342 33.75 -20.30 -45.70
C ASN D 342 32.70 -19.20 -45.69
N ALA D 343 31.95 -19.04 -46.76
CA ALA D 343 30.95 -18.00 -46.87
C ALA D 343 29.89 -18.46 -47.84
N ILE D 344 28.67 -17.94 -47.66
CA ILE D 344 27.53 -18.33 -48.48
C ILE D 344 26.75 -17.09 -48.82
N ASP D 345 26.19 -17.05 -50.02
CA ASP D 345 25.48 -15.87 -50.46
C ASP D 345 24.34 -15.57 -49.49
N LYS D 346 24.40 -14.41 -48.84
CA LYS D 346 23.37 -14.08 -47.85
C LYS D 346 21.99 -13.97 -48.47
N ARG D 347 21.86 -13.97 -49.79
CA ARG D 347 20.57 -13.77 -50.44
C ARG D 347 19.74 -15.04 -50.53
N ASP D 348 20.37 -16.21 -50.47
CA ASP D 348 19.61 -17.45 -50.53
C ASP D 348 20.40 -18.59 -49.92
N PRO D 349 20.66 -18.56 -48.61
CA PRO D 349 21.42 -19.67 -48.00
C PRO D 349 20.67 -20.99 -48.06
N GLU D 350 19.35 -20.96 -47.84
CA GLU D 350 18.56 -22.18 -47.86
C GLU D 350 18.73 -22.94 -49.17
N GLY D 351 18.64 -22.21 -50.29
CA GLY D 351 18.76 -22.85 -51.59
C GLY D 351 20.18 -23.30 -51.87
N LEU D 352 21.16 -22.51 -51.45
CA LEU D 352 22.54 -22.87 -51.71
C LEU D 352 22.94 -24.13 -50.94
N ILE D 353 22.50 -24.25 -49.68
CA ILE D 353 22.79 -25.44 -48.89
C ILE D 353 22.14 -26.67 -49.53
N ILE D 354 20.85 -26.55 -49.86
CA ILE D 354 20.13 -27.63 -50.54
C ILE D 354 20.78 -27.94 -51.89
N ASN D 355 21.23 -26.90 -52.58
CA ASN D 355 21.76 -27.09 -53.92
C ASN D 355 23.13 -27.75 -53.88
N THR D 356 24.01 -27.26 -53.01
CA THR D 356 25.40 -27.69 -53.06
C THR D 356 25.59 -29.07 -52.47
N ILE D 357 24.87 -29.39 -51.39
CA ILE D 357 25.02 -30.71 -50.79
C ILE D 357 24.48 -31.79 -51.74
N SER D 358 23.30 -31.54 -52.33
CA SER D 358 22.78 -32.45 -53.34
C SER D 358 23.80 -32.70 -54.44
N ALA D 360 27.00 -32.28 -54.53
CA ALA D 360 28.14 -33.03 -54.01
C ALA D 360 27.79 -34.50 -53.82
N ALA D 361 26.64 -34.77 -53.19
CA ALA D 361 26.22 -36.16 -52.97
C ALA D 361 25.98 -36.87 -54.30
N LEU D 362 25.28 -36.22 -55.23
CA LEU D 362 25.00 -36.84 -56.52
C LEU D 362 26.29 -37.17 -57.27
N ALA D 364 29.34 -37.74 -55.99
CA ALA D 364 29.92 -38.90 -55.33
C ALA D 364 29.19 -40.17 -55.74
N SER D 365 27.85 -40.12 -55.77
CA SER D 365 27.09 -41.31 -56.12
C SER D 365 27.35 -41.75 -57.56
N ALA D 366 27.87 -40.87 -58.41
CA ALA D 366 28.21 -41.28 -59.76
C ALA D 366 29.62 -41.85 -59.88
N ALA D 367 30.51 -41.57 -58.93
CA ALA D 367 31.93 -41.93 -59.02
C ALA D 367 32.34 -43.13 -58.18
N VAL D 368 31.69 -43.38 -57.04
CA VAL D 368 32.11 -44.43 -56.12
C VAL D 368 31.84 -45.81 -56.70
N PRO D 369 32.48 -46.86 -56.19
CA PRO D 369 32.02 -48.21 -56.49
C PRO D 369 30.64 -48.43 -55.87
N VAL D 370 29.89 -49.37 -56.42
CA VAL D 370 28.58 -49.71 -55.89
C VAL D 370 28.79 -50.98 -55.05
N LEU D 371 28.87 -50.79 -53.74
CA LEU D 371 29.18 -51.87 -52.81
C LEU D 371 27.91 -52.39 -52.16
N ALA D 372 27.73 -53.70 -52.18
CA ALA D 372 26.51 -54.32 -51.66
C ALA D 372 26.15 -53.85 -50.25
N PRO D 373 27.07 -53.87 -49.28
CA PRO D 373 26.69 -53.43 -47.91
C PRO D 373 26.07 -52.05 -47.86
N ILE D 374 26.43 -51.18 -48.81
CA ILE D 374 25.80 -49.86 -48.86
C ILE D 374 24.41 -49.95 -49.48
N GLY D 375 24.25 -50.73 -50.53
CA GLY D 375 23.00 -50.77 -51.27
C GLY D 375 23.22 -50.49 -52.74
N VAL D 376 22.26 -49.83 -53.37
CA VAL D 376 22.43 -49.39 -54.76
C VAL D 376 23.12 -48.05 -54.76
N ALA D 377 23.30 -47.48 -55.97
CA ALA D 377 23.99 -46.20 -56.08
C ALA D 377 23.29 -45.12 -55.27
N LEU D 378 21.95 -45.16 -55.21
CA LEU D 378 21.20 -44.12 -54.52
C LEU D 378 21.54 -44.08 -53.03
N ASP D 379 21.79 -45.25 -52.42
CA ASP D 379 22.13 -45.29 -51.00
C ASP D 379 23.46 -44.62 -50.73
N ALA D 380 24.45 -44.85 -51.60
CA ALA D 380 25.71 -44.14 -51.50
C ALA D 380 25.48 -42.64 -51.57
N GLY D 381 24.75 -42.18 -52.58
CA GLY D 381 24.44 -40.76 -52.68
C GLY D 381 23.86 -40.21 -51.40
N LEU D 382 22.89 -40.92 -50.82
CA LEU D 382 22.31 -40.48 -49.55
C LEU D 382 23.36 -40.50 -48.44
N ALA D 383 24.20 -41.54 -48.39
CA ALA D 383 25.25 -41.59 -47.38
C ALA D 383 26.21 -40.41 -47.52
N ALA D 384 26.66 -40.15 -48.76
CA ALA D 384 27.49 -38.99 -49.01
C ALA D 384 26.79 -37.70 -48.58
N ALA D 385 25.47 -37.63 -48.74
CA ALA D 385 24.73 -36.44 -48.34
C ALA D 385 24.83 -36.22 -46.84
N GLN D 386 24.66 -37.28 -46.06
CA GLN D 386 24.81 -37.17 -44.61
C GLN D 386 26.21 -36.70 -44.25
N GLY D 387 27.24 -37.23 -44.92
CA GLY D 387 28.62 -36.90 -44.57
C GLY D 387 29.01 -35.48 -44.92
N VAL D 388 28.54 -34.98 -46.07
CA VAL D 388 28.76 -33.57 -46.37
C VAL D 388 27.99 -32.71 -45.37
N ALA D 389 26.77 -33.10 -45.04
CA ALA D 389 26.00 -32.34 -44.07
C ALA D 389 26.74 -32.28 -42.74
N THR D 390 27.26 -33.41 -42.27
CA THR D 390 27.93 -33.38 -40.97
C THR D 390 29.12 -32.44 -40.99
N VAL D 391 29.80 -32.33 -42.15
CA VAL D 391 30.96 -31.45 -42.23
C VAL D 391 30.53 -29.99 -42.17
N LEU D 392 29.58 -29.61 -43.02
CA LEU D 392 29.12 -28.23 -43.06
C LEU D 392 28.42 -27.83 -41.76
N GLU D 393 27.80 -28.79 -41.07
CA GLU D 393 27.08 -28.42 -39.85
C GLU D 393 28.01 -27.79 -38.83
N TYR D 394 29.27 -28.22 -38.80
CA TYR D 394 30.21 -27.82 -37.77
C TYR D 394 31.03 -26.59 -38.16
N LEU D 395 30.73 -25.98 -39.29
CA LEU D 395 31.36 -24.73 -39.71
C LEU D 395 30.38 -23.56 -39.57
N GLU D 396 30.96 -22.36 -39.44
CA GLU D 396 30.22 -21.09 -39.46
C GLU D 396 30.30 -20.50 -40.86
N ILE D 397 29.34 -20.87 -41.69
CA ILE D 397 29.32 -20.41 -43.07
C ILE D 397 28.78 -18.99 -43.18
N GLY D 398 27.65 -18.72 -42.54
CA GLY D 398 27.02 -17.41 -42.59
C GLY D 398 27.49 -16.42 -41.56
N GLN D 399 28.55 -16.71 -40.83
CA GLN D 399 29.12 -15.78 -39.87
C GLN D 399 30.44 -15.21 -40.40
N PRO D 400 30.78 -13.99 -40.02
CA PRO D 400 32.00 -13.37 -40.55
C PRO D 400 33.26 -14.04 -40.03
N ALA D 401 34.34 -13.85 -40.76
CA ALA D 401 35.58 -14.53 -40.41
C ALA D 401 36.26 -13.86 -39.21
N ARG D 402 36.76 -14.69 -38.30
CA ARG D 402 37.53 -14.19 -37.17
C ARG D 402 38.95 -13.84 -37.59
N THR D 403 39.55 -12.90 -36.86
CA THR D 403 40.95 -12.60 -37.07
C THR D 403 41.80 -13.68 -36.41
N PRO D 404 42.58 -14.45 -37.17
CA PRO D 404 43.35 -15.55 -36.57
C PRO D 404 44.46 -15.02 -35.67
N LEU D 405 44.92 -15.90 -34.79
CA LEU D 405 46.00 -15.52 -33.89
C LEU D 405 47.34 -15.52 -34.63
N PRO D 406 48.22 -14.58 -34.32
CA PRO D 406 49.55 -14.55 -34.97
C PRO D 406 50.31 -15.84 -34.70
N VAL D 407 51.06 -16.30 -35.71
CA VAL D 407 51.80 -17.53 -35.64
C VAL D 407 53.27 -17.28 -35.98
N SER D 408 54.10 -18.27 -35.67
CA SER D 408 55.53 -18.23 -35.99
C SER D 408 55.98 -19.64 -36.38
N SER D 409 57.04 -19.70 -37.18
CA SER D 409 57.69 -20.95 -37.55
C SER D 409 56.71 -21.93 -38.21
N PRO D 410 56.00 -21.52 -39.26
CA PRO D 410 55.01 -22.42 -39.88
C PRO D 410 55.63 -23.46 -40.79
N LYS D 411 54.87 -24.53 -41.01
CA LYS D 411 55.27 -25.58 -41.93
C LYS D 411 54.03 -26.04 -42.70
N THR D 412 54.12 -25.95 -44.02
CA THR D 412 53.01 -26.18 -44.94
C THR D 412 53.25 -27.47 -45.71
N HIS D 413 52.16 -28.16 -46.02
CA HIS D 413 52.20 -29.39 -46.78
C HIS D 413 50.80 -29.64 -47.32
N LYS D 414 50.69 -29.88 -48.63
CA LYS D 414 49.41 -30.18 -49.27
C LYS D 414 48.34 -29.17 -48.87
N GLY D 415 48.70 -27.90 -48.92
CA GLY D 415 47.75 -26.83 -48.65
C GLY D 415 47.31 -26.68 -47.22
N VAL D 416 47.94 -27.40 -46.28
CA VAL D 416 47.66 -27.24 -44.86
C VAL D 416 48.88 -26.60 -44.20
N THR D 417 48.63 -25.74 -43.21
CA THR D 417 49.69 -25.07 -42.47
C THR D 417 49.48 -25.28 -40.98
N ALA D 418 50.51 -25.80 -40.32
CA ALA D 418 50.56 -25.90 -38.86
C ALA D 418 51.63 -24.93 -38.35
N ALA D 419 51.30 -24.17 -37.30
CA ALA D 419 52.25 -23.19 -36.78
C ALA D 419 52.03 -23.02 -35.28
N TRP D 420 53.03 -22.44 -34.63
CA TRP D 420 53.00 -22.19 -33.19
C TRP D 420 52.38 -20.83 -32.88
N VAL D 421 51.48 -20.79 -31.90
CA VAL D 421 50.95 -19.55 -31.37
C VAL D 421 51.80 -19.14 -30.16
N GLY D 422 52.41 -17.97 -30.23
CA GLY D 422 53.21 -17.53 -29.11
C GLY D 422 54.48 -18.35 -28.98
N SER D 423 54.89 -18.61 -27.74
CA SER D 423 56.11 -19.35 -27.46
C SER D 423 55.78 -20.82 -27.22
N GLU D 424 56.40 -21.70 -28.01
CA GLU D 424 56.17 -23.14 -27.90
C GLU D 424 57.04 -23.81 -26.84
N ARG D 425 58.01 -23.09 -26.28
CA ARG D 425 58.98 -23.72 -25.38
C ARG D 425 58.35 -24.11 -24.06
N ILE D 426 58.67 -25.32 -23.62
CA ILE D 426 58.23 -25.85 -22.34
C ILE D 426 59.39 -25.71 -21.36
N ILE D 427 59.16 -25.02 -20.24
CA ILE D 427 60.18 -24.84 -19.21
C ILE D 427 59.88 -25.77 -18.05
N ALA D 428 60.92 -26.46 -17.56
CA ALA D 428 60.73 -27.39 -16.47
C ALA D 428 60.45 -26.67 -15.17
N HIS D 429 61.25 -25.66 -14.85
CA HIS D 429 61.17 -24.91 -13.58
C HIS D 429 60.66 -23.50 -13.85
N ARG D 430 59.46 -23.20 -13.34
CA ARG D 430 58.87 -21.87 -13.55
C ARG D 430 58.07 -21.38 -12.34
N PRO D 431 58.73 -21.16 -11.20
CA PRO D 431 60.16 -21.42 -11.01
C PRO D 431 60.41 -22.85 -10.48
N ARG D 432 59.34 -23.61 -10.34
CA ARG D 432 59.39 -25.01 -9.94
C ARG D 432 58.58 -25.81 -10.94
N PRO D 433 58.77 -27.13 -10.98
CA PRO D 433 57.98 -27.96 -11.90
C PRO D 433 56.49 -27.79 -11.65
N GLY D 434 55.71 -27.97 -12.71
CA GLY D 434 54.27 -27.80 -12.64
C GLY D 434 53.59 -28.00 -13.98
N ARG D 436 52.69 -27.08 -17.65
CA ARG D 436 53.20 -26.30 -18.76
C ARG D 436 52.36 -26.56 -20.00
N GLN D 437 52.40 -25.62 -20.93
CA GLN D 437 51.43 -25.62 -21.99
C GLN D 437 51.95 -24.85 -23.19
N HIS D 438 51.57 -25.30 -24.38
CA HIS D 438 51.80 -24.56 -25.62
C HIS D 438 50.64 -24.86 -26.56
N ILE D 439 50.50 -24.04 -27.58
CA ILE D 439 49.33 -24.07 -28.44
C ILE D 439 49.77 -23.78 -29.86
N PHE D 440 49.36 -24.64 -30.79
CA PHE D 440 49.62 -24.45 -32.21
C PHE D 440 48.30 -24.42 -32.96
N SER D 441 48.34 -23.86 -34.17
CA SER D 441 47.16 -23.77 -35.02
C SER D 441 47.37 -24.52 -36.32
N VAL D 442 46.29 -25.10 -36.82
CA VAL D 442 46.26 -25.85 -38.07
C VAL D 442 45.36 -25.09 -39.04
N SER D 443 45.94 -24.58 -40.12
CA SER D 443 45.31 -23.64 -41.05
C SER D 443 45.27 -24.21 -42.46
N ILE D 444 44.56 -23.48 -43.32
CA ILE D 444 44.57 -23.72 -44.75
C ILE D 444 45.47 -22.66 -45.39
N ASP D 445 46.42 -23.10 -46.20
CA ASP D 445 47.28 -22.16 -46.92
C ASP D 445 46.43 -21.27 -47.82
N SER D 446 46.67 -19.96 -47.75
CA SER D 446 45.82 -19.00 -48.45
C SER D 446 45.98 -19.02 -49.97
N SER D 447 47.01 -19.70 -50.49
CA SER D 447 47.15 -19.83 -51.94
C SER D 447 45.98 -20.60 -52.55
N LYS D 448 45.39 -21.54 -51.81
CA LYS D 448 44.15 -22.21 -52.20
C LYS D 448 43.05 -21.80 -51.22
N PRO D 449 42.38 -20.67 -51.46
CA PRO D 449 41.51 -20.11 -50.42
C PRO D 449 40.33 -20.99 -50.02
N GLU D 450 39.79 -21.79 -50.95
CA GLU D 450 38.64 -22.62 -50.64
C GLU D 450 39.00 -24.07 -50.38
N TYR D 451 40.28 -24.37 -50.17
CA TYR D 451 40.66 -25.74 -49.83
C TYR D 451 40.26 -26.07 -48.40
N THR D 452 40.00 -27.36 -48.15
CA THR D 452 39.65 -27.85 -46.82
C THR D 452 40.25 -29.23 -46.64
N ALA D 453 40.58 -29.56 -45.39
CA ALA D 453 41.12 -30.87 -45.06
C ALA D 453 40.61 -31.26 -43.68
N PRO D 454 40.53 -32.55 -43.38
CA PRO D 454 40.13 -32.96 -42.04
C PRO D 454 41.31 -32.91 -41.07
N LEU D 455 40.99 -32.61 -39.82
CA LEU D 455 41.89 -32.83 -38.71
C LEU D 455 41.50 -34.17 -38.09
N ILE D 456 42.30 -35.19 -38.34
CA ILE D 456 41.96 -36.56 -37.94
C ILE D 456 42.54 -36.91 -36.57
N GLU D 457 43.77 -36.48 -36.30
CA GLU D 457 44.39 -36.75 -35.01
C GLU D 457 45.53 -35.76 -34.81
N VAL D 458 45.91 -35.56 -33.56
CA VAL D 458 47.12 -34.83 -33.22
C VAL D 458 47.90 -35.66 -32.21
N ALA D 459 49.22 -35.51 -32.21
CA ALA D 459 50.08 -36.36 -31.40
C ALA D 459 51.23 -35.57 -30.80
N GLY D 460 51.80 -36.11 -29.73
CA GLY D 460 52.92 -35.45 -29.09
C GLY D 460 53.82 -36.43 -28.38
N VAL D 461 55.03 -35.97 -28.06
CA VAL D 461 55.96 -36.79 -27.31
C VAL D 461 55.70 -36.64 -25.82
N ARG D 462 56.12 -37.64 -25.06
CA ARG D 462 55.98 -37.62 -23.62
C ARG D 462 57.10 -38.47 -23.03
N ALA D 463 57.22 -38.42 -21.70
CA ALA D 463 58.17 -39.26 -21.00
C ALA D 463 57.65 -39.43 -19.58
N ASP D 464 57.47 -40.68 -19.14
CA ASP D 464 56.93 -40.93 -17.81
C ASP D 464 57.79 -40.27 -16.74
N GLY D 465 57.14 -39.50 -15.87
CA GLY D 465 57.84 -38.85 -14.80
C GLY D 465 58.63 -37.63 -15.22
N LYS D 466 58.57 -37.24 -16.49
CA LYS D 466 59.39 -36.14 -16.97
C LYS D 466 58.55 -35.12 -17.72
N LEU D 467 57.73 -35.58 -18.67
CA LEU D 467 56.81 -34.73 -19.40
C LEU D 467 55.51 -35.54 -19.55
N ASP D 468 54.61 -35.38 -18.58
CA ASP D 468 53.42 -36.21 -18.53
C ASP D 468 52.24 -35.45 -19.09
N PRO D 469 51.69 -35.86 -20.24
CA PRO D 469 50.57 -35.12 -20.81
C PRO D 469 49.37 -35.19 -19.89
N SER D 470 48.65 -34.08 -19.79
CA SER D 470 47.46 -33.99 -18.97
C SER D 470 46.22 -34.08 -19.84
N PRO D 471 45.61 -35.27 -20.00
CA PRO D 471 44.47 -35.36 -20.91
C PRO D 471 43.32 -34.46 -20.50
N GLU D 472 43.22 -34.10 -19.22
CA GLU D 472 42.12 -33.28 -18.76
C GLU D 472 42.20 -31.85 -19.29
N TRP D 473 43.39 -31.37 -19.67
CA TRP D 473 43.58 -29.97 -20.08
C TRP D 473 44.02 -29.82 -21.54
N ILE D 474 44.01 -30.88 -22.33
CA ILE D 474 44.14 -30.77 -23.77
C ILE D 474 42.84 -30.23 -24.35
N ARG D 475 42.96 -29.30 -25.31
CA ARG D 475 41.78 -28.67 -25.92
C ARG D 475 41.98 -28.55 -27.42
N ILE D 476 40.88 -28.67 -28.15
CA ILE D 476 40.85 -28.40 -29.58
C ILE D 476 39.68 -27.44 -29.82
N ARG D 477 39.96 -26.31 -30.45
CA ARG D 477 38.97 -25.24 -30.58
C ARG D 477 38.93 -24.69 -32.00
N GLN D 478 37.75 -24.25 -32.41
CA GLN D 478 37.51 -23.72 -33.75
C GLN D 478 36.35 -22.72 -33.73
N ASN D 479 35.21 -23.15 -33.21
CA ASN D 479 34.10 -22.23 -33.04
C ASN D 479 33.32 -22.60 -31.79
N HIS D 480 32.01 -22.37 -31.79
CA HIS D 480 31.24 -22.65 -30.59
C HIS D 480 30.98 -24.13 -30.37
N TYR D 481 31.34 -24.96 -31.30
CA TYR D 481 31.05 -26.37 -31.13
C TYR D 481 32.15 -27.04 -30.29
N PRO D 482 31.79 -28.02 -29.46
CA PRO D 482 32.81 -28.85 -28.85
C PRO D 482 33.51 -29.70 -29.91
N ILE D 483 34.77 -29.99 -29.67
CA ILE D 483 35.53 -30.88 -30.55
C ILE D 483 35.97 -32.08 -29.71
N PRO D 484 35.20 -33.16 -29.68
CA PRO D 484 35.59 -34.33 -28.90
C PRO D 484 36.79 -35.07 -29.50
N PHE D 485 37.64 -35.59 -28.61
CA PHE D 485 38.77 -36.41 -29.00
C PHE D 485 39.03 -37.46 -27.93
N ARG D 486 39.52 -38.61 -28.37
CA ARG D 486 39.97 -39.68 -27.47
C ARG D 486 41.47 -39.55 -27.26
N PHE D 487 41.88 -39.40 -26.00
CA PHE D 487 43.29 -39.41 -25.64
C PHE D 487 43.80 -40.85 -25.55
N GLU D 488 44.93 -41.14 -26.19
CA GLU D 488 45.55 -42.46 -26.16
C GLU D 488 46.99 -42.32 -25.73
N LYS D 489 47.35 -42.93 -24.60
CA LYS D 489 48.74 -43.07 -24.22
C LYS D 489 49.31 -44.27 -24.96
N LEU D 490 50.25 -44.04 -25.88
CA LEU D 490 50.73 -45.07 -26.77
C LEU D 490 51.91 -45.83 -26.16
N SER D 491 51.95 -47.15 -26.39
CA SER D 491 53.06 -47.98 -25.95
C SER D 491 54.20 -47.94 -26.96
N GLY D 492 55.40 -48.16 -26.46
CA GLY D 492 56.61 -48.18 -27.27
C GLY D 492 57.53 -47.02 -26.95
N ASP D 493 58.83 -47.23 -27.20
CA ASP D 493 59.84 -46.21 -26.98
C ASP D 493 60.20 -45.56 -28.31
N SER D 494 61.13 -44.59 -28.25
CA SER D 494 61.70 -43.96 -29.44
C SER D 494 60.63 -43.62 -30.48
N PRO D 495 59.75 -42.66 -30.20
CA PRO D 495 59.65 -41.99 -28.90
C PRO D 495 58.39 -42.38 -28.13
N TYR D 496 58.40 -42.16 -26.82
CA TYR D 496 57.17 -42.26 -26.05
C TYR D 496 56.19 -41.19 -26.51
N ALA D 497 54.95 -41.58 -26.79
CA ALA D 497 54.05 -40.62 -27.40
C ALA D 497 52.61 -40.83 -26.95
N PHE D 498 51.79 -39.83 -27.23
CA PHE D 498 50.35 -39.88 -27.04
C PHE D 498 49.69 -39.32 -28.30
N ARG D 499 48.42 -39.66 -28.49
CA ARG D 499 47.71 -39.13 -29.64
C ARG D 499 46.25 -38.88 -29.26
N CYS D 500 45.65 -37.87 -29.91
CA CYS D 500 44.27 -37.48 -29.71
C CYS D 500 43.51 -37.67 -31.01
N VAL D 501 42.57 -38.60 -31.02
CA VAL D 501 41.82 -38.96 -32.22
C VAL D 501 40.50 -38.23 -32.19
N LEU D 502 40.23 -37.39 -33.19
CA LEU D 502 38.99 -36.62 -33.18
C LEU D 502 37.80 -37.53 -33.45
N LEU D 503 36.68 -37.24 -32.78
CA LEU D 503 35.55 -38.16 -32.69
C LEU D 503 34.35 -37.73 -33.52
N ARG D 504 34.42 -36.59 -34.21
CA ARG D 504 33.47 -36.27 -35.26
C ARG D 504 34.20 -35.49 -36.33
N PRO D 505 33.63 -35.41 -37.55
CA PRO D 505 34.28 -34.69 -38.66
C PRO D 505 34.73 -33.29 -38.28
N THR D 506 36.05 -33.06 -38.25
CA THR D 506 36.59 -31.76 -37.94
C THR D 506 37.35 -31.26 -39.15
N THR D 507 36.92 -30.12 -39.71
CA THR D 507 37.43 -29.66 -41.01
C THR D 507 38.13 -28.32 -40.85
N ILE D 508 39.40 -28.27 -41.28
CA ILE D 508 40.19 -27.04 -41.29
C ILE D 508 39.74 -26.18 -42.47
N THR D 509 39.40 -24.92 -42.20
CA THR D 509 39.03 -23.98 -43.26
C THR D 509 39.90 -22.73 -43.15
N ARG D 510 39.89 -21.92 -44.21
CA ARG D 510 40.63 -20.65 -44.19
C ARG D 510 40.05 -19.69 -43.16
N THR D 511 38.72 -19.55 -43.13
CA THR D 511 38.09 -18.64 -42.17
C THR D 511 38.13 -19.20 -40.76
N GLU D 512 38.27 -20.52 -40.60
CA GLU D 512 38.14 -21.17 -39.30
C GLU D 512 39.29 -22.14 -39.07
N PRO D 513 40.48 -21.65 -38.74
CA PRO D 513 41.57 -22.54 -38.33
C PRO D 513 41.23 -23.24 -37.02
N VAL D 514 41.94 -24.35 -36.76
CA VAL D 514 41.74 -25.12 -35.53
C VAL D 514 42.92 -24.85 -34.61
N TYR D 515 42.62 -24.70 -33.31
CA TYR D 515 43.63 -24.37 -32.30
C TYR D 515 43.71 -25.51 -31.30
N VAL D 516 44.92 -26.03 -31.11
CA VAL D 516 45.16 -27.19 -30.26
C VAL D 516 46.09 -26.76 -29.14
N THR D 517 45.67 -27.06 -27.91
CA THR D 517 46.50 -26.79 -26.73
C THR D 517 46.91 -28.09 -26.06
N PHE D 518 48.21 -28.28 -25.88
CA PHE D 518 48.75 -29.43 -25.16
C PHE D 518 49.30 -28.95 -23.82
N ALA D 519 48.99 -29.71 -22.76
CA ALA D 519 49.42 -29.38 -21.42
C ALA D 519 50.16 -30.55 -20.81
N TYR D 520 51.24 -30.28 -20.08
CA TYR D 520 51.99 -31.35 -19.47
C TYR D 520 52.43 -30.97 -18.05
N THR D 522 55.61 -31.05 -15.63
CA THR D 522 57.04 -31.25 -15.54
C THR D 522 57.41 -31.74 -14.14
N SER D 523 58.67 -32.14 -13.97
CA SER D 523 59.12 -32.68 -12.71
C SER D 523 60.58 -32.30 -12.49
N ASP D 524 61.11 -32.67 -11.33
CA ASP D 524 62.52 -32.40 -11.07
C ASP D 524 63.42 -33.17 -12.03
N THR D 526 62.69 -33.93 -15.32
CA THR D 526 62.55 -33.56 -16.73
C THR D 526 63.91 -33.26 -17.37
N CYS D 527 64.75 -32.51 -16.68
CA CYS D 527 66.05 -32.12 -17.20
C CYS D 527 67.14 -32.58 -16.24
N ARG D 528 68.24 -33.10 -16.80
CA ARG D 528 69.38 -33.54 -16.00
C ARG D 528 70.36 -32.40 -15.84
N THR D 529 70.97 -32.32 -14.66
CA THR D 529 71.86 -31.22 -14.31
C THR D 529 73.27 -31.52 -14.79
N GLY D 530 73.76 -30.72 -15.74
CA GLY D 530 75.14 -30.83 -16.15
C GLY D 530 75.39 -30.83 -17.64
N GLU D 531 74.33 -30.79 -18.45
CA GLU D 531 74.47 -30.79 -19.90
C GLU D 531 74.05 -29.44 -20.47
N SER D 532 74.95 -28.83 -21.24
CA SER D 532 74.66 -27.55 -21.87
C SER D 532 73.58 -27.68 -22.94
N ASP D 533 73.66 -28.74 -23.76
CA ASP D 533 72.68 -28.96 -24.81
C ASP D 533 71.35 -29.37 -24.18
N PRO D 534 70.39 -28.46 -24.09
CA PRO D 534 69.11 -28.79 -23.47
C PRO D 534 68.33 -29.83 -24.25
N ASN D 535 68.69 -30.06 -25.52
CA ASN D 535 68.02 -31.09 -26.31
C ASN D 535 68.47 -32.48 -25.90
N LYS D 536 69.64 -32.60 -25.27
CA LYS D 536 70.09 -33.85 -24.67
C LYS D 536 69.97 -33.86 -23.16
N ALA D 537 69.69 -32.70 -22.53
CA ALA D 537 69.57 -32.64 -21.08
C ALA D 537 68.14 -32.81 -20.59
N CYS D 538 67.14 -32.56 -21.42
CA CYS D 538 65.74 -32.69 -21.03
C CYS D 538 65.07 -33.79 -21.84
N SER D 539 64.26 -34.59 -21.16
CA SER D 539 63.52 -35.65 -21.83
C SER D 539 62.05 -35.25 -22.01
N PRO D 540 61.43 -35.60 -23.14
CA PRO D 540 62.04 -36.39 -24.21
C PRO D 540 63.00 -35.57 -25.08
N ASN D 541 64.02 -36.21 -25.63
CA ASN D 541 64.92 -35.54 -26.56
C ASN D 541 64.21 -35.28 -27.89
N ASN D 542 64.59 -34.20 -28.54
CA ASN D 542 64.11 -33.90 -29.88
C ASN D 542 62.59 -33.83 -29.89
N PRO D 543 61.99 -32.91 -29.14
CA PRO D 543 60.53 -32.91 -28.98
C PRO D 543 59.83 -32.46 -30.25
N ALA D 544 58.57 -32.84 -30.38
CA ALA D 544 57.81 -32.37 -31.52
C ALA D 544 56.35 -32.77 -31.34
N ILE D 545 55.47 -32.07 -32.05
CA ILE D 545 54.09 -32.49 -32.21
C ILE D 545 53.82 -32.68 -33.70
N ALA D 546 52.82 -33.49 -34.00
CA ALA D 546 52.45 -33.78 -35.38
C ALA D 546 50.93 -33.72 -35.52
N VAL D 547 50.49 -33.41 -36.74
CA VAL D 547 49.08 -33.28 -37.08
C VAL D 547 48.85 -34.05 -38.37
N ARG D 548 47.84 -34.90 -38.37
CA ARG D 548 47.49 -35.69 -39.53
C ARG D 548 46.16 -35.18 -40.10
N PHE D 549 46.15 -34.90 -41.40
CA PHE D 549 44.97 -34.35 -42.07
C PHE D 549 44.58 -35.19 -43.28
N GLY D 550 45.01 -36.44 -43.33
CA GLY D 550 44.67 -37.31 -44.42
C GLY D 550 44.92 -38.75 -44.03
N SER D 551 44.71 -39.65 -44.99
CA SER D 551 44.88 -41.07 -44.78
C SER D 551 46.27 -41.38 -44.26
N LEU D 552 46.39 -42.50 -43.56
CA LEU D 552 47.68 -42.98 -43.09
C LEU D 552 48.47 -43.56 -44.25
N VAL D 553 49.79 -43.50 -44.14
CA VAL D 553 50.68 -44.16 -45.08
C VAL D 553 51.15 -45.47 -44.47
N LYS D 554 51.21 -46.52 -45.27
CA LYS D 554 51.52 -47.83 -44.73
C LYS D 554 52.89 -47.83 -44.06
N ASN D 555 52.93 -48.24 -42.80
CA ASN D 555 54.14 -48.33 -41.96
C ASN D 555 54.59 -46.98 -41.41
N GLU D 556 53.69 -46.00 -41.41
CA GLU D 556 53.92 -44.68 -40.82
C GLU D 556 52.75 -44.36 -39.91
N ASP D 557 52.99 -44.33 -38.60
CA ASP D 557 52.04 -43.94 -37.57
C ASP D 557 52.54 -42.67 -36.88
N GLU D 558 51.81 -42.24 -35.84
CA GLU D 558 52.19 -41.02 -35.14
C GLU D 558 53.63 -41.09 -34.62
N ARG D 559 54.04 -42.25 -34.11
CA ARG D 559 55.38 -42.35 -33.55
C ARG D 559 56.44 -42.31 -34.64
N SER D 560 56.14 -42.86 -35.83
CA SER D 560 57.06 -42.71 -36.95
C SER D 560 57.33 -41.25 -37.25
N VAL D 561 56.29 -40.42 -37.25
CA VAL D 561 56.45 -39.00 -37.55
C VAL D 561 57.17 -38.29 -36.42
N LEU D 562 56.78 -38.57 -35.17
CA LEU D 562 57.37 -37.85 -34.05
C LEU D 562 58.88 -38.11 -33.90
N ALA D 563 59.35 -39.31 -34.23
CA ALA D 563 60.78 -39.57 -34.05
C ALA D 563 61.62 -38.66 -34.94
N VAL D 564 62.77 -38.21 -34.41
CA VAL D 564 63.67 -37.37 -35.19
C VAL D 564 64.27 -38.08 -36.39
N THR D 565 64.13 -39.41 -36.47
CA THR D 565 64.59 -40.19 -37.62
C THR D 565 63.59 -40.15 -38.77
N TRP D 566 62.47 -39.45 -38.61
CA TRP D 566 61.45 -39.43 -39.66
C TRP D 566 61.97 -38.75 -40.92
N PRO D 567 61.93 -39.40 -42.08
CA PRO D 567 62.18 -38.71 -43.34
C PRO D 567 61.13 -37.63 -43.54
N GLY D 568 61.55 -36.50 -44.09
CA GLY D 568 60.60 -35.41 -44.22
C GLY D 568 59.47 -35.71 -45.18
N PRO D 569 58.58 -34.73 -45.35
CA PRO D 569 57.70 -34.72 -46.52
C PRO D 569 58.44 -34.54 -47.82
N SER D 570 59.74 -34.22 -47.80
CA SER D 570 60.46 -34.18 -49.06
C SER D 570 60.78 -35.59 -49.54
N ILE D 571 61.03 -36.52 -48.61
CA ILE D 571 61.30 -37.90 -48.98
C ILE D 571 60.00 -38.69 -49.12
N ARG D 572 59.02 -38.42 -48.24
CA ARG D 572 57.72 -39.07 -48.28
C ARG D 572 56.65 -38.02 -48.60
N PRO D 573 56.62 -37.52 -49.85
CA PRO D 573 55.57 -36.57 -50.23
C PRO D 573 54.17 -37.13 -50.09
N GLU D 574 54.00 -38.45 -50.15
CA GLU D 574 52.69 -39.05 -49.96
C GLU D 574 52.13 -38.83 -48.56
N THR D 575 52.95 -38.39 -47.60
CA THR D 575 52.48 -38.33 -46.23
C THR D 575 51.36 -37.30 -46.07
N ASN D 576 50.52 -37.50 -45.06
CA ASN D 576 49.48 -36.54 -44.70
C ASN D 576 49.70 -35.98 -43.30
N TRP D 577 50.96 -35.93 -42.87
CA TRP D 577 51.35 -35.39 -41.57
C TRP D 577 52.15 -34.11 -41.75
N ILE D 578 52.03 -33.21 -40.78
CA ILE D 578 52.97 -32.11 -40.60
C ILE D 578 53.53 -32.21 -39.19
N LYS D 579 54.80 -31.86 -39.04
CA LYS D 579 55.52 -32.01 -37.79
C LYS D 579 56.01 -30.64 -37.35
N LEU D 580 55.73 -30.28 -36.10
CA LEU D 580 56.22 -29.03 -35.54
C LEU D 580 57.17 -29.31 -34.38
N PRO D 581 58.48 -29.10 -34.55
CA PRO D 581 59.39 -29.30 -33.42
C PRO D 581 59.22 -28.20 -32.39
N TYR D 582 59.61 -28.51 -31.15
CA TYR D 582 59.70 -27.55 -30.06
C TYR D 582 60.76 -28.04 -29.09
N SER D 583 61.22 -27.14 -28.22
CA SER D 583 62.29 -27.50 -27.29
C SER D 583 61.81 -27.42 -25.85
N ILE D 584 62.47 -28.21 -25.00
CA ILE D 584 62.22 -28.27 -23.57
C ILE D 584 63.47 -27.78 -22.86
N HIS D 585 63.30 -26.89 -21.89
CA HIS D 585 64.44 -26.27 -21.21
C HIS D 585 64.28 -26.33 -19.71
N PRO D 586 65.40 -26.40 -18.97
CA PRO D 586 65.31 -26.45 -17.50
C PRO D 586 64.73 -25.18 -16.90
N TYR D 587 65.16 -24.01 -17.37
CA TYR D 587 64.73 -22.73 -16.83
C TYR D 587 64.39 -21.74 -17.94
#